data_1M5W
#
_entry.id   1M5W
#
_cell.length_a   100.007
_cell.length_b   129.404
_cell.length_c   176.088
_cell.angle_alpha   90.00
_cell.angle_beta   90.00
_cell.angle_gamma   90.00
#
_symmetry.space_group_name_H-M   'P 21 21 21'
#
loop_
_entity.id
_entity.type
_entity.pdbx_description
1 polymer 'Pyridoxal phosphate biosynthetic protein pdxJ'
2 non-polymer 1-DEOXY-D-XYLULOSE-5-PHOSPHATE
3 non-polymer 'PHOSPHATE ION'
4 water water
#
_entity_poly.entity_id   1
_entity_poly.type   'polypeptide(L)'
_entity_poly.pdbx_seq_one_letter_code
;MAELLLGVNIDHIATLRNARGTAYPDPVQAAFIAEQAGADGITVHLREDRRHITDRDVRILRQTLDTRMNLEMAVTEEML
AIAVETKPHFCCLVPEKRQEVTTEGGLDVAGQRDKMRDACKRLADAGIQVSLFIDADEEQIKAAAEVGAPFIEIHTGCYA
DAKTDAEQAQELARIAKAATFAASLGLKVNAGHGLTYHNVKAIAAIPEMHELNIGHAIIGRAVMTGLKDAVAEMKRLMLE
ARG
;
_entity_poly.pdbx_strand_id   A,B,C,D,E,F,G,H
#
# COMPACT_ATOMS: atom_id res chain seq x y z
N ALA A 2 -25.75 22.15 -1.61
CA ALA A 2 -26.12 20.79 -1.11
C ALA A 2 -24.86 19.99 -0.81
N GLU A 3 -23.72 20.68 -0.80
CA GLU A 3 -22.43 20.05 -0.51
C GLU A 3 -22.30 19.83 0.99
N LEU A 4 -21.64 18.75 1.36
CA LEU A 4 -21.45 18.41 2.76
C LEU A 4 -19.97 18.45 3.09
N LEU A 5 -19.60 19.31 4.04
CA LEU A 5 -18.20 19.45 4.43
C LEU A 5 -17.85 18.66 5.68
N LEU A 6 -16.56 18.40 5.88
CA LEU A 6 -16.09 17.66 7.04
C LEU A 6 -15.09 18.52 7.82
N GLY A 7 -15.37 18.71 9.10
CA GLY A 7 -14.46 19.47 9.92
C GLY A 7 -13.83 18.43 10.81
N VAL A 8 -12.51 18.35 10.85
CA VAL A 8 -11.86 17.35 11.70
C VAL A 8 -11.30 17.96 12.99
N ASN A 9 -11.87 17.51 14.12
CA ASN A 9 -11.43 17.99 15.43
C ASN A 9 -10.24 17.13 15.86
N ILE A 10 -9.08 17.76 15.98
CA ILE A 10 -7.87 17.06 16.34
C ILE A 10 -7.50 17.12 17.82
N ASP A 11 -8.43 17.52 18.67
CA ASP A 11 -8.16 17.62 20.11
C ASP A 11 -7.51 16.38 20.70
N HIS A 12 -8.04 15.21 20.36
CA HIS A 12 -7.49 13.99 20.95
C HIS A 12 -6.09 13.59 20.53
N ILE A 13 -5.51 14.32 19.58
CA ILE A 13 -4.14 14.07 19.17
C ILE A 13 -3.34 14.63 20.35
N ALA A 14 -3.73 15.83 20.79
CA ALA A 14 -3.07 16.48 21.92
C ALA A 14 -3.33 15.71 23.22
N THR A 15 -4.43 14.97 23.27
CA THR A 15 -4.74 14.18 24.47
C THR A 15 -3.61 13.18 24.68
N LEU A 16 -3.23 12.48 23.61
CA LEU A 16 -2.16 11.50 23.67
C LEU A 16 -0.82 12.18 23.95
N ARG A 17 -0.61 13.37 23.40
CA ARG A 17 0.64 14.10 23.61
C ARG A 17 0.77 14.55 25.06
N ASN A 18 -0.27 15.19 25.54
CA ASN A 18 -0.30 15.72 26.89
C ASN A 18 -0.26 14.64 27.97
N ALA A 19 -0.55 13.40 27.60
CA ALA A 19 -0.50 12.31 28.56
C ALA A 19 0.95 12.22 29.10
N ARG A 20 1.88 12.80 28.34
CA ARG A 20 3.30 12.85 28.71
C ARG A 20 3.71 14.30 28.52
N GLY A 21 4.92 14.64 28.92
CA GLY A 21 5.36 16.02 28.73
C GLY A 21 6.00 16.13 27.35
N THR A 22 5.85 15.09 26.54
CA THR A 22 6.45 15.07 25.21
C THR A 22 5.86 16.11 24.29
N ALA A 23 6.41 16.17 23.07
CA ALA A 23 5.94 17.12 22.07
C ALA A 23 5.18 16.37 20.98
N TYR A 24 5.30 15.04 21.00
CA TYR A 24 4.62 14.17 20.04
C TYR A 24 3.52 13.39 20.76
N PRO A 25 2.42 13.08 20.04
CA PRO A 25 2.20 13.43 18.64
C PRO A 25 1.83 14.90 18.56
N ASP A 26 2.29 15.59 17.52
CA ASP A 26 2.00 17.02 17.37
C ASP A 26 0.75 17.26 16.53
N PRO A 27 -0.21 18.02 17.07
CA PRO A 27 -1.45 18.33 16.34
C PRO A 27 -1.13 18.95 14.98
N VAL A 28 -0.03 19.71 14.90
CA VAL A 28 0.35 20.35 13.66
C VAL A 28 0.49 19.32 12.53
N GLN A 29 1.08 18.17 12.85
CA GLN A 29 1.23 17.10 11.85
C GLN A 29 -0.11 16.54 11.44
N ALA A 30 -0.95 16.26 12.42
CA ALA A 30 -2.26 15.70 12.14
C ALA A 30 -3.08 16.60 11.23
N ALA A 31 -3.01 17.90 11.46
CA ALA A 31 -3.76 18.83 10.63
C ALA A 31 -3.43 18.66 9.14
N PHE A 32 -2.14 18.64 8.78
CA PHE A 32 -1.75 18.46 7.37
C PHE A 32 -2.31 17.15 6.82
N ILE A 33 -2.14 16.07 7.59
CA ILE A 33 -2.63 14.77 7.19
C ILE A 33 -4.13 14.80 6.90
N ALA A 34 -4.89 15.31 7.86
CA ALA A 34 -6.35 15.39 7.73
C ALA A 34 -6.79 16.31 6.58
N GLU A 35 -6.16 17.47 6.48
CA GLU A 35 -6.49 18.44 5.43
C GLU A 35 -6.29 17.90 4.03
N GLN A 36 -5.40 16.93 3.89
CA GLN A 36 -5.13 16.36 2.58
C GLN A 36 -5.82 15.01 2.39
N ALA A 37 -6.63 14.61 3.37
CA ALA A 37 -7.33 13.33 3.30
C ALA A 37 -8.85 13.43 3.31
N GLY A 38 -9.38 14.63 3.19
CA GLY A 38 -10.82 14.79 3.19
C GLY A 38 -11.34 15.84 4.15
N ALA A 39 -10.44 16.45 4.92
CA ALA A 39 -10.85 17.49 5.87
C ALA A 39 -10.99 18.81 5.15
N ASP A 40 -12.14 19.43 5.32
CA ASP A 40 -12.42 20.72 4.68
C ASP A 40 -12.09 21.84 5.65
N GLY A 41 -11.75 21.45 6.87
CA GLY A 41 -11.41 22.42 7.89
C GLY A 41 -10.89 21.67 9.10
N ILE A 42 -10.21 22.38 9.98
CA ILE A 42 -9.68 21.76 11.18
C ILE A 42 -10.28 22.45 12.39
N THR A 43 -10.71 21.63 13.36
CA THR A 43 -11.30 22.14 14.58
C THR A 43 -10.42 21.83 15.77
N VAL A 44 -10.28 22.79 16.67
CA VAL A 44 -9.53 22.58 17.91
C VAL A 44 -10.31 23.30 19.01
N HIS A 45 -10.40 22.67 20.18
CA HIS A 45 -11.11 23.26 21.30
C HIS A 45 -10.06 23.69 22.32
N LEU A 46 -9.92 25.01 22.52
CA LEU A 46 -8.95 25.53 23.48
C LEU A 46 -9.70 25.55 24.82
N ARG A 47 -9.52 24.51 25.62
CA ARG A 47 -10.17 24.44 26.92
C ARG A 47 -9.43 25.34 27.92
N GLU A 48 -10.18 25.92 28.85
CA GLU A 48 -9.60 26.81 29.84
C GLU A 48 -8.45 26.11 30.56
N ASP A 49 -8.64 24.83 30.87
CA ASP A 49 -7.62 24.04 31.57
C ASP A 49 -6.52 23.56 30.62
N ARG A 50 -6.67 23.87 29.33
CA ARG A 50 -5.69 23.48 28.33
C ARG A 50 -5.33 22.00 28.48
N ARG A 51 -6.33 21.16 28.73
CA ARG A 51 -6.09 19.72 28.92
C ARG A 51 -5.47 19.02 27.72
N HIS A 52 -5.86 19.42 26.51
CA HIS A 52 -5.28 18.83 25.31
C HIS A 52 -4.69 19.92 24.42
N ILE A 53 -5.50 20.61 23.64
CA ILE A 53 -5.00 21.69 22.79
C ILE A 53 -4.47 22.83 23.67
N THR A 54 -3.30 23.34 23.31
CA THR A 54 -2.65 24.42 24.06
C THR A 54 -2.63 25.73 23.29
N ASP A 55 -2.18 26.79 23.94
CA ASP A 55 -2.11 28.09 23.30
C ASP A 55 -1.10 28.02 22.16
N ARG A 56 -0.02 27.26 22.40
CA ARG A 56 1.02 27.07 21.39
C ARG A 56 0.36 26.45 20.15
N ASP A 57 -0.47 25.44 20.37
CA ASP A 57 -1.15 24.77 19.29
C ASP A 57 -1.97 25.74 18.44
N VAL A 58 -2.88 26.49 19.06
CA VAL A 58 -3.70 27.44 18.32
C VAL A 58 -2.81 28.41 17.53
N ARG A 59 -1.79 28.95 18.19
CA ARG A 59 -0.86 29.88 17.56
C ARG A 59 -0.13 29.33 16.32
N ILE A 60 0.37 28.10 16.41
CA ILE A 60 1.07 27.52 15.27
C ILE A 60 0.10 27.06 14.18
N LEU A 61 -1.01 26.44 14.59
CA LEU A 61 -2.02 25.99 13.64
C LEU A 61 -2.54 27.13 12.77
N ARG A 62 -2.82 28.29 13.38
CA ARG A 62 -3.35 29.42 12.62
C ARG A 62 -2.42 29.76 11.46
N GLN A 63 -1.14 29.45 11.64
CA GLN A 63 -0.11 29.71 10.65
C GLN A 63 0.15 28.54 9.69
N THR A 64 -0.12 27.31 10.11
CA THR A 64 0.14 26.18 9.22
C THR A 64 -1.07 25.57 8.52
N LEU A 65 -2.26 25.77 9.07
CA LEU A 65 -3.45 25.22 8.43
C LEU A 65 -3.57 25.75 7.01
N ASP A 66 -3.97 24.87 6.10
CA ASP A 66 -4.13 25.25 4.70
C ASP A 66 -5.62 25.52 4.46
N THR A 67 -6.44 25.03 5.39
CA THR A 67 -7.88 25.22 5.33
C THR A 67 -8.29 26.13 6.48
N ARG A 68 -9.57 26.49 6.54
CA ARG A 68 -10.04 27.36 7.59
C ARG A 68 -9.95 26.72 8.98
N MET A 69 -9.68 27.56 9.97
CA MET A 69 -9.60 27.10 11.36
C MET A 69 -10.94 27.31 12.05
N ASN A 70 -11.36 26.31 12.81
CA ASN A 70 -12.59 26.41 13.58
C ASN A 70 -12.18 26.31 15.04
N LEU A 71 -12.24 27.45 15.72
CA LEU A 71 -11.84 27.55 17.12
C LEU A 71 -13.03 27.38 18.09
N GLU A 72 -13.06 26.24 18.81
CA GLU A 72 -14.09 25.93 19.80
C GLU A 72 -13.59 26.44 21.14
N MET A 73 -14.44 27.21 21.83
CA MET A 73 -14.05 27.79 23.11
C MET A 73 -15.29 28.22 23.89
N ALA A 74 -15.14 28.33 25.20
CA ALA A 74 -16.21 28.76 26.09
C ALA A 74 -16.30 30.29 25.99
N VAL A 75 -17.40 30.87 26.47
CA VAL A 75 -17.61 32.31 26.42
C VAL A 75 -17.07 33.04 27.65
N THR A 76 -15.82 33.45 27.57
CA THR A 76 -15.20 34.17 28.67
C THR A 76 -14.34 35.25 28.04
N GLU A 77 -14.02 36.28 28.82
CA GLU A 77 -13.20 37.35 28.30
C GLU A 77 -11.86 36.82 27.81
N GLU A 78 -11.32 35.83 28.52
CA GLU A 78 -10.04 35.26 28.14
C GLU A 78 -10.11 34.73 26.72
N MET A 79 -11.05 33.82 26.46
CA MET A 79 -11.22 33.23 25.13
C MET A 79 -11.63 34.23 24.05
N LEU A 80 -12.47 35.21 24.38
CA LEU A 80 -12.88 36.19 23.39
C LEU A 80 -11.66 36.98 22.89
N ALA A 81 -10.78 37.36 23.82
CA ALA A 81 -9.57 38.10 23.48
C ALA A 81 -8.64 37.25 22.62
N ILE A 82 -8.49 35.98 23.00
CA ILE A 82 -7.63 35.05 22.28
C ILE A 82 -8.12 34.88 20.85
N ALA A 83 -9.42 34.63 20.70
CA ALA A 83 -9.99 34.45 19.37
C ALA A 83 -9.81 35.71 18.51
N VAL A 84 -10.00 36.88 19.12
CA VAL A 84 -9.86 38.14 18.38
C VAL A 84 -8.45 38.32 17.81
N GLU A 85 -7.42 38.04 18.60
CA GLU A 85 -6.05 38.19 18.07
C GLU A 85 -5.68 37.04 17.13
N THR A 86 -6.35 35.91 17.28
CA THR A 86 -6.08 34.72 16.46
C THR A 86 -6.78 34.78 15.11
N LYS A 87 -7.93 35.47 15.06
CA LYS A 87 -8.72 35.61 13.86
C LYS A 87 -8.93 34.32 13.07
N PRO A 88 -9.50 33.30 13.73
CA PRO A 88 -9.76 32.03 13.05
C PRO A 88 -10.90 32.33 12.09
N HIS A 89 -11.06 31.49 11.07
CA HIS A 89 -12.14 31.69 10.12
C HIS A 89 -13.48 31.51 10.83
N PHE A 90 -13.56 30.47 11.66
CA PHE A 90 -14.75 30.15 12.42
C PHE A 90 -14.46 30.11 13.91
N CYS A 91 -15.52 30.26 14.69
CA CYS A 91 -15.44 30.22 16.14
C CYS A 91 -16.70 29.51 16.61
N CYS A 92 -16.56 28.38 17.30
CA CYS A 92 -17.75 27.69 17.78
C CYS A 92 -17.79 27.81 19.30
N LEU A 93 -18.83 28.49 19.80
CA LEU A 93 -18.98 28.69 21.24
C LEU A 93 -19.73 27.53 21.88
N VAL A 94 -19.11 26.93 22.90
CA VAL A 94 -19.70 25.80 23.58
C VAL A 94 -19.68 25.97 25.09
N PRO A 95 -20.49 25.16 25.80
CA PRO A 95 -20.52 25.23 27.26
C PRO A 95 -19.28 24.50 27.76
N GLU A 96 -18.70 24.95 28.85
CA GLU A 96 -17.51 24.30 29.38
C GLU A 96 -17.50 24.37 30.90
N LYS A 97 -17.12 23.26 31.54
CA LYS A 97 -17.10 23.19 33.00
C LYS A 97 -15.68 23.17 33.61
N ARG A 98 -14.68 22.91 32.77
CA ARG A 98 -13.28 22.85 33.19
C ARG A 98 -12.97 21.60 34.00
N GLN A 99 -13.89 20.65 33.98
CA GLN A 99 -13.68 19.41 34.72
C GLN A 99 -14.49 18.28 34.10
N GLU A 100 -15.30 18.65 33.10
CA GLU A 100 -16.14 17.70 32.40
C GLU A 100 -15.31 16.70 31.60
N VAL A 101 -15.97 15.63 31.15
CA VAL A 101 -15.32 14.59 30.36
C VAL A 101 -15.29 15.13 28.93
N THR A 102 -16.37 15.82 28.56
CA THR A 102 -16.49 16.38 27.23
C THR A 102 -17.65 17.39 27.26
N THR A 103 -17.83 18.14 26.17
CA THR A 103 -18.90 19.11 26.14
C THR A 103 -20.23 18.46 26.51
N GLU A 104 -20.83 18.95 27.59
CA GLU A 104 -22.10 18.41 28.08
C GLU A 104 -23.20 18.66 27.05
N GLY A 105 -22.82 19.31 25.95
CA GLY A 105 -23.76 19.60 24.89
C GLY A 105 -24.90 20.52 25.25
N GLY A 106 -25.11 21.53 24.42
CA GLY A 106 -26.18 22.48 24.66
C GLY A 106 -25.75 23.76 25.34
N LEU A 107 -25.57 24.81 24.56
CA LEU A 107 -25.17 26.09 25.11
C LEU A 107 -26.49 26.82 25.42
N ASP A 108 -26.58 27.44 26.60
CA ASP A 108 -27.79 28.18 26.94
C ASP A 108 -27.69 29.58 26.37
N VAL A 109 -28.17 29.75 25.13
CA VAL A 109 -28.14 31.04 24.47
C VAL A 109 -29.31 31.91 24.94
N ALA A 110 -30.51 31.32 24.99
CA ALA A 110 -31.69 32.06 25.42
C ALA A 110 -31.57 32.51 26.87
N GLY A 111 -30.85 31.74 27.68
CA GLY A 111 -30.67 32.08 29.07
C GLY A 111 -29.50 33.01 29.36
N GLN A 112 -28.78 33.40 28.31
CA GLN A 112 -27.63 34.30 28.42
C GLN A 112 -27.60 35.24 27.22
N ARG A 113 -28.77 35.71 26.82
CA ARG A 113 -28.92 36.63 25.69
C ARG A 113 -27.85 37.72 25.65
N ASP A 114 -27.89 38.63 26.63
CA ASP A 114 -26.93 39.74 26.68
C ASP A 114 -25.49 39.31 26.44
N LYS A 115 -24.99 38.39 27.27
CA LYS A 115 -23.61 37.93 27.12
C LYS A 115 -23.32 37.41 25.71
N MET A 116 -24.21 36.58 25.19
CA MET A 116 -24.03 36.02 23.86
C MET A 116 -24.07 37.07 22.77
N ARG A 117 -24.98 38.03 22.89
CA ARG A 117 -25.09 39.09 21.90
C ARG A 117 -23.76 39.83 21.78
N ASP A 118 -23.16 40.16 22.92
CA ASP A 118 -21.88 40.87 22.96
C ASP A 118 -20.76 40.01 22.40
N ALA A 119 -20.82 38.71 22.67
CA ALA A 119 -19.80 37.79 22.18
C ALA A 119 -19.85 37.71 20.67
N CYS A 120 -21.04 37.51 20.13
CA CYS A 120 -21.21 37.38 18.69
C CYS A 120 -20.76 38.63 17.91
N LYS A 121 -21.02 39.81 18.47
CA LYS A 121 -20.64 41.04 17.80
C LYS A 121 -19.14 41.29 17.84
N ARG A 122 -18.53 41.05 18.99
CA ARG A 122 -17.09 41.26 19.12
C ARG A 122 -16.34 40.33 18.16
N LEU A 123 -16.79 39.08 18.07
CA LEU A 123 -16.14 38.14 17.18
C LEU A 123 -16.39 38.55 15.72
N ALA A 124 -17.63 38.88 15.39
CA ALA A 124 -17.91 39.29 14.02
C ALA A 124 -17.11 40.53 13.64
N ASP A 125 -16.91 41.44 14.59
CA ASP A 125 -16.13 42.63 14.29
C ASP A 125 -14.71 42.27 13.89
N ALA A 126 -14.25 41.11 14.34
CA ALA A 126 -12.91 40.65 14.01
C ALA A 126 -12.97 39.80 12.73
N GLY A 127 -14.11 39.83 12.04
CA GLY A 127 -14.26 39.07 10.80
C GLY A 127 -14.38 37.58 11.00
N ILE A 128 -14.77 37.18 12.21
CA ILE A 128 -14.93 35.77 12.54
C ILE A 128 -16.39 35.36 12.41
N GLN A 129 -16.65 34.26 11.70
CA GLN A 129 -18.00 33.76 11.54
C GLN A 129 -18.30 32.89 12.73
N VAL A 130 -19.27 33.32 13.54
CA VAL A 130 -19.63 32.62 14.75
C VAL A 130 -20.64 31.48 14.62
N SER A 131 -20.36 30.40 15.33
CA SER A 131 -21.24 29.25 15.35
C SER A 131 -21.57 28.94 16.80
N LEU A 132 -22.84 28.76 17.10
CA LEU A 132 -23.21 28.45 18.47
C LEU A 132 -23.57 26.96 18.61
N PHE A 133 -22.89 26.29 19.53
CA PHE A 133 -23.15 24.88 19.76
C PHE A 133 -24.36 24.77 20.68
N ILE A 134 -25.50 24.31 20.13
CA ILE A 134 -26.73 24.19 20.91
C ILE A 134 -27.51 22.89 20.71
N ASP A 135 -28.58 22.73 21.48
CA ASP A 135 -29.43 21.55 21.39
C ASP A 135 -30.43 21.70 20.27
N ALA A 136 -31.00 20.57 19.84
CA ALA A 136 -32.00 20.60 18.78
C ALA A 136 -33.30 21.08 19.39
N ASP A 137 -33.30 22.35 19.77
CA ASP A 137 -34.44 23.01 20.41
C ASP A 137 -34.74 24.34 19.75
N GLU A 138 -35.99 24.51 19.32
CA GLU A 138 -36.40 25.75 18.63
C GLU A 138 -36.12 27.03 19.40
N GLU A 139 -36.33 27.03 20.72
CA GLU A 139 -36.09 28.22 21.53
C GLU A 139 -34.62 28.62 21.51
N GLN A 140 -33.73 27.66 21.75
CA GLN A 140 -32.29 27.91 21.75
C GLN A 140 -31.79 28.39 20.38
N ILE A 141 -32.38 27.82 19.33
CA ILE A 141 -32.02 28.18 17.96
C ILE A 141 -32.48 29.59 17.60
N LYS A 142 -33.72 29.93 17.96
CA LYS A 142 -34.22 31.26 17.67
C LYS A 142 -33.31 32.25 18.39
N ALA A 143 -32.95 31.92 19.62
CA ALA A 143 -32.06 32.75 20.42
C ALA A 143 -30.69 32.87 19.77
N ALA A 144 -30.29 31.84 19.01
CA ALA A 144 -29.01 31.86 18.33
C ALA A 144 -29.00 32.90 17.22
N ALA A 145 -30.01 32.87 16.35
CA ALA A 145 -30.10 33.83 15.25
C ALA A 145 -30.51 35.22 15.76
N GLU A 146 -31.10 35.24 16.94
CA GLU A 146 -31.53 36.50 17.54
C GLU A 146 -30.33 37.31 18.05
N VAL A 147 -29.28 36.62 18.48
CA VAL A 147 -28.08 37.30 18.98
C VAL A 147 -27.04 37.59 17.91
N GLY A 148 -27.36 37.27 16.66
CA GLY A 148 -26.42 37.54 15.57
C GLY A 148 -25.70 36.36 14.94
N ALA A 149 -25.48 35.30 15.70
CA ALA A 149 -24.76 34.12 15.23
C ALA A 149 -25.19 33.65 13.83
N PRO A 150 -24.26 33.66 12.86
CA PRO A 150 -24.58 33.22 11.49
C PRO A 150 -24.67 31.70 11.36
N PHE A 151 -24.00 30.99 12.27
CA PHE A 151 -23.96 29.53 12.27
C PHE A 151 -24.40 28.91 13.60
N ILE A 152 -24.81 27.65 13.56
CA ILE A 152 -25.16 26.90 14.76
C ILE A 152 -24.68 25.46 14.49
N GLU A 153 -24.38 24.75 15.57
CA GLU A 153 -23.96 23.35 15.46
C GLU A 153 -24.82 22.54 16.41
N ILE A 154 -25.76 21.79 15.85
CA ILE A 154 -26.66 20.97 16.65
C ILE A 154 -25.93 19.82 17.31
N HIS A 155 -26.11 19.71 18.63
CA HIS A 155 -25.48 18.65 19.41
C HIS A 155 -26.03 17.29 19.02
N THR A 156 -25.19 16.39 18.54
CA THR A 156 -25.66 15.06 18.14
C THR A 156 -25.36 13.97 19.15
N GLY A 157 -24.89 14.36 20.33
CA GLY A 157 -24.57 13.40 21.37
C GLY A 157 -25.70 12.51 21.85
N CYS A 158 -26.91 13.06 21.95
CA CYS A 158 -28.04 12.26 22.41
C CYS A 158 -28.37 11.22 21.34
N TYR A 159 -28.27 11.62 20.08
CA TYR A 159 -28.52 10.69 18.99
C TYR A 159 -27.46 9.59 19.02
N ALA A 160 -26.20 9.96 19.21
CA ALA A 160 -25.16 8.94 19.25
C ALA A 160 -25.32 8.06 20.48
N ASP A 161 -25.78 8.61 21.60
CA ASP A 161 -25.91 7.80 22.81
C ASP A 161 -27.21 7.02 22.97
N ALA A 162 -28.12 7.14 22.00
CA ALA A 162 -29.38 6.42 22.08
C ALA A 162 -29.12 4.95 22.37
N LYS A 163 -29.86 4.41 23.33
CA LYS A 163 -29.70 3.02 23.70
C LYS A 163 -30.64 2.04 23.00
N THR A 164 -31.66 2.56 22.33
CA THR A 164 -32.59 1.71 21.61
C THR A 164 -32.92 2.30 20.25
N ASP A 165 -33.40 1.46 19.33
CA ASP A 165 -33.75 1.94 18.01
C ASP A 165 -34.78 3.06 18.05
N ALA A 166 -35.82 2.88 18.86
CA ALA A 166 -36.87 3.89 18.98
C ALA A 166 -36.28 5.21 19.48
N GLU A 167 -35.44 5.13 20.49
CA GLU A 167 -34.82 6.33 21.02
C GLU A 167 -33.93 6.98 19.97
N GLN A 168 -33.19 6.17 19.19
CA GLN A 168 -32.33 6.74 18.17
C GLN A 168 -33.09 7.42 17.04
N ALA A 169 -34.15 6.78 16.56
CA ALA A 169 -34.95 7.35 15.48
C ALA A 169 -35.62 8.63 15.93
N GLN A 170 -36.00 8.70 17.21
CA GLN A 170 -36.64 9.89 17.74
C GLN A 170 -35.62 11.04 17.75
N GLU A 171 -34.41 10.77 18.22
CA GLU A 171 -33.40 11.81 18.26
C GLU A 171 -32.94 12.24 16.88
N LEU A 172 -33.05 11.34 15.90
CA LEU A 172 -32.66 11.65 14.53
C LEU A 172 -33.72 12.59 13.98
N ALA A 173 -34.98 12.25 14.23
CA ALA A 173 -36.09 13.07 13.75
C ALA A 173 -36.01 14.47 14.36
N ARG A 174 -35.65 14.53 15.64
CA ARG A 174 -35.53 15.81 16.35
C ARG A 174 -34.47 16.70 15.71
N ILE A 175 -33.29 16.14 15.47
CA ILE A 175 -32.20 16.88 14.84
C ILE A 175 -32.62 17.36 13.45
N ALA A 176 -33.23 16.48 12.68
CA ALA A 176 -33.68 16.84 11.34
C ALA A 176 -34.69 17.98 11.40
N LYS A 177 -35.73 17.80 12.21
CA LYS A 177 -36.77 18.81 12.37
C LYS A 177 -36.10 20.14 12.73
N ALA A 178 -35.23 20.10 13.74
CA ALA A 178 -34.54 21.31 14.16
C ALA A 178 -33.70 21.95 13.04
N ALA A 179 -33.04 21.12 12.22
CA ALA A 179 -32.21 21.64 11.14
C ALA A 179 -33.04 22.48 10.17
N THR A 180 -34.18 21.92 9.79
CA THR A 180 -35.10 22.60 8.89
C THR A 180 -35.53 23.92 9.48
N PHE A 181 -35.82 23.91 10.79
CA PHE A 181 -36.23 25.11 11.51
C PHE A 181 -35.14 26.18 11.49
N ALA A 182 -33.91 25.79 11.79
CA ALA A 182 -32.81 26.73 11.81
C ALA A 182 -32.57 27.32 10.42
N ALA A 183 -32.74 26.49 9.39
CA ALA A 183 -32.54 26.94 8.01
C ALA A 183 -33.56 28.00 7.61
N SER A 184 -34.80 27.84 8.06
CA SER A 184 -35.86 28.78 7.73
C SER A 184 -35.58 30.15 8.35
N LEU A 185 -34.67 30.18 9.33
CA LEU A 185 -34.28 31.42 9.99
C LEU A 185 -33.07 32.05 9.32
N GLY A 186 -32.60 31.44 8.23
CA GLY A 186 -31.45 31.98 7.54
C GLY A 186 -30.12 31.52 8.15
N LEU A 187 -30.18 30.63 9.12
CA LEU A 187 -28.98 30.12 9.78
C LEU A 187 -28.31 29.00 8.98
N LYS A 188 -27.00 28.84 9.17
CA LYS A 188 -26.26 27.78 8.51
C LYS A 188 -26.16 26.71 9.60
N VAL A 189 -26.45 25.46 9.25
CA VAL A 189 -26.43 24.40 10.25
C VAL A 189 -25.40 23.30 10.08
N ASN A 190 -24.63 23.11 11.15
CA ASN A 190 -23.60 22.09 11.23
C ASN A 190 -24.05 21.15 12.34
N ALA A 191 -23.34 20.05 12.53
CA ALA A 191 -23.66 19.09 13.58
C ALA A 191 -22.38 18.38 14.01
N GLY A 192 -22.38 17.84 15.22
CA GLY A 192 -21.20 17.15 15.71
C GLY A 192 -21.30 16.69 17.15
N HIS A 193 -20.34 15.85 17.51
CA HIS A 193 -20.21 15.24 18.84
C HIS A 193 -20.87 13.87 18.84
N GLY A 194 -20.04 12.85 19.04
CA GLY A 194 -20.52 11.49 19.08
C GLY A 194 -20.71 10.80 17.74
N LEU A 195 -20.50 11.49 16.62
CA LEU A 195 -20.67 10.81 15.33
C LEU A 195 -19.56 9.79 15.12
N THR A 196 -19.95 8.60 14.64
CA THR A 196 -19.00 7.53 14.40
C THR A 196 -19.14 7.02 12.98
N TYR A 197 -18.34 6.03 12.63
CA TYR A 197 -18.38 5.45 11.30
C TYR A 197 -19.67 4.64 11.10
N HIS A 198 -20.40 4.40 12.19
CA HIS A 198 -21.64 3.62 12.10
C HIS A 198 -22.95 4.39 12.27
N ASN A 199 -22.87 5.69 12.59
CA ASN A 199 -24.07 6.50 12.75
C ASN A 199 -24.01 7.84 12.03
N VAL A 200 -22.92 8.08 11.31
CA VAL A 200 -22.76 9.34 10.60
C VAL A 200 -23.70 9.50 9.40
N LYS A 201 -23.91 8.42 8.65
CA LYS A 201 -24.75 8.49 7.46
C LYS A 201 -26.13 9.09 7.66
N ALA A 202 -26.78 8.74 8.76
CA ALA A 202 -28.11 9.29 9.05
C ALA A 202 -28.08 10.81 9.19
N ILE A 203 -26.99 11.35 9.75
CA ILE A 203 -26.87 12.81 9.91
C ILE A 203 -26.45 13.49 8.61
N ALA A 204 -25.57 12.84 7.86
CA ALA A 204 -25.10 13.38 6.58
C ALA A 204 -26.29 13.53 5.64
N ALA A 205 -27.24 12.60 5.72
CA ALA A 205 -28.43 12.58 4.88
C ALA A 205 -29.34 13.80 5.08
N ILE A 206 -29.26 14.46 6.23
CA ILE A 206 -30.09 15.63 6.49
C ILE A 206 -29.68 16.74 5.53
N PRO A 207 -30.56 17.09 4.58
CA PRO A 207 -30.32 18.12 3.57
C PRO A 207 -29.71 19.42 4.10
N GLU A 208 -30.28 19.96 5.16
CA GLU A 208 -29.80 21.22 5.72
C GLU A 208 -28.38 21.25 6.26
N MET A 209 -27.83 20.10 6.63
CA MET A 209 -26.47 20.08 7.18
C MET A 209 -25.41 20.61 6.21
N HIS A 210 -24.58 21.52 6.71
CA HIS A 210 -23.53 22.14 5.92
C HIS A 210 -22.16 21.51 6.21
N GLU A 211 -21.79 21.40 7.49
CA GLU A 211 -20.51 20.79 7.87
C GLU A 211 -20.64 19.95 9.14
N LEU A 212 -20.00 18.78 9.14
CA LEU A 212 -20.02 17.92 10.31
C LEU A 212 -18.63 18.00 10.94
N ASN A 213 -18.59 18.20 12.25
CA ASN A 213 -17.33 18.27 12.96
C ASN A 213 -17.23 16.98 13.75
N ILE A 214 -16.21 16.20 13.42
CA ILE A 214 -16.00 14.91 14.06
C ILE A 214 -14.57 14.83 14.58
N GLY A 215 -14.41 14.31 15.79
CA GLY A 215 -13.07 14.21 16.35
C GLY A 215 -12.71 12.84 16.86
N HIS A 216 -13.15 12.54 18.08
CA HIS A 216 -12.84 11.28 18.75
C HIS A 216 -12.93 9.99 17.93
N ALA A 217 -14.06 9.76 17.26
CA ALA A 217 -14.21 8.53 16.46
C ALA A 217 -13.11 8.41 15.41
N ILE A 218 -12.75 9.53 14.79
CA ILE A 218 -11.70 9.52 13.77
C ILE A 218 -10.35 9.21 14.39
N ILE A 219 -10.00 9.92 15.45
CA ILE A 219 -8.72 9.67 16.09
C ILE A 219 -8.69 8.24 16.61
N GLY A 220 -9.80 7.77 17.15
CA GLY A 220 -9.85 6.41 17.66
C GLY A 220 -9.56 5.40 16.55
N ARG A 221 -10.01 5.71 15.33
CA ARG A 221 -9.78 4.86 14.18
C ARG A 221 -8.32 5.01 13.77
N ALA A 222 -7.87 6.27 13.72
CA ALA A 222 -6.50 6.58 13.32
C ALA A 222 -5.40 5.78 14.03
N VAL A 223 -5.52 5.53 15.34
CA VAL A 223 -4.46 4.79 16.03
C VAL A 223 -4.31 3.37 15.48
N MET A 224 -5.37 2.87 14.87
CA MET A 224 -5.32 1.55 14.28
C MET A 224 -4.89 1.61 12.81
N THR A 225 -5.61 2.40 12.00
CA THR A 225 -5.34 2.51 10.57
C THR A 225 -4.53 3.70 10.08
N GLY A 226 -4.23 4.65 10.94
CA GLY A 226 -3.49 5.84 10.52
C GLY A 226 -4.50 6.94 10.23
N LEU A 227 -4.12 8.19 10.45
CA LEU A 227 -5.03 9.33 10.27
C LEU A 227 -5.57 9.57 8.87
N LYS A 228 -4.75 9.31 7.85
CA LYS A 228 -5.17 9.51 6.47
C LYS A 228 -6.37 8.63 6.10
N ASP A 229 -6.24 7.33 6.30
CA ASP A 229 -7.34 6.45 5.97
C ASP A 229 -8.55 6.71 6.87
N ALA A 230 -8.30 7.07 8.12
CA ALA A 230 -9.41 7.34 9.04
C ALA A 230 -10.25 8.51 8.55
N VAL A 231 -9.58 9.59 8.14
CA VAL A 231 -10.28 10.75 7.63
C VAL A 231 -10.94 10.43 6.29
N ALA A 232 -10.19 9.80 5.38
CA ALA A 232 -10.74 9.46 4.06
C ALA A 232 -11.98 8.59 4.18
N GLU A 233 -11.95 7.64 5.11
CA GLU A 233 -13.07 6.73 5.35
C GLU A 233 -14.32 7.53 5.73
N MET A 234 -14.17 8.40 6.72
CA MET A 234 -15.27 9.22 7.21
C MET A 234 -15.87 10.09 6.13
N LYS A 235 -15.00 10.76 5.36
CA LYS A 235 -15.46 11.65 4.29
C LYS A 235 -16.24 10.89 3.22
N ARG A 236 -15.77 9.71 2.88
CA ARG A 236 -16.42 8.89 1.86
C ARG A 236 -17.82 8.49 2.30
N LEU A 237 -17.97 8.05 3.54
CA LEU A 237 -19.26 7.65 4.08
C LEU A 237 -20.23 8.84 4.06
N MET A 238 -19.74 10.02 4.39
CA MET A 238 -20.59 11.20 4.39
C MET A 238 -21.09 11.51 2.98
N LEU A 239 -20.18 11.49 2.00
CA LEU A 239 -20.59 11.79 0.64
C LEU A 239 -21.55 10.72 0.10
N GLU A 240 -21.36 9.47 0.49
CA GLU A 240 -22.24 8.40 0.04
C GLU A 240 -23.66 8.67 0.55
N ALA A 241 -23.76 9.14 1.78
CA ALA A 241 -25.05 9.43 2.39
C ALA A 241 -25.76 10.59 1.69
N ARG A 242 -24.98 11.53 1.16
CA ARG A 242 -25.54 12.69 0.47
C ARG A 242 -25.92 12.37 -0.96
N GLY A 243 -25.28 11.35 -1.53
CA GLY A 243 -25.55 10.95 -2.90
C GLY A 243 -27.02 10.85 -3.31
N ALA B 2 24.15 -24.05 5.51
CA ALA B 2 24.39 -22.73 4.87
C ALA B 2 23.10 -21.92 4.87
N GLU B 3 22.44 -21.82 3.74
CA GLU B 3 21.20 -21.06 3.68
C GLU B 3 20.03 -21.86 4.25
N LEU B 4 18.97 -21.14 4.57
CA LEU B 4 17.76 -21.72 5.13
C LEU B 4 16.63 -21.51 4.12
N LEU B 5 15.86 -22.56 3.85
CA LEU B 5 14.76 -22.46 2.90
C LEU B 5 13.40 -22.49 3.58
N LEU B 6 12.40 -21.97 2.90
CA LEU B 6 11.06 -21.97 3.46
C LEU B 6 10.13 -22.75 2.55
N GLY B 7 9.45 -23.75 3.13
CA GLY B 7 8.51 -24.55 2.39
C GLY B 7 7.15 -24.20 2.96
N VAL B 8 6.25 -23.72 2.12
CA VAL B 8 4.92 -23.35 2.60
C VAL B 8 3.89 -24.43 2.34
N ASN B 9 3.28 -24.92 3.42
CA ASN B 9 2.24 -25.95 3.34
C ASN B 9 0.90 -25.21 3.18
N ILE B 10 0.24 -25.41 2.05
CA ILE B 10 -1.02 -24.75 1.80
C ILE B 10 -2.25 -25.60 2.07
N ASP B 11 -2.07 -26.67 2.83
CA ASP B 11 -3.18 -27.56 3.17
C ASP B 11 -4.42 -26.83 3.69
N HIS B 12 -4.22 -25.90 4.63
CA HIS B 12 -5.38 -25.21 5.20
C HIS B 12 -6.14 -24.26 4.27
N ILE B 13 -5.58 -24.00 3.10
CA ILE B 13 -6.29 -23.18 2.11
C ILE B 13 -7.44 -24.12 1.72
N ALA B 14 -7.09 -25.39 1.53
CA ALA B 14 -8.07 -26.40 1.15
C ALA B 14 -9.06 -26.68 2.27
N THR B 15 -8.60 -26.57 3.51
CA THR B 15 -9.47 -26.80 4.64
C THR B 15 -10.64 -25.83 4.57
N LEU B 16 -10.32 -24.56 4.34
CA LEU B 16 -11.32 -23.52 4.24
C LEU B 16 -12.24 -23.75 3.04
N ARG B 17 -11.69 -24.24 1.94
CA ARG B 17 -12.50 -24.49 0.74
C ARG B 17 -13.44 -25.68 0.96
N ASN B 18 -12.87 -26.78 1.43
CA ASN B 18 -13.61 -28.01 1.68
C ASN B 18 -14.68 -27.79 2.73
N ALA B 19 -14.51 -26.76 3.56
CA ALA B 19 -15.49 -26.43 4.58
C ALA B 19 -16.84 -26.34 3.87
N ARG B 20 -16.80 -25.80 2.66
CA ARG B 20 -17.99 -25.68 1.84
C ARG B 20 -17.72 -26.56 0.63
N GLY B 21 -18.63 -26.60 -0.34
CA GLY B 21 -18.39 -27.46 -1.49
C GLY B 21 -17.90 -26.67 -2.69
N THR B 22 -17.42 -25.45 -2.45
CA THR B 22 -16.95 -24.56 -3.51
C THR B 22 -15.52 -24.84 -3.98
N ALA B 23 -15.12 -24.12 -5.02
CA ALA B 23 -13.78 -24.27 -5.60
C ALA B 23 -12.79 -23.23 -5.05
N TYR B 24 -13.28 -22.33 -4.20
CA TYR B 24 -12.45 -21.29 -3.60
C TYR B 24 -12.48 -21.43 -2.08
N PRO B 25 -11.37 -21.08 -1.40
CA PRO B 25 -10.15 -20.58 -2.02
C PRO B 25 -9.44 -21.76 -2.66
N ASP B 26 -8.86 -21.54 -3.83
CA ASP B 26 -8.16 -22.56 -4.60
C ASP B 26 -6.69 -22.61 -4.21
N PRO B 27 -6.20 -23.79 -3.78
CA PRO B 27 -4.78 -23.92 -3.40
C PRO B 27 -3.85 -23.47 -4.53
N VAL B 28 -4.29 -23.66 -5.77
CA VAL B 28 -3.48 -23.28 -6.92
C VAL B 28 -3.15 -21.79 -6.89
N GLN B 29 -4.09 -20.94 -6.46
CA GLN B 29 -3.80 -19.52 -6.38
C GLN B 29 -2.81 -19.26 -5.25
N ALA B 30 -3.07 -19.83 -4.07
CA ALA B 30 -2.20 -19.66 -2.92
C ALA B 30 -0.74 -20.00 -3.24
N ALA B 31 -0.56 -21.07 -4.00
CA ALA B 31 0.78 -21.51 -4.38
C ALA B 31 1.56 -20.43 -5.14
N PHE B 32 0.91 -19.78 -6.11
CA PHE B 32 1.59 -18.71 -6.86
C PHE B 32 1.96 -17.57 -5.92
N ILE B 33 1.02 -17.17 -5.07
CA ILE B 33 1.27 -16.08 -4.15
C ILE B 33 2.45 -16.41 -3.25
N ALA B 34 2.43 -17.60 -2.67
CA ALA B 34 3.51 -18.03 -1.78
C ALA B 34 4.86 -18.07 -2.48
N GLU B 35 4.93 -18.74 -3.63
CA GLU B 35 6.18 -18.85 -4.37
C GLU B 35 6.77 -17.53 -4.80
N GLN B 36 5.98 -16.46 -4.73
CA GLN B 36 6.48 -15.16 -5.14
C GLN B 36 6.74 -14.21 -3.99
N ALA B 37 6.47 -14.71 -2.78
CA ALA B 37 6.64 -13.91 -1.57
C ALA B 37 7.60 -14.49 -0.54
N GLY B 38 8.43 -15.47 -0.95
CA GLY B 38 9.37 -16.04 0.01
C GLY B 38 9.45 -17.55 0.07
N ALA B 39 8.43 -18.23 -0.46
CA ALA B 39 8.43 -19.68 -0.45
C ALA B 39 9.41 -20.24 -1.48
N ASP B 40 10.22 -21.20 -1.06
CA ASP B 40 11.22 -21.83 -1.92
C ASP B 40 10.74 -23.21 -2.34
N GLY B 41 9.49 -23.50 -2.00
CA GLY B 41 8.87 -24.77 -2.33
C GLY B 41 7.45 -24.76 -1.77
N ILE B 42 6.60 -25.65 -2.26
CA ILE B 42 5.22 -25.73 -1.79
C ILE B 42 4.95 -27.15 -1.31
N THR B 43 4.36 -27.26 -0.13
CA THR B 43 4.04 -28.56 0.45
C THR B 43 2.54 -28.83 0.56
N VAL B 44 2.12 -30.04 0.24
CA VAL B 44 0.72 -30.43 0.38
C VAL B 44 0.71 -31.85 0.90
N HIS B 45 -0.21 -32.14 1.81
CA HIS B 45 -0.33 -33.47 2.39
C HIS B 45 -1.61 -34.08 1.85
N LEU B 46 -1.50 -35.07 0.96
CA LEU B 46 -2.67 -35.72 0.39
C LEU B 46 -3.06 -36.84 1.35
N ARG B 47 -4.03 -36.57 2.22
CA ARG B 47 -4.49 -37.55 3.20
C ARG B 47 -5.31 -38.63 2.51
N GLU B 48 -5.27 -39.87 3.03
CA GLU B 48 -6.03 -40.94 2.40
C GLU B 48 -7.52 -40.60 2.41
N ASP B 49 -7.94 -39.84 3.41
CA ASP B 49 -9.34 -39.44 3.52
C ASP B 49 -9.62 -38.15 2.74
N ARG B 50 -8.57 -37.59 2.13
CA ARG B 50 -8.68 -36.37 1.34
C ARG B 50 -9.40 -35.25 2.11
N ARG B 51 -9.06 -35.12 3.38
CA ARG B 51 -9.65 -34.10 4.26
C ARG B 51 -9.60 -32.69 3.68
N HIS B 52 -8.43 -32.29 3.21
CA HIS B 52 -8.26 -30.96 2.60
C HIS B 52 -7.75 -31.09 1.17
N ILE B 53 -6.44 -31.17 1.00
CA ILE B 53 -5.84 -31.32 -0.31
C ILE B 53 -6.45 -32.56 -0.96
N THR B 54 -6.82 -32.43 -2.24
CA THR B 54 -7.43 -33.54 -2.97
C THR B 54 -6.54 -33.99 -4.14
N ASP B 55 -6.98 -35.02 -4.87
CA ASP B 55 -6.20 -35.51 -6.00
C ASP B 55 -6.16 -34.44 -7.08
N ARG B 56 -7.27 -33.75 -7.28
CA ARG B 56 -7.29 -32.67 -8.28
C ARG B 56 -6.19 -31.67 -7.92
N ASP B 57 -6.16 -31.26 -6.66
CA ASP B 57 -5.15 -30.28 -6.22
C ASP B 57 -3.74 -30.73 -6.59
N VAL B 58 -3.40 -31.97 -6.27
CA VAL B 58 -2.05 -32.47 -6.55
C VAL B 58 -1.75 -32.52 -8.05
N ARG B 59 -2.76 -32.91 -8.82
CA ARG B 59 -2.61 -33.00 -10.28
C ARG B 59 -2.36 -31.62 -10.91
N ILE B 60 -3.11 -30.60 -10.51
CA ILE B 60 -2.93 -29.27 -11.11
C ILE B 60 -1.68 -28.56 -10.60
N LEU B 61 -1.44 -28.69 -9.30
CA LEU B 61 -0.28 -28.07 -8.66
C LEU B 61 1.02 -28.57 -9.32
N ARG B 62 1.09 -29.86 -9.64
CA ARG B 62 2.30 -30.39 -10.26
C ARG B 62 2.54 -29.69 -11.60
N GLN B 63 1.47 -29.20 -12.19
CA GLN B 63 1.52 -28.51 -13.47
C GLN B 63 1.69 -26.99 -13.36
N THR B 64 1.22 -26.40 -12.27
CA THR B 64 1.31 -24.96 -12.08
C THR B 64 2.48 -24.48 -11.21
N LEU B 65 2.97 -25.32 -10.30
CA LEU B 65 4.07 -24.92 -9.41
C LEU B 65 5.33 -24.50 -10.17
N ASP B 66 5.87 -23.36 -9.75
CA ASP B 66 7.07 -22.81 -10.35
C ASP B 66 8.30 -23.30 -9.54
N THR B 67 8.02 -23.79 -8.34
CA THR B 67 9.06 -24.29 -7.43
C THR B 67 8.91 -25.79 -7.14
N ARG B 68 9.84 -26.38 -6.40
CA ARG B 68 9.76 -27.80 -6.09
C ARG B 68 8.55 -28.19 -5.24
N MET B 69 7.88 -29.27 -5.62
CA MET B 69 6.72 -29.74 -4.87
C MET B 69 7.14 -30.80 -3.87
N ASN B 70 6.67 -30.63 -2.62
CA ASN B 70 6.93 -31.57 -1.53
C ASN B 70 5.60 -32.24 -1.22
N LEU B 71 5.50 -33.52 -1.51
CA LEU B 71 4.27 -34.27 -1.28
C LEU B 71 4.33 -35.05 0.05
N GLU B 72 3.50 -34.68 1.02
CA GLU B 72 3.47 -35.38 2.29
C GLU B 72 2.38 -36.44 2.18
N MET B 73 2.72 -37.69 2.51
CA MET B 73 1.77 -38.77 2.40
C MET B 73 2.13 -39.89 3.35
N ALA B 74 1.18 -40.79 3.57
CA ALA B 74 1.39 -41.94 4.44
C ALA B 74 2.09 -43.01 3.60
N VAL B 75 2.69 -44.00 4.27
CA VAL B 75 3.38 -45.08 3.58
C VAL B 75 2.38 -46.18 3.22
N THR B 76 1.88 -46.14 1.98
CA THR B 76 0.92 -47.14 1.51
C THR B 76 1.13 -47.34 0.02
N GLU B 77 0.61 -48.45 -0.51
CA GLU B 77 0.76 -48.73 -1.92
C GLU B 77 0.05 -47.67 -2.75
N GLU B 78 -1.14 -47.27 -2.31
CA GLU B 78 -1.89 -46.25 -3.03
C GLU B 78 -1.06 -44.97 -3.15
N MET B 79 -0.58 -44.47 -2.02
CA MET B 79 0.22 -43.25 -2.00
C MET B 79 1.53 -43.40 -2.77
N LEU B 80 2.20 -44.52 -2.59
CA LEU B 80 3.45 -44.76 -3.31
C LEU B 80 3.20 -44.72 -4.81
N ALA B 81 2.06 -45.25 -5.24
CA ALA B 81 1.72 -45.28 -6.65
C ALA B 81 1.48 -43.87 -7.17
N ILE B 82 0.76 -43.07 -6.37
CA ILE B 82 0.45 -41.70 -6.73
C ILE B 82 1.72 -40.85 -6.81
N ALA B 83 2.60 -41.02 -5.84
CA ALA B 83 3.85 -40.26 -5.81
C ALA B 83 4.71 -40.57 -7.03
N VAL B 84 4.89 -41.85 -7.32
CA VAL B 84 5.69 -42.26 -8.46
C VAL B 84 5.15 -41.67 -9.75
N GLU B 85 3.83 -41.64 -9.87
CA GLU B 85 3.22 -41.10 -11.08
C GLU B 85 3.34 -39.57 -11.12
N THR B 86 3.17 -38.93 -9.96
CA THR B 86 3.23 -37.48 -9.85
C THR B 86 4.64 -36.90 -9.99
N LYS B 87 5.63 -37.65 -9.51
CA LYS B 87 7.02 -37.24 -9.58
C LYS B 87 7.30 -35.89 -8.91
N PRO B 88 6.87 -35.73 -7.66
CA PRO B 88 7.14 -34.45 -6.99
C PRO B 88 8.66 -34.46 -6.75
N HIS B 89 9.26 -33.30 -6.52
CA HIS B 89 10.70 -33.26 -6.27
C HIS B 89 11.00 -33.90 -4.91
N PHE B 90 10.11 -33.66 -3.95
CA PHE B 90 10.27 -34.24 -2.61
C PHE B 90 9.06 -35.04 -2.22
N CYS B 91 9.25 -35.94 -1.26
CA CYS B 91 8.17 -36.74 -0.75
C CYS B 91 8.43 -36.99 0.73
N CYS B 92 7.54 -36.47 1.57
CA CYS B 92 7.67 -36.63 3.01
C CYS B 92 6.69 -37.65 3.55
N LEU B 93 7.24 -38.74 4.08
CA LEU B 93 6.46 -39.82 4.65
C LEU B 93 6.07 -39.48 6.07
N VAL B 94 4.78 -39.58 6.36
CA VAL B 94 4.29 -39.26 7.70
C VAL B 94 3.25 -40.26 8.17
N PRO B 95 3.05 -40.38 9.50
CA PRO B 95 2.07 -41.30 10.09
C PRO B 95 0.70 -40.69 9.84
N GLU B 96 -0.34 -41.50 9.71
CA GLU B 96 -1.67 -40.96 9.47
C GLU B 96 -2.79 -41.60 10.27
N LYS B 97 -3.52 -40.76 11.00
CA LYS B 97 -4.66 -41.11 11.86
C LYS B 97 -4.33 -41.07 13.35
N ARG B 98 -3.04 -41.21 13.67
CA ARG B 98 -2.55 -41.17 15.05
C ARG B 98 -3.37 -42.08 15.97
N GLN B 99 -3.40 -43.36 15.64
CA GLN B 99 -4.12 -44.38 16.40
C GLN B 99 -3.75 -45.72 15.76
N GLU B 100 -2.48 -45.84 15.40
CA GLU B 100 -2.01 -47.06 14.76
C GLU B 100 -0.61 -47.40 15.24
N VAL B 101 -0.06 -48.46 14.67
CA VAL B 101 1.29 -48.88 15.03
C VAL B 101 2.31 -48.20 14.14
N THR B 102 1.87 -47.15 13.44
CA THR B 102 2.76 -46.41 12.54
C THR B 102 3.13 -45.05 13.16
N THR B 103 2.36 -44.66 14.18
CA THR B 103 2.57 -43.40 14.85
C THR B 103 2.83 -43.55 16.35
N GLU B 104 3.67 -42.66 16.85
CA GLU B 104 4.03 -42.61 18.27
C GLU B 104 4.37 -41.14 18.56
N GLY B 105 4.49 -40.38 17.47
CA GLY B 105 4.78 -38.96 17.49
C GLY B 105 5.06 -38.65 16.03
N GLY B 106 6.27 -39.03 15.60
CA GLY B 106 6.67 -38.87 14.22
C GLY B 106 6.46 -40.23 13.58
N LEU B 107 7.15 -40.50 12.48
CA LEU B 107 7.03 -41.77 11.80
C LEU B 107 7.87 -42.81 12.52
N ASP B 108 7.33 -44.02 12.65
CA ASP B 108 8.09 -45.10 13.30
C ASP B 108 8.88 -45.81 12.21
N VAL B 109 10.11 -45.38 12.00
CA VAL B 109 10.97 -45.98 10.98
C VAL B 109 11.67 -47.21 11.57
N ALA B 110 12.19 -47.07 12.78
CA ALA B 110 12.89 -48.17 13.45
C ALA B 110 12.03 -49.43 13.56
N GLY B 111 10.74 -49.25 13.82
CA GLY B 111 9.85 -50.38 13.94
C GLY B 111 9.30 -50.95 12.64
N GLN B 112 9.57 -50.27 11.53
CA GLN B 112 9.09 -50.73 10.22
C GLN B 112 10.22 -50.60 9.22
N ARG B 113 11.41 -50.99 9.63
CA ARG B 113 12.60 -50.90 8.80
C ARG B 113 12.43 -51.49 7.41
N ASP B 114 11.76 -52.62 7.30
CA ASP B 114 11.52 -53.24 6.01
C ASP B 114 10.60 -52.39 5.12
N LYS B 115 9.47 -51.96 5.67
CA LYS B 115 8.52 -51.15 4.91
C LYS B 115 9.15 -49.86 4.41
N MET B 116 9.90 -49.19 5.28
CA MET B 116 10.53 -47.94 4.91
C MET B 116 11.66 -48.11 3.89
N ARG B 117 12.42 -49.21 4.01
CA ARG B 117 13.50 -49.47 3.07
C ARG B 117 12.94 -49.56 1.65
N ASP B 118 11.85 -50.30 1.52
CA ASP B 118 11.19 -50.47 0.24
C ASP B 118 10.60 -49.15 -0.26
N ALA B 119 9.98 -48.39 0.63
CA ALA B 119 9.39 -47.12 0.26
C ALA B 119 10.46 -46.15 -0.26
N CYS B 120 11.55 -46.01 0.48
CA CYS B 120 12.62 -45.11 0.06
C CYS B 120 13.20 -45.50 -1.28
N LYS B 121 13.38 -46.80 -1.47
CA LYS B 121 13.95 -47.29 -2.71
C LYS B 121 12.97 -47.08 -3.87
N ARG B 122 11.71 -47.40 -3.61
CA ARG B 122 10.67 -47.25 -4.62
C ARG B 122 10.58 -45.79 -5.08
N LEU B 123 10.53 -44.87 -4.11
CA LEU B 123 10.44 -43.46 -4.45
C LEU B 123 11.73 -42.93 -5.06
N ALA B 124 12.88 -43.31 -4.50
CA ALA B 124 14.15 -42.84 -5.06
C ALA B 124 14.32 -43.31 -6.51
N ASP B 125 13.86 -44.51 -6.82
CA ASP B 125 14.00 -44.99 -8.19
C ASP B 125 13.24 -44.12 -9.17
N ALA B 126 12.19 -43.44 -8.69
CA ALA B 126 11.41 -42.58 -9.57
C ALA B 126 12.00 -41.18 -9.63
N GLY B 127 13.16 -41.00 -9.02
CA GLY B 127 13.82 -39.70 -9.03
C GLY B 127 13.25 -38.74 -8.00
N ILE B 128 12.76 -39.29 -6.89
CA ILE B 128 12.16 -38.48 -5.83
C ILE B 128 13.04 -38.40 -4.57
N GLN B 129 13.22 -37.21 -4.01
CA GLN B 129 14.03 -37.08 -2.79
C GLN B 129 13.11 -37.30 -1.59
N VAL B 130 13.38 -38.35 -0.84
CA VAL B 130 12.55 -38.70 0.30
C VAL B 130 12.97 -38.13 1.65
N SER B 131 11.95 -37.72 2.40
CA SER B 131 12.15 -37.17 3.73
C SER B 131 11.23 -37.94 4.69
N LEU B 132 11.80 -38.37 5.81
CA LEU B 132 11.04 -39.09 6.83
C LEU B 132 10.74 -38.15 7.97
N PHE B 133 9.46 -37.98 8.27
CA PHE B 133 8.99 -37.12 9.35
C PHE B 133 9.08 -37.92 10.65
N ILE B 134 10.04 -37.59 11.51
CA ILE B 134 10.25 -38.31 12.77
C ILE B 134 10.58 -37.39 13.95
N ASP B 135 10.44 -37.92 15.17
CA ASP B 135 10.75 -37.12 16.36
C ASP B 135 12.27 -37.03 16.48
N ALA B 136 12.72 -36.14 17.36
CA ALA B 136 14.15 -35.94 17.61
C ALA B 136 14.61 -37.10 18.49
N ASP B 137 14.47 -38.31 17.97
CA ASP B 137 14.81 -39.55 18.66
C ASP B 137 16.01 -40.26 18.01
N GLU B 138 17.01 -40.59 18.82
CA GLU B 138 18.22 -41.26 18.35
C GLU B 138 17.95 -42.50 17.50
N GLU B 139 17.06 -43.38 17.98
CA GLU B 139 16.73 -44.61 17.26
C GLU B 139 16.12 -44.32 15.89
N GLN B 140 15.12 -43.43 15.85
CA GLN B 140 14.47 -43.09 14.58
C GLN B 140 15.43 -42.44 13.59
N ILE B 141 16.27 -41.53 14.09
CA ILE B 141 17.23 -40.85 13.23
C ILE B 141 18.19 -41.84 12.56
N LYS B 142 18.79 -42.73 13.34
CA LYS B 142 19.70 -43.71 12.79
C LYS B 142 18.98 -44.61 11.79
N ALA B 143 17.74 -44.97 12.12
CA ALA B 143 16.95 -45.82 11.24
C ALA B 143 16.67 -45.14 9.91
N ALA B 144 16.44 -43.83 9.95
CA ALA B 144 16.16 -43.07 8.73
C ALA B 144 17.34 -43.13 7.78
N ALA B 145 18.54 -42.93 8.32
CA ALA B 145 19.74 -42.98 7.49
C ALA B 145 19.96 -44.41 6.99
N GLU B 146 19.74 -45.39 7.86
CA GLU B 146 19.94 -46.80 7.49
C GLU B 146 19.04 -47.19 6.33
N VAL B 147 17.78 -46.75 6.38
CA VAL B 147 16.79 -47.03 5.35
C VAL B 147 17.10 -46.34 4.02
N GLY B 148 18.07 -45.43 4.04
CA GLY B 148 18.47 -44.73 2.82
C GLY B 148 17.80 -43.40 2.52
N ALA B 149 16.93 -42.91 3.40
CA ALA B 149 16.28 -41.64 3.15
C ALA B 149 17.30 -40.50 3.15
N PRO B 150 17.21 -39.60 2.16
CA PRO B 150 18.09 -38.45 1.98
C PRO B 150 17.89 -37.37 3.05
N PHE B 151 16.63 -37.09 3.36
CA PHE B 151 16.24 -36.07 4.35
C PHE B 151 15.39 -36.65 5.47
N ILE B 152 15.29 -35.89 6.54
CA ILE B 152 14.42 -36.23 7.66
C ILE B 152 13.82 -34.90 8.08
N GLU B 153 12.62 -34.94 8.65
CA GLU B 153 11.99 -33.72 9.12
C GLU B 153 11.65 -33.95 10.58
N ILE B 154 12.34 -33.22 11.45
CA ILE B 154 12.13 -33.33 12.89
C ILE B 154 10.78 -32.75 13.29
N HIS B 155 10.05 -33.50 14.10
CA HIS B 155 8.74 -33.08 14.58
C HIS B 155 8.97 -32.00 15.64
N THR B 156 8.65 -30.75 15.30
CA THR B 156 8.82 -29.64 16.24
C THR B 156 7.58 -29.35 17.07
N GLY B 157 6.64 -30.29 17.03
CA GLY B 157 5.41 -30.12 17.78
C GLY B 157 5.60 -29.91 19.27
N CYS B 158 6.25 -30.85 19.95
CA CYS B 158 6.47 -30.75 21.38
C CYS B 158 7.08 -29.40 21.74
N TYR B 159 7.95 -28.90 20.89
CA TYR B 159 8.60 -27.61 21.12
C TYR B 159 7.57 -26.49 20.99
N ALA B 160 6.75 -26.56 19.95
CA ALA B 160 5.72 -25.55 19.74
C ALA B 160 4.65 -25.62 20.84
N ASP B 161 4.45 -26.80 21.41
CA ASP B 161 3.45 -26.96 22.45
C ASP B 161 3.96 -26.80 23.89
N ALA B 162 5.27 -26.57 24.03
CA ALA B 162 5.87 -26.39 25.34
C ALA B 162 5.05 -25.39 26.17
N LYS B 163 4.55 -25.85 27.31
CA LYS B 163 3.74 -25.02 28.19
C LYS B 163 4.50 -23.90 28.88
N THR B 164 5.72 -24.19 29.30
CA THR B 164 6.56 -23.22 30.01
C THR B 164 7.86 -22.89 29.26
N ASP B 165 8.59 -21.89 29.75
CA ASP B 165 9.86 -21.50 29.13
C ASP B 165 10.90 -22.60 29.33
N ALA B 166 10.86 -23.24 30.49
CA ALA B 166 11.80 -24.32 30.79
C ALA B 166 11.57 -25.48 29.84
N GLU B 167 10.30 -25.85 29.68
CA GLU B 167 9.94 -26.94 28.79
C GLU B 167 10.39 -26.67 27.37
N GLN B 168 10.13 -25.47 26.88
CA GLN B 168 10.51 -25.12 25.51
C GLN B 168 12.03 -25.16 25.36
N ALA B 169 12.74 -24.79 26.42
CA ALA B 169 14.21 -24.79 26.40
C ALA B 169 14.73 -26.21 26.18
N GLN B 170 14.14 -27.15 26.91
CA GLN B 170 14.52 -28.56 26.84
C GLN B 170 14.31 -29.09 25.42
N GLU B 171 13.09 -28.89 24.92
CA GLU B 171 12.72 -29.34 23.59
C GLU B 171 13.63 -28.74 22.52
N LEU B 172 14.00 -27.48 22.67
CA LEU B 172 14.87 -26.81 21.71
C LEU B 172 16.21 -27.52 21.71
N ALA B 173 16.70 -27.83 22.90
CA ALA B 173 17.99 -28.49 23.05
C ALA B 173 17.91 -29.91 22.48
N ARG B 174 16.79 -30.58 22.74
CA ARG B 174 16.62 -31.92 22.25
C ARG B 174 16.62 -31.92 20.71
N ILE B 175 16.09 -30.85 20.11
CA ILE B 175 16.04 -30.72 18.65
C ILE B 175 17.42 -30.41 18.10
N ALA B 176 18.06 -29.39 18.68
CA ALA B 176 19.40 -28.96 18.27
C ALA B 176 20.38 -30.14 18.32
N LYS B 177 20.23 -30.98 19.33
CA LYS B 177 21.10 -32.15 19.48
C LYS B 177 20.82 -33.17 18.39
N ALA B 178 19.53 -33.41 18.14
CA ALA B 178 19.12 -34.37 17.12
C ALA B 178 19.56 -33.92 15.73
N ALA B 179 19.59 -32.62 15.50
CA ALA B 179 20.00 -32.06 14.21
C ALA B 179 21.47 -32.35 13.93
N THR B 180 22.33 -32.03 14.89
CA THR B 180 23.76 -32.26 14.71
C THR B 180 24.03 -33.76 14.49
N PHE B 181 23.35 -34.59 15.26
CA PHE B 181 23.50 -36.05 15.16
C PHE B 181 23.08 -36.59 13.80
N ALA B 182 22.06 -35.98 13.21
CA ALA B 182 21.57 -36.41 11.90
C ALA B 182 22.49 -35.94 10.78
N ALA B 183 23.10 -34.78 10.98
CA ALA B 183 24.01 -34.22 10.00
C ALA B 183 25.30 -35.02 9.95
N SER B 184 25.65 -35.65 11.07
CA SER B 184 26.88 -36.44 11.12
C SER B 184 26.67 -37.77 10.41
N LEU B 185 25.42 -38.18 10.26
CA LEU B 185 25.10 -39.43 9.56
C LEU B 185 24.90 -39.14 8.07
N GLY B 186 25.24 -37.91 7.66
CA GLY B 186 25.12 -37.51 6.27
C GLY B 186 23.71 -37.11 5.84
N LEU B 187 22.80 -37.04 6.81
CA LEU B 187 21.42 -36.68 6.52
C LEU B 187 21.15 -35.18 6.52
N LYS B 188 20.23 -34.76 5.66
CA LYS B 188 19.84 -33.37 5.58
C LYS B 188 18.62 -33.25 6.46
N VAL B 189 18.61 -32.23 7.31
CA VAL B 189 17.54 -32.05 8.26
C VAL B 189 16.61 -30.85 8.02
N ASN B 190 15.32 -31.15 8.05
CA ASN B 190 14.27 -30.16 7.88
C ASN B 190 13.47 -30.14 9.17
N ALA B 191 12.45 -29.28 9.23
CA ALA B 191 11.62 -29.18 10.41
C ALA B 191 10.35 -28.41 10.09
N GLY B 192 9.38 -28.52 10.99
CA GLY B 192 8.11 -27.84 10.80
C GLY B 192 7.04 -28.44 11.67
N HIS B 193 5.83 -27.92 11.54
CA HIS B 193 4.68 -28.36 12.32
C HIS B 193 4.68 -27.60 13.61
N GLY B 194 3.65 -26.78 13.79
CA GLY B 194 3.53 -26.00 15.01
C GLY B 194 4.41 -24.76 15.08
N LEU B 195 5.26 -24.52 14.08
CA LEU B 195 6.09 -23.33 14.15
C LEU B 195 5.24 -22.10 13.83
N THR B 196 5.50 -21.02 14.56
CA THR B 196 4.76 -19.77 14.41
C THR B 196 5.74 -18.62 14.29
N TYR B 197 5.19 -17.43 14.08
CA TYR B 197 6.00 -16.24 13.97
C TYR B 197 6.74 -15.91 15.26
N HIS B 198 6.35 -16.56 16.36
CA HIS B 198 6.97 -16.29 17.65
C HIS B 198 7.93 -17.34 18.20
N ASN B 199 8.01 -18.50 17.54
CA ASN B 199 8.92 -19.53 18.01
C ASN B 199 9.78 -20.07 16.88
N VAL B 200 9.62 -19.51 15.68
CA VAL B 200 10.38 -19.99 14.54
C VAL B 200 11.87 -19.63 14.59
N LYS B 201 12.21 -18.48 15.12
CA LYS B 201 13.62 -18.07 15.15
C LYS B 201 14.61 -19.04 15.81
N ALA B 202 14.25 -19.60 16.96
CA ALA B 202 15.14 -20.53 17.64
C ALA B 202 15.45 -21.76 16.78
N ILE B 203 14.47 -22.18 15.99
CA ILE B 203 14.68 -23.33 15.12
C ILE B 203 15.52 -22.96 13.92
N ALA B 204 15.19 -21.82 13.30
CA ALA B 204 15.92 -21.34 12.13
C ALA B 204 17.38 -21.07 12.49
N ALA B 205 17.65 -20.89 13.77
CA ALA B 205 19.01 -20.62 14.22
C ALA B 205 19.87 -21.89 14.22
N ILE B 206 19.25 -23.05 14.34
CA ILE B 206 20.00 -24.30 14.32
C ILE B 206 20.67 -24.42 12.95
N PRO B 207 22.01 -24.33 12.89
CA PRO B 207 22.81 -24.41 11.66
C PRO B 207 22.48 -25.56 10.71
N GLU B 208 22.19 -26.72 11.27
CA GLU B 208 21.88 -27.91 10.47
C GLU B 208 20.59 -27.83 9.64
N MET B 209 19.63 -27.03 10.08
CA MET B 209 18.36 -26.94 9.36
C MET B 209 18.53 -26.46 7.92
N HIS B 210 17.93 -27.20 6.99
CA HIS B 210 17.99 -26.87 5.58
C HIS B 210 16.74 -26.14 5.10
N GLU B 211 15.59 -26.69 5.44
CA GLU B 211 14.33 -26.09 5.05
C GLU B 211 13.25 -26.28 6.10
N LEU B 212 12.51 -25.22 6.39
CA LEU B 212 11.43 -25.31 7.35
C LEU B 212 10.14 -25.34 6.55
N ASN B 213 9.27 -26.29 6.86
CA ASN B 213 7.98 -26.42 6.20
C ASN B 213 6.92 -25.96 7.20
N ILE B 214 6.29 -24.83 6.90
CA ILE B 214 5.28 -24.24 7.78
C ILE B 214 3.93 -24.14 7.08
N GLY B 215 2.87 -24.52 7.79
CA GLY B 215 1.56 -24.45 7.20
C GLY B 215 0.57 -23.57 7.95
N HIS B 216 -0.06 -24.14 8.96
CA HIS B 216 -1.07 -23.47 9.77
C HIS B 216 -0.80 -22.04 10.22
N ALA B 217 0.35 -21.78 10.84
CA ALA B 217 0.67 -20.44 11.31
C ALA B 217 0.57 -19.40 10.20
N ILE B 218 1.10 -19.74 9.04
CA ILE B 218 1.08 -18.84 7.89
C ILE B 218 -0.34 -18.60 7.38
N ILE B 219 -1.13 -19.65 7.25
CA ILE B 219 -2.48 -19.45 6.77
C ILE B 219 -3.33 -18.70 7.79
N GLY B 220 -3.06 -18.92 9.07
CA GLY B 220 -3.79 -18.23 10.11
C GLY B 220 -3.49 -16.75 10.06
N ARG B 221 -2.26 -16.38 9.72
CA ARG B 221 -1.90 -14.98 9.61
C ARG B 221 -2.57 -14.42 8.37
N ALA B 222 -2.47 -15.15 7.27
CA ALA B 222 -3.04 -14.74 5.98
C ALA B 222 -4.50 -14.28 5.98
N VAL B 223 -5.35 -14.95 6.75
CA VAL B 223 -6.75 -14.56 6.79
C VAL B 223 -6.87 -13.12 7.24
N MET B 224 -5.86 -12.65 7.96
CA MET B 224 -5.84 -11.29 8.47
C MET B 224 -5.07 -10.35 7.54
N THR B 225 -3.79 -10.64 7.34
CA THR B 225 -2.89 -9.83 6.52
C THR B 225 -2.80 -10.17 5.04
N GLY B 226 -3.29 -11.34 4.64
CA GLY B 226 -3.20 -11.74 3.25
C GLY B 226 -1.96 -12.62 3.14
N LEU B 227 -1.99 -13.59 2.23
CA LEU B 227 -0.88 -14.54 2.06
C LEU B 227 0.47 -13.96 1.73
N LYS B 228 0.51 -13.01 0.81
CA LYS B 228 1.79 -12.43 0.41
C LYS B 228 2.53 -12.00 1.66
N ASP B 229 1.91 -11.11 2.42
CA ASP B 229 2.45 -10.58 3.66
C ASP B 229 2.87 -11.68 4.63
N ALA B 230 1.96 -12.61 4.86
CA ALA B 230 2.20 -13.72 5.78
C ALA B 230 3.47 -14.49 5.47
N VAL B 231 3.66 -14.84 4.19
CA VAL B 231 4.82 -15.60 3.77
C VAL B 231 6.09 -14.77 3.83
N ALA B 232 6.02 -13.54 3.33
CA ALA B 232 7.18 -12.64 3.33
C ALA B 232 7.65 -12.43 4.77
N GLU B 233 6.69 -12.23 5.67
CA GLU B 233 6.96 -12.01 7.09
C GLU B 233 7.76 -13.19 7.64
N MET B 234 7.25 -14.39 7.44
CA MET B 234 7.89 -15.61 7.94
C MET B 234 9.28 -15.84 7.38
N LYS B 235 9.45 -15.59 6.09
CA LYS B 235 10.75 -15.77 5.45
C LYS B 235 11.76 -14.78 6.01
N ARG B 236 11.35 -13.53 6.20
CA ARG B 236 12.26 -12.51 6.74
C ARG B 236 12.73 -12.87 8.14
N LEU B 237 11.82 -13.38 8.96
CA LEU B 237 12.16 -13.77 10.32
C LEU B 237 13.20 -14.88 10.29
N MET B 238 12.94 -15.90 9.47
CA MET B 238 13.86 -17.02 9.33
C MET B 238 15.25 -16.56 8.90
N LEU B 239 15.31 -15.71 7.88
CA LEU B 239 16.60 -15.24 7.43
C LEU B 239 17.32 -14.37 8.47
N GLU B 240 16.56 -13.66 9.31
CA GLU B 240 17.17 -12.84 10.35
C GLU B 240 17.83 -13.76 11.38
N ALA B 241 17.16 -14.83 11.77
CA ALA B 241 17.70 -15.76 12.74
C ALA B 241 18.92 -16.53 12.26
N ARG B 242 18.94 -16.88 10.96
CA ARG B 242 20.02 -17.66 10.37
C ARG B 242 21.18 -16.84 9.81
N GLY B 243 20.99 -16.36 8.58
CA GLY B 243 22.02 -15.58 7.91
C GLY B 243 22.65 -14.58 8.85
N ALA C 2 31.21 3.04 12.91
CA ALA C 2 30.43 4.13 13.55
C ALA C 2 29.02 4.23 12.94
N GLU C 3 28.12 4.91 13.63
CA GLU C 3 26.76 5.07 13.14
C GLU C 3 26.74 6.18 12.08
N LEU C 4 25.84 6.04 11.11
CA LEU C 4 25.71 7.00 10.03
C LEU C 4 24.33 7.65 10.12
N LEU C 5 24.31 8.97 10.19
CA LEU C 5 23.07 9.73 10.31
C LEU C 5 22.70 10.41 8.99
N LEU C 6 21.41 10.69 8.83
CA LEU C 6 20.93 11.33 7.62
C LEU C 6 20.23 12.64 7.96
N GLY C 7 20.67 13.72 7.32
CA GLY C 7 20.04 15.00 7.55
C GLY C 7 19.30 15.36 6.28
N VAL C 8 17.98 15.43 6.32
CA VAL C 8 17.24 15.77 5.11
C VAL C 8 17.13 17.28 4.99
N ASN C 9 17.53 17.80 3.84
CA ASN C 9 17.45 19.23 3.57
C ASN C 9 16.14 19.41 2.80
N ILE C 10 15.23 20.23 3.33
CA ILE C 10 13.94 20.43 2.71
C ILE C 10 13.77 21.74 1.97
N ASP C 11 14.88 22.39 1.63
CA ASP C 11 14.86 23.66 0.90
C ASP C 11 14.02 23.57 -0.38
N HIS C 12 14.17 22.48 -1.13
CA HIS C 12 13.44 22.38 -2.38
C HIS C 12 11.93 22.24 -2.27
N ILE C 13 11.43 21.96 -1.06
CA ILE C 13 9.98 21.89 -0.88
C ILE C 13 9.56 23.37 -0.95
N ALA C 14 10.37 24.25 -0.35
CA ALA C 14 10.07 25.68 -0.38
C ALA C 14 10.30 26.25 -1.78
N THR C 15 11.25 25.70 -2.52
CA THR C 15 11.48 26.22 -3.87
C THR C 15 10.21 26.01 -4.69
N LEU C 16 9.50 24.93 -4.38
CA LEU C 16 8.27 24.60 -5.08
C LEU C 16 7.13 25.52 -4.64
N ARG C 17 7.09 25.84 -3.36
CA ARG C 17 6.04 26.71 -2.82
C ARG C 17 6.20 28.13 -3.36
N ASN C 18 7.42 28.63 -3.27
CA ASN C 18 7.78 29.96 -3.72
C ASN C 18 7.54 30.20 -5.21
N ALA C 19 7.51 29.14 -6.01
CA ALA C 19 7.24 29.29 -7.44
C ALA C 19 5.94 30.07 -7.59
N ARG C 20 5.07 29.95 -6.59
CA ARG C 20 3.78 30.67 -6.52
C ARG C 20 3.71 31.37 -5.16
N GLY C 21 2.70 32.21 -4.96
CA GLY C 21 2.60 32.90 -3.68
C GLY C 21 1.85 32.10 -2.62
N THR C 22 1.59 30.83 -2.93
CA THR C 22 0.86 29.92 -2.06
C THR C 22 1.61 29.49 -0.79
N ALA C 23 0.91 28.80 0.10
CA ALA C 23 1.53 28.32 1.34
C ALA C 23 1.99 26.87 1.21
N TYR C 24 1.44 26.16 0.23
CA TYR C 24 1.77 24.76 -0.03
C TYR C 24 2.75 24.63 -1.21
N PRO C 25 3.64 23.63 -1.19
CA PRO C 25 3.75 22.64 -0.11
C PRO C 25 4.47 23.30 1.06
N ASP C 26 4.10 22.92 2.28
CA ASP C 26 4.69 23.51 3.47
C ASP C 26 5.86 22.72 4.03
N PRO C 27 7.04 23.35 4.16
CA PRO C 27 8.22 22.67 4.69
C PRO C 27 7.95 22.05 6.07
N VAL C 28 7.01 22.63 6.82
CA VAL C 28 6.69 22.12 8.17
C VAL C 28 6.15 20.70 8.08
N GLN C 29 5.35 20.42 7.05
CA GLN C 29 4.79 19.09 6.84
C GLN C 29 5.87 18.12 6.41
N ALA C 30 6.71 18.56 5.48
CA ALA C 30 7.78 17.72 4.99
C ALA C 30 8.69 17.29 6.14
N ALA C 31 8.96 18.22 7.06
CA ALA C 31 9.83 17.93 8.20
C ALA C 31 9.29 16.74 8.99
N PHE C 32 8.00 16.76 9.33
CA PHE C 32 7.40 15.67 10.07
C PHE C 32 7.56 14.34 9.34
N ILE C 33 7.20 14.31 8.06
CA ILE C 33 7.31 13.09 7.25
C ILE C 33 8.74 12.55 7.21
N ALA C 34 9.69 13.43 6.95
CA ALA C 34 11.10 13.04 6.86
C ALA C 34 11.60 12.50 8.20
N GLU C 35 11.29 13.19 9.29
CA GLU C 35 11.71 12.78 10.63
C GLU C 35 11.15 11.43 11.04
N GLN C 36 10.04 11.03 10.43
CA GLN C 36 9.45 9.76 10.77
C GLN C 36 9.74 8.68 9.71
N ALA C 37 10.53 9.05 8.71
CA ALA C 37 10.88 8.11 7.64
C ALA C 37 12.37 7.78 7.53
N GLY C 38 13.17 8.26 8.46
CA GLY C 38 14.58 7.96 8.40
C GLY C 38 15.51 9.14 8.60
N ALA C 39 14.95 10.35 8.67
CA ALA C 39 15.76 11.55 8.88
C ALA C 39 16.12 11.67 10.36
N ASP C 40 17.40 11.86 10.62
CA ASP C 40 17.91 11.99 11.97
C ASP C 40 17.99 13.46 12.36
N GLY C 41 17.75 14.31 11.37
CA GLY C 41 17.78 15.74 11.56
C GLY C 41 17.26 16.40 10.31
N ILE C 42 16.82 17.64 10.45
CA ILE C 42 16.30 18.41 9.31
C ILE C 42 17.21 19.60 9.07
N THR C 43 17.61 19.78 7.82
CA THR C 43 18.49 20.87 7.43
C THR C 43 17.72 21.87 6.57
N VAL C 44 17.96 23.15 6.82
CA VAL C 44 17.35 24.21 6.02
C VAL C 44 18.43 25.26 5.80
N HIS C 45 18.44 25.85 4.61
CA HIS C 45 19.41 26.87 4.28
C HIS C 45 18.65 28.16 4.09
N LEU C 46 18.79 29.07 5.05
CA LEU C 46 18.12 30.35 4.99
C LEU C 46 19.02 31.28 4.18
N ARG C 47 18.70 31.45 2.90
CA ARG C 47 19.49 32.31 2.01
C ARG C 47 19.13 33.78 2.25
N GLU C 48 20.12 34.66 2.08
CA GLU C 48 19.84 36.08 2.28
C GLU C 48 18.73 36.54 1.33
N ASP C 49 18.68 36.01 0.11
CA ASP C 49 17.62 36.40 -0.82
C ASP C 49 16.32 35.63 -0.57
N ARG C 50 16.31 34.85 0.51
CA ARG C 50 15.14 34.05 0.89
C ARG C 50 14.53 33.42 -0.35
N ARG C 51 15.39 32.82 -1.17
CA ARG C 51 14.99 32.16 -2.41
C ARG C 51 13.96 31.06 -2.16
N HIS C 52 14.19 30.23 -1.16
CA HIS C 52 13.25 29.16 -0.86
C HIS C 52 12.81 29.18 0.60
N ILE C 53 13.64 28.67 1.50
CA ILE C 53 13.29 28.70 2.92
C ILE C 53 13.23 30.18 3.32
N THR C 54 12.27 30.51 4.17
CA THR C 54 12.07 31.89 4.65
C THR C 54 12.24 31.96 6.15
N ASP C 55 12.21 33.18 6.69
CA ASP C 55 12.33 33.40 8.12
C ASP C 55 11.16 32.73 8.84
N ARG C 56 9.99 32.80 8.21
CA ARG C 56 8.77 32.20 8.73
C ARG C 56 8.99 30.70 8.93
N ASP C 57 9.53 30.04 7.91
CA ASP C 57 9.77 28.60 7.99
C ASP C 57 10.70 28.26 9.16
N VAL C 58 11.86 28.91 9.22
CA VAL C 58 12.81 28.65 10.30
C VAL C 58 12.19 28.87 11.68
N ARG C 59 11.41 29.94 11.82
CA ARG C 59 10.77 30.23 13.10
C ARG C 59 9.81 29.11 13.53
N ILE C 60 8.97 28.65 12.61
CA ILE C 60 8.02 27.58 12.93
C ILE C 60 8.75 26.26 13.12
N LEU C 61 9.60 25.90 12.17
CA LEU C 61 10.36 24.65 12.25
C LEU C 61 11.03 24.48 13.62
N ARG C 62 11.60 25.55 14.15
CA ARG C 62 12.26 25.48 15.44
C ARG C 62 11.30 25.04 16.55
N GLN C 63 10.01 25.28 16.35
CA GLN C 63 9.01 24.90 17.34
C GLN C 63 8.32 23.56 17.07
N THR C 64 8.38 23.08 15.84
CA THR C 64 7.74 21.82 15.47
C THR C 64 8.67 20.64 15.29
N LEU C 65 9.91 20.89 14.89
CA LEU C 65 10.88 19.82 14.69
C LEU C 65 10.95 18.92 15.91
N ASP C 66 11.06 17.62 15.67
CA ASP C 66 11.15 16.64 16.74
C ASP C 66 12.60 16.22 16.88
N THR C 67 13.39 16.51 15.85
CA THR C 67 14.82 16.19 15.83
C THR C 67 15.62 17.49 15.79
N ARG C 68 16.94 17.40 15.87
CA ARG C 68 17.75 18.61 15.86
C ARG C 68 17.73 19.34 14.53
N MET C 69 17.71 20.67 14.62
CA MET C 69 17.70 21.50 13.44
C MET C 69 19.12 21.87 13.02
N ASN C 70 19.37 21.83 11.71
CA ASN C 70 20.66 22.21 11.16
C ASN C 70 20.39 23.39 10.26
N LEU C 71 20.84 24.58 10.67
CA LEU C 71 20.61 25.77 9.87
C LEU C 71 21.84 26.12 9.06
N GLU C 72 21.74 26.02 7.73
CA GLU C 72 22.85 26.36 6.86
C GLU C 72 22.68 27.83 6.53
N MET C 73 23.77 28.58 6.58
CA MET C 73 23.71 30.01 6.35
C MET C 73 25.05 30.59 5.96
N ALA C 74 25.00 31.82 5.45
CA ALA C 74 26.20 32.54 5.04
C ALA C 74 26.77 33.19 6.29
N VAL C 75 28.09 33.40 6.31
CA VAL C 75 28.71 34.00 7.47
C VAL C 75 28.59 35.52 7.41
N THR C 76 27.39 36.03 7.68
CA THR C 76 27.14 37.48 7.68
C THR C 76 26.47 37.90 8.97
N GLU C 77 26.62 39.17 9.33
CA GLU C 77 26.03 39.69 10.56
C GLU C 77 24.53 39.38 10.63
N GLU C 78 23.85 39.54 9.50
CA GLU C 78 22.41 39.26 9.41
C GLU C 78 22.09 37.84 9.85
N MET C 79 22.82 36.87 9.32
CA MET C 79 22.54 35.48 9.66
C MET C 79 23.03 35.12 11.07
N LEU C 80 24.23 35.55 11.43
CA LEU C 80 24.74 35.26 12.77
C LEU C 80 23.71 35.66 13.82
N ALA C 81 23.05 36.81 13.63
CA ALA C 81 22.05 37.30 14.57
C ALA C 81 20.81 36.40 14.64
N ILE C 82 20.34 35.98 13.48
CA ILE C 82 19.16 35.12 13.42
C ILE C 82 19.49 33.78 14.06
N ALA C 83 20.69 33.27 13.77
CA ALA C 83 21.12 31.99 14.31
C ALA C 83 21.12 31.98 15.83
N VAL C 84 21.68 33.03 16.43
CA VAL C 84 21.75 33.14 17.89
C VAL C 84 20.37 33.16 18.53
N GLU C 85 19.43 33.87 17.90
CA GLU C 85 18.09 33.95 18.45
C GLU C 85 17.33 32.63 18.24
N THR C 86 17.60 31.96 17.13
CA THR C 86 16.93 30.70 16.82
C THR C 86 17.51 29.52 17.61
N LYS C 87 18.80 29.62 17.92
CA LYS C 87 19.46 28.57 18.67
C LYS C 87 19.21 27.15 18.13
N PRO C 88 19.59 26.89 16.87
CA PRO C 88 19.37 25.55 16.32
C PRO C 88 20.46 24.67 16.91
N HIS C 89 20.25 23.36 16.89
CA HIS C 89 21.25 22.45 17.43
C HIS C 89 22.54 22.57 16.63
N PHE C 90 22.40 22.58 15.31
CA PHE C 90 23.53 22.66 14.40
C PHE C 90 23.45 23.89 13.51
N CYS C 91 24.63 24.34 13.07
CA CYS C 91 24.75 25.49 12.20
C CYS C 91 25.87 25.20 11.20
N CYS C 92 25.56 25.22 9.92
CA CYS C 92 26.56 24.95 8.88
C CYS C 92 26.80 26.23 8.09
N LEU C 93 27.99 26.79 8.23
CA LEU C 93 28.32 28.02 7.52
C LEU C 93 28.80 27.65 6.11
N VAL C 94 28.21 28.30 5.11
CA VAL C 94 28.55 28.03 3.72
C VAL C 94 28.73 29.35 2.96
N PRO C 95 29.38 29.31 1.78
CA PRO C 95 29.58 30.52 0.98
C PRO C 95 28.25 30.79 0.31
N GLU C 96 27.98 32.05 -0.03
CA GLU C 96 26.70 32.36 -0.66
C GLU C 96 26.76 33.58 -1.56
N LYS C 97 26.00 33.51 -2.66
CA LYS C 97 25.93 34.59 -3.64
C LYS C 97 24.50 34.66 -4.15
N ARG C 98 24.04 35.86 -4.47
CA ARG C 98 22.68 36.06 -4.96
C ARG C 98 22.38 35.43 -6.31
N GLN C 99 23.32 35.49 -7.24
CA GLN C 99 23.09 34.90 -8.56
C GLN C 99 23.63 33.47 -8.72
N GLU C 100 23.84 32.77 -7.62
CA GLU C 100 24.33 31.41 -7.70
C GLU C 100 23.17 30.41 -7.78
N VAL C 101 23.36 29.36 -8.57
CA VAL C 101 22.35 28.32 -8.73
C VAL C 101 22.21 27.54 -7.41
N THR C 102 23.33 27.30 -6.76
CA THR C 102 23.35 26.59 -5.49
C THR C 102 24.70 26.85 -4.81
N THR C 103 24.92 26.22 -3.67
CA THR C 103 26.18 26.39 -2.95
C THR C 103 27.31 25.91 -3.84
N GLU C 104 28.18 26.82 -4.25
CA GLU C 104 29.31 26.49 -5.11
C GLU C 104 30.42 25.77 -4.34
N GLY C 105 31.66 26.16 -4.56
CA GLY C 105 32.77 25.53 -3.87
C GLY C 105 32.62 25.58 -2.36
N GLY C 106 33.68 25.22 -1.65
CA GLY C 106 33.63 25.23 -0.21
C GLY C 106 33.81 26.63 0.34
N LEU C 107 33.75 26.74 1.67
CA LEU C 107 33.90 28.02 2.35
C LEU C 107 35.39 28.25 2.59
N ASP C 108 35.85 29.47 2.26
CA ASP C 108 37.26 29.81 2.46
C ASP C 108 37.53 30.15 3.92
N VAL C 109 38.14 29.22 4.63
CA VAL C 109 38.46 29.42 6.03
C VAL C 109 39.89 29.95 6.18
N ALA C 110 40.77 29.59 5.24
CA ALA C 110 42.15 30.06 5.31
C ALA C 110 42.23 31.58 5.23
N GLY C 111 42.03 32.12 4.03
CA GLY C 111 42.08 33.56 3.84
C GLY C 111 40.91 34.30 4.46
N GLN C 112 40.47 33.84 5.61
CA GLN C 112 39.34 34.47 6.27
C GLN C 112 39.21 33.90 7.67
N ARG C 113 40.36 33.71 8.30
CA ARG C 113 40.42 33.14 9.65
C ARG C 113 39.70 33.92 10.74
N ASP C 114 40.10 35.17 10.95
CA ASP C 114 39.47 35.98 11.99
C ASP C 114 37.96 36.05 11.83
N LYS C 115 37.48 36.11 10.59
CA LYS C 115 36.04 36.16 10.38
C LYS C 115 35.38 34.87 10.88
N MET C 116 35.94 33.73 10.53
CA MET C 116 35.38 32.45 10.97
C MET C 116 35.58 32.18 12.46
N ARG C 117 36.63 32.75 13.03
CA ARG C 117 36.93 32.58 14.44
C ARG C 117 35.84 33.20 15.30
N ASP C 118 35.49 34.45 14.97
CA ASP C 118 34.46 35.18 15.70
C ASP C 118 33.08 34.58 15.51
N ALA C 119 32.84 34.03 14.32
CA ALA C 119 31.55 33.41 14.03
C ALA C 119 31.36 32.16 14.88
N CYS C 120 32.33 31.26 14.86
CA CYS C 120 32.25 30.02 15.64
C CYS C 120 32.08 30.30 17.13
N LYS C 121 32.75 31.32 17.64
CA LYS C 121 32.64 31.66 19.04
C LYS C 121 31.26 32.23 19.37
N ARG C 122 30.74 33.12 18.52
CA ARG C 122 29.41 33.69 18.77
C ARG C 122 28.34 32.62 18.80
N LEU C 123 28.36 31.74 17.79
CA LEU C 123 27.39 30.67 17.72
C LEU C 123 27.60 29.70 18.87
N ALA C 124 28.87 29.47 19.22
CA ALA C 124 29.16 28.56 20.32
C ALA C 124 28.59 29.09 21.63
N ASP C 125 28.68 30.40 21.84
CA ASP C 125 28.15 31.00 23.07
C ASP C 125 26.64 30.79 23.20
N ALA C 126 25.97 30.66 22.06
CA ALA C 126 24.52 30.45 22.05
C ALA C 126 24.20 28.97 22.24
N GLY C 127 25.24 28.13 22.22
CA GLY C 127 25.05 26.70 22.40
C GLY C 127 24.84 25.93 21.12
N ILE C 128 25.31 26.50 20.02
CA ILE C 128 25.18 25.89 18.71
C ILE C 128 26.46 25.19 18.29
N GLN C 129 26.33 23.99 17.72
CA GLN C 129 27.49 23.26 17.24
C GLN C 129 27.69 23.65 15.79
N VAL C 130 28.81 24.32 15.52
CA VAL C 130 29.11 24.80 14.18
C VAL C 130 29.86 23.85 13.27
N SER C 131 29.40 23.77 12.03
CA SER C 131 30.03 22.92 11.04
C SER C 131 30.47 23.82 9.90
N LEU C 132 31.67 23.59 9.38
CA LEU C 132 32.17 24.39 8.28
C LEU C 132 32.13 23.60 6.98
N PHE C 133 31.43 24.14 6.00
CA PHE C 133 31.28 23.52 4.69
C PHE C 133 32.47 23.88 3.80
N ILE C 134 33.44 22.97 3.68
CA ILE C 134 34.61 23.24 2.86
C ILE C 134 34.95 22.11 1.89
N ASP C 135 35.84 22.40 0.94
CA ASP C 135 36.24 21.40 -0.04
C ASP C 135 37.15 20.39 0.62
N ALA C 136 37.43 19.29 -0.07
CA ALA C 136 38.30 18.25 0.49
C ALA C 136 39.74 18.74 0.34
N ASP C 137 40.02 19.88 0.95
CA ASP C 137 41.34 20.51 0.88
C ASP C 137 42.07 20.48 2.22
N GLU C 138 43.26 19.88 2.22
CA GLU C 138 44.09 19.76 3.42
C GLU C 138 44.30 21.11 4.13
N GLU C 139 44.42 22.18 3.35
CA GLU C 139 44.62 23.50 3.92
C GLU C 139 43.35 24.04 4.56
N GLN C 140 42.21 23.72 3.95
CA GLN C 140 40.93 24.19 4.49
C GLN C 140 40.60 23.42 5.76
N ILE C 141 41.01 22.16 5.81
CA ILE C 141 40.75 21.31 6.97
C ILE C 141 41.52 21.81 8.19
N LYS C 142 42.77 22.19 7.99
CA LYS C 142 43.62 22.67 9.07
C LYS C 142 43.02 23.95 9.67
N ALA C 143 42.53 24.83 8.80
CA ALA C 143 41.93 26.08 9.24
C ALA C 143 40.70 25.83 10.10
N ALA C 144 39.78 25.02 9.59
CA ALA C 144 38.56 24.71 10.31
C ALA C 144 38.88 24.30 11.74
N ALA C 145 39.82 23.39 11.90
CA ALA C 145 40.20 22.93 13.23
C ALA C 145 40.83 24.05 14.06
N GLU C 146 41.48 25.00 13.41
CA GLU C 146 42.12 26.09 14.12
C GLU C 146 41.21 27.23 14.52
N VAL C 147 40.14 27.45 13.76
CA VAL C 147 39.19 28.52 14.08
C VAL C 147 38.31 28.11 15.25
N GLY C 148 38.31 26.82 15.58
CA GLY C 148 37.51 26.35 16.69
C GLY C 148 36.23 25.62 16.35
N ALA C 149 36.03 25.34 15.06
CA ALA C 149 34.82 24.62 14.62
C ALA C 149 34.97 23.13 14.90
N PRO C 150 33.98 22.52 15.53
CA PRO C 150 34.03 21.08 15.84
C PRO C 150 33.70 20.19 14.66
N PHE C 151 32.86 20.68 13.75
CA PHE C 151 32.46 19.94 12.57
C PHE C 151 32.90 20.63 11.28
N ILE C 152 32.90 19.85 10.21
CA ILE C 152 33.21 20.33 8.87
C ILE C 152 32.40 19.43 7.94
N GLU C 153 31.83 20.00 6.91
CA GLU C 153 31.07 19.22 5.94
C GLU C 153 31.85 19.32 4.63
N ILE C 154 32.25 18.15 4.11
CA ILE C 154 33.02 18.09 2.88
C ILE C 154 32.14 18.17 1.64
N HIS C 155 32.40 19.17 0.81
CA HIS C 155 31.63 19.36 -0.40
C HIS C 155 31.80 18.17 -1.34
N THR C 156 30.69 17.50 -1.67
CA THR C 156 30.73 16.33 -2.54
C THR C 156 30.21 16.64 -3.94
N GLY C 157 30.01 17.93 -4.21
CA GLY C 157 29.51 18.34 -5.50
C GLY C 157 30.39 17.93 -6.67
N CYS C 158 31.71 18.00 -6.50
CA CYS C 158 32.61 17.60 -7.58
C CYS C 158 32.49 16.12 -7.82
N TYR C 159 32.47 15.35 -6.72
CA TYR C 159 32.34 13.89 -6.79
C TYR C 159 31.09 13.51 -7.59
N ALA C 160 29.96 14.10 -7.21
CA ALA C 160 28.69 13.83 -7.88
C ALA C 160 28.64 14.36 -9.31
N ASP C 161 29.46 15.37 -9.61
CA ASP C 161 29.48 15.97 -10.94
C ASP C 161 30.46 15.30 -11.91
N ALA C 162 31.28 14.37 -11.43
CA ALA C 162 32.24 13.68 -12.27
C ALA C 162 31.59 13.12 -13.54
N LYS C 163 32.25 13.30 -14.68
CA LYS C 163 31.74 12.86 -15.96
C LYS C 163 32.12 11.41 -16.27
N THR C 164 33.38 11.08 -15.99
CA THR C 164 33.89 9.73 -16.23
C THR C 164 34.05 8.98 -14.92
N ASP C 165 34.12 7.66 -15.01
CA ASP C 165 34.29 6.82 -13.83
C ASP C 165 35.63 7.05 -13.18
N ALA C 166 36.62 7.38 -14.00
CA ALA C 166 37.97 7.62 -13.48
C ALA C 166 38.05 8.93 -12.70
N GLU C 167 37.33 9.95 -13.17
CA GLU C 167 37.34 11.22 -12.47
C GLU C 167 36.62 11.09 -11.15
N GLN C 168 35.57 10.29 -11.14
CA GLN C 168 34.79 10.09 -9.94
C GLN C 168 35.62 9.37 -8.89
N ALA C 169 36.41 8.38 -9.32
CA ALA C 169 37.25 7.63 -8.40
C ALA C 169 38.27 8.55 -7.75
N GLN C 170 38.72 9.54 -8.52
CA GLN C 170 39.69 10.51 -8.04
C GLN C 170 39.08 11.39 -6.95
N GLU C 171 37.89 11.92 -7.22
CA GLU C 171 37.21 12.77 -6.26
C GLU C 171 36.89 11.97 -5.00
N LEU C 172 36.49 10.72 -5.19
CA LEU C 172 36.16 9.84 -4.08
C LEU C 172 37.37 9.61 -3.18
N ALA C 173 38.50 9.29 -3.79
CA ALA C 173 39.73 9.05 -3.02
C ALA C 173 40.12 10.34 -2.31
N ARG C 174 39.93 11.47 -2.99
CA ARG C 174 40.24 12.79 -2.44
C ARG C 174 39.42 13.07 -1.19
N ILE C 175 38.13 12.80 -1.27
CA ILE C 175 37.21 13.00 -0.15
C ILE C 175 37.60 12.10 1.02
N ALA C 176 37.73 10.80 0.75
CA ALA C 176 38.10 9.82 1.78
C ALA C 176 39.35 10.23 2.54
N LYS C 177 40.41 10.52 1.80
CA LYS C 177 41.66 10.94 2.44
C LYS C 177 41.41 12.18 3.27
N ALA C 178 40.79 13.19 2.65
CA ALA C 178 40.50 14.43 3.36
C ALA C 178 39.71 14.15 4.63
N ALA C 179 38.80 13.19 4.58
CA ALA C 179 38.00 12.86 5.76
C ALA C 179 38.85 12.20 6.84
N THR C 180 39.82 11.41 6.42
CA THR C 180 40.71 10.71 7.35
C THR C 180 41.59 11.70 8.12
N PHE C 181 42.14 12.66 7.40
CA PHE C 181 43.00 13.67 8.00
C PHE C 181 42.21 14.56 8.97
N ALA C 182 41.00 14.92 8.58
CA ALA C 182 40.15 15.76 9.41
C ALA C 182 39.98 15.15 10.78
N ALA C 183 39.77 13.83 10.80
CA ALA C 183 39.57 13.09 12.03
C ALA C 183 40.80 13.13 12.93
N SER C 184 41.99 13.12 12.32
CA SER C 184 43.21 13.15 13.12
C SER C 184 43.32 14.49 13.83
N LEU C 185 42.69 15.52 13.26
CA LEU C 185 42.70 16.85 13.85
C LEU C 185 41.57 17.01 14.86
N GLY C 186 40.91 15.91 15.19
CA GLY C 186 39.83 15.95 16.14
C GLY C 186 38.51 16.45 15.58
N LEU C 187 38.48 16.72 14.28
CA LEU C 187 37.28 17.21 13.60
C LEU C 187 36.28 16.09 13.32
N LYS C 188 35.00 16.38 13.52
CA LYS C 188 33.93 15.43 13.21
C LYS C 188 33.53 15.75 11.78
N VAL C 189 33.52 14.74 10.91
CA VAL C 189 33.23 14.98 9.50
C VAL C 189 31.88 14.57 8.92
N ASN C 190 31.25 15.51 8.21
CA ASN C 190 29.98 15.28 7.54
C ASN C 190 30.24 15.51 6.06
N ALA C 191 29.28 15.13 5.23
CA ALA C 191 29.39 15.32 3.79
C ALA C 191 28.02 15.62 3.22
N GLY C 192 28.00 16.22 2.04
CA GLY C 192 26.74 16.54 1.42
C GLY C 192 26.92 17.38 0.16
N HIS C 193 25.82 17.48 -0.57
CA HIS C 193 25.70 18.21 -1.83
C HIS C 193 25.91 17.33 -3.06
N GLY C 194 24.83 17.16 -3.83
CA GLY C 194 24.89 16.38 -5.04
C GLY C 194 24.77 14.88 -4.83
N LEU C 195 24.60 14.43 -3.58
CA LEU C 195 24.47 13.00 -3.35
C LEU C 195 23.12 12.52 -3.84
N THR C 196 23.14 11.44 -4.62
CA THR C 196 21.94 10.86 -5.21
C THR C 196 21.75 9.42 -4.76
N TYR C 197 20.69 8.79 -5.24
CA TYR C 197 20.42 7.41 -4.90
C TYR C 197 21.42 6.49 -5.57
N HIS C 198 22.12 6.98 -6.60
CA HIS C 198 23.08 6.11 -7.28
C HIS C 198 24.56 6.37 -6.99
N ASN C 199 24.86 7.32 -6.10
CA ASN C 199 26.26 7.57 -5.77
C ASN C 199 26.48 7.80 -4.29
N VAL C 200 25.44 7.60 -3.49
CA VAL C 200 25.58 7.84 -2.05
C VAL C 200 26.35 6.75 -1.29
N LYS C 201 26.20 5.50 -1.73
CA LYS C 201 26.88 4.39 -1.05
C LYS C 201 28.40 4.49 -0.90
N ALA C 202 29.08 4.92 -1.96
CA ALA C 202 30.53 5.03 -1.90
C ALA C 202 30.96 6.06 -0.85
N ILE C 203 30.12 7.09 -0.66
CA ILE C 203 30.39 8.14 0.32
C ILE C 203 30.03 7.66 1.73
N ALA C 204 28.91 6.97 1.85
CA ALA C 204 28.46 6.43 3.14
C ALA C 204 29.43 5.38 3.65
N ALA C 205 30.26 4.88 2.74
CA ALA C 205 31.25 3.85 3.08
C ALA C 205 32.44 4.41 3.86
N ILE C 206 32.70 5.70 3.69
CA ILE C 206 33.79 6.38 4.39
C ILE C 206 33.52 6.28 5.89
N PRO C 207 34.38 5.54 6.62
CA PRO C 207 34.25 5.33 8.07
C PRO C 207 34.13 6.60 8.89
N GLU C 208 34.90 7.61 8.54
CA GLU C 208 34.89 8.84 9.30
C GLU C 208 33.58 9.62 9.21
N MET C 209 32.84 9.45 8.12
CA MET C 209 31.58 10.18 7.95
C MET C 209 30.59 10.00 9.10
N HIS C 210 30.09 11.12 9.60
CA HIS C 210 29.15 11.12 10.71
C HIS C 210 27.70 11.27 10.26
N GLU C 211 27.44 12.26 9.41
CA GLU C 211 26.09 12.52 8.90
C GLU C 211 26.16 13.03 7.46
N LEU C 212 25.22 12.58 6.63
CA LEU C 212 25.17 13.03 5.26
C LEU C 212 23.95 13.94 5.16
N ASN C 213 24.15 15.13 4.61
CA ASN C 213 23.06 16.09 4.44
C ASN C 213 22.66 16.05 2.98
N ILE C 214 21.47 15.50 2.71
CA ILE C 214 20.97 15.34 1.36
C ILE C 214 19.62 16.01 1.15
N GLY C 215 19.50 16.80 0.09
CA GLY C 215 18.25 17.49 -0.16
C GLY C 215 17.67 17.27 -1.54
N HIS C 216 18.19 17.99 -2.53
CA HIS C 216 17.70 17.92 -3.90
C HIS C 216 17.27 16.54 -4.41
N ALA C 217 18.18 15.57 -4.33
CA ALA C 217 17.90 14.21 -4.79
C ALA C 217 16.67 13.59 -4.12
N ILE C 218 16.51 13.82 -2.82
CA ILE C 218 15.35 13.31 -2.08
C ILE C 218 14.05 13.94 -2.56
N ILE C 219 14.04 15.27 -2.66
CA ILE C 219 12.85 16.00 -3.08
C ILE C 219 12.51 15.66 -4.52
N GLY C 220 13.55 15.44 -5.33
CA GLY C 220 13.36 15.10 -6.72
C GLY C 220 12.68 13.75 -6.84
N ARG C 221 13.07 12.86 -5.94
CA ARG C 221 12.48 11.54 -5.90
C ARG C 221 11.07 11.60 -5.31
N ALA C 222 10.90 12.43 -4.28
CA ALA C 222 9.62 12.57 -3.61
C ALA C 222 8.46 13.01 -4.49
N VAL C 223 8.71 13.88 -5.46
CA VAL C 223 7.62 14.31 -6.32
C VAL C 223 7.02 13.12 -7.04
N MET C 224 7.79 12.04 -7.12
CA MET C 224 7.29 10.86 -7.78
C MET C 224 6.67 9.80 -6.85
N THR C 225 7.44 9.36 -5.87
CA THR C 225 7.04 8.32 -4.92
C THR C 225 6.49 8.82 -3.58
N GLY C 226 6.67 10.12 -3.30
CA GLY C 226 6.21 10.67 -2.04
C GLY C 226 7.43 10.81 -1.13
N LEU C 227 7.42 11.78 -0.23
CA LEU C 227 8.55 12.02 0.66
C LEU C 227 8.93 10.86 1.58
N LYS C 228 7.93 10.18 2.15
CA LYS C 228 8.22 9.07 3.06
C LYS C 228 9.13 8.02 2.44
N ASP C 229 8.69 7.44 1.33
CA ASP C 229 9.47 6.42 0.65
C ASP C 229 10.81 6.98 0.15
N ALA C 230 10.82 8.25 -0.26
CA ALA C 230 12.05 8.84 -0.77
C ALA C 230 13.13 8.92 0.32
N VAL C 231 12.71 9.27 1.53
CA VAL C 231 13.61 9.37 2.66
C VAL C 231 13.98 7.97 3.17
N ALA C 232 12.98 7.11 3.34
CA ALA C 232 13.25 5.76 3.80
C ALA C 232 14.23 5.09 2.83
N GLU C 233 14.00 5.26 1.54
CA GLU C 233 14.90 4.66 0.56
C GLU C 233 16.35 5.10 0.79
N MET C 234 16.55 6.41 0.90
CA MET C 234 17.90 6.96 1.11
C MET C 234 18.57 6.44 2.38
N LYS C 235 17.85 6.42 3.49
CA LYS C 235 18.41 5.94 4.75
C LYS C 235 18.86 4.50 4.62
N ARG C 236 17.99 3.66 4.03
CA ARG C 236 18.32 2.25 3.86
C ARG C 236 19.62 2.06 3.09
N LEU C 237 19.76 2.78 1.97
CA LEU C 237 20.97 2.65 1.15
C LEU C 237 22.20 3.01 1.98
N MET C 238 22.07 4.06 2.76
CA MET C 238 23.18 4.53 3.58
C MET C 238 23.60 3.50 4.62
N LEU C 239 22.61 2.89 5.28
CA LEU C 239 22.93 1.90 6.29
C LEU C 239 23.51 0.63 5.63
N GLU C 240 23.06 0.30 4.42
CA GLU C 240 23.62 -0.87 3.72
C GLU C 240 25.10 -0.60 3.41
N ALA C 241 25.44 0.62 3.05
CA ALA C 241 26.83 0.94 2.74
C ALA C 241 27.74 0.86 3.98
N ARG C 242 27.23 1.31 5.12
CA ARG C 242 28.00 1.28 6.36
C ARG C 242 28.12 -0.14 6.89
N GLY C 243 27.01 -0.86 6.89
CA GLY C 243 26.99 -2.23 7.36
C GLY C 243 26.86 -3.22 6.22
N ALA D 2 -28.80 -2.68 -18.12
CA ALA D 2 -27.99 -1.54 -17.61
C ALA D 2 -26.65 -2.03 -17.05
N GLU D 3 -26.58 -3.30 -16.69
CA GLU D 3 -25.37 -3.89 -16.13
C GLU D 3 -24.28 -4.01 -17.20
N LEU D 4 -23.06 -3.58 -16.86
CA LEU D 4 -21.94 -3.64 -17.80
C LEU D 4 -20.87 -4.59 -17.25
N LEU D 5 -20.52 -5.62 -18.03
CA LEU D 5 -19.54 -6.57 -17.56
C LEU D 5 -18.17 -6.39 -18.22
N LEU D 6 -17.14 -6.95 -17.59
CA LEU D 6 -15.78 -6.86 -18.11
C LEU D 6 -15.17 -8.25 -18.27
N GLY D 7 -14.75 -8.55 -19.48
CA GLY D 7 -14.13 -9.82 -19.77
C GLY D 7 -12.66 -9.51 -20.04
N VAL D 8 -11.78 -10.01 -19.18
CA VAL D 8 -10.35 -9.74 -19.34
C VAL D 8 -9.66 -10.81 -20.18
N ASN D 9 -9.03 -10.37 -21.26
CA ASN D 9 -8.31 -11.26 -22.14
C ASN D 9 -6.86 -11.29 -21.67
N ILE D 10 -6.40 -12.46 -21.26
CA ILE D 10 -5.05 -12.62 -20.74
C ILE D 10 -4.02 -13.20 -21.73
N ASP D 11 -4.34 -13.16 -23.03
CA ASP D 11 -3.45 -13.69 -24.07
C ASP D 11 -2.03 -13.16 -23.95
N HIS D 12 -1.90 -11.86 -23.80
CA HIS D 12 -0.57 -11.25 -23.74
C HIS D 12 0.26 -11.67 -22.52
N ILE D 13 -0.39 -12.30 -21.54
CA ILE D 13 0.37 -12.80 -20.40
C ILE D 13 1.18 -13.94 -21.03
N ALA D 14 0.53 -14.74 -21.89
CA ALA D 14 1.20 -15.86 -22.56
C ALA D 14 2.25 -15.36 -23.56
N THR D 15 1.99 -14.21 -24.17
CA THR D 15 2.92 -13.62 -25.13
C THR D 15 4.26 -13.41 -24.46
N LEU D 16 4.24 -12.81 -23.28
CA LEU D 16 5.46 -12.58 -22.53
C LEU D 16 6.10 -13.90 -22.14
N ARG D 17 5.30 -14.86 -21.71
CA ARG D 17 5.86 -16.16 -21.33
C ARG D 17 6.50 -16.85 -22.53
N ASN D 18 5.76 -16.98 -23.62
CA ASN D 18 6.26 -17.66 -24.82
C ASN D 18 7.55 -17.07 -25.42
N ALA D 19 7.80 -15.79 -25.17
CA ALA D 19 9.00 -15.14 -25.69
C ALA D 19 10.28 -15.83 -25.24
N ARG D 20 10.23 -16.53 -24.11
CA ARG D 20 11.40 -17.23 -23.59
C ARG D 20 11.18 -18.73 -23.40
N GLY D 21 9.94 -19.17 -23.56
CA GLY D 21 9.64 -20.58 -23.40
C GLY D 21 9.63 -21.02 -21.94
N THR D 22 9.56 -20.06 -21.02
CA THR D 22 9.54 -20.36 -19.59
C THR D 22 8.11 -20.70 -19.16
N ALA D 23 7.93 -21.03 -17.89
CA ALA D 23 6.58 -21.34 -17.42
C ALA D 23 5.90 -20.08 -16.92
N TYR D 24 6.69 -19.06 -16.65
CA TYR D 24 6.15 -17.80 -16.14
C TYR D 24 6.28 -16.72 -17.19
N PRO D 25 5.40 -15.72 -17.17
CA PRO D 25 4.30 -15.59 -16.20
C PRO D 25 3.21 -16.55 -16.67
N ASP D 26 2.57 -17.21 -15.72
CA ASP D 26 1.55 -18.21 -16.00
C ASP D 26 0.13 -17.63 -16.12
N PRO D 27 -0.52 -17.83 -17.27
CA PRO D 27 -1.87 -17.31 -17.46
C PRO D 27 -2.79 -17.68 -16.31
N VAL D 28 -2.59 -18.87 -15.76
CA VAL D 28 -3.42 -19.37 -14.67
C VAL D 28 -3.39 -18.43 -13.46
N GLN D 29 -2.23 -17.86 -13.17
CA GLN D 29 -2.11 -16.92 -12.05
C GLN D 29 -2.84 -15.63 -12.43
N ALA D 30 -2.64 -15.16 -13.66
CA ALA D 30 -3.28 -13.92 -14.08
C ALA D 30 -4.78 -14.01 -13.92
N ALA D 31 -5.35 -15.15 -14.29
CA ALA D 31 -6.79 -15.37 -14.18
C ALA D 31 -7.29 -15.16 -12.75
N PHE D 32 -6.59 -15.72 -11.76
CA PHE D 32 -7.03 -15.53 -10.38
C PHE D 32 -7.03 -14.05 -10.00
N ILE D 33 -5.96 -13.36 -10.38
CA ILE D 33 -5.85 -11.94 -10.07
C ILE D 33 -7.00 -11.16 -10.70
N ALA D 34 -7.18 -11.31 -12.01
CA ALA D 34 -8.24 -10.58 -12.70
C ALA D 34 -9.65 -10.84 -12.14
N GLU D 35 -9.99 -12.11 -11.94
CA GLU D 35 -11.31 -12.49 -11.42
C GLU D 35 -11.57 -11.91 -10.04
N GLN D 36 -10.52 -11.52 -9.34
CA GLN D 36 -10.70 -10.97 -8.01
C GLN D 36 -10.49 -9.46 -7.99
N ALA D 37 -10.31 -8.85 -9.17
CA ALA D 37 -10.07 -7.42 -9.29
C ALA D 37 -11.05 -6.67 -10.20
N GLY D 38 -12.11 -7.34 -10.64
CA GLY D 38 -13.08 -6.68 -11.49
C GLY D 38 -13.47 -7.41 -12.75
N ALA D 39 -12.83 -8.54 -13.03
CA ALA D 39 -13.16 -9.30 -14.25
C ALA D 39 -14.38 -10.18 -14.02
N ASP D 40 -15.36 -10.09 -14.91
CA ASP D 40 -16.55 -10.89 -14.77
C ASP D 40 -16.38 -12.19 -15.55
N GLY D 41 -15.26 -12.28 -16.23
CA GLY D 41 -14.97 -13.46 -17.01
C GLY D 41 -13.57 -13.34 -17.57
N ILE D 42 -13.04 -14.46 -18.04
CA ILE D 42 -11.71 -14.48 -18.60
C ILE D 42 -11.79 -14.92 -20.05
N THR D 43 -11.11 -14.18 -20.91
CA THR D 43 -11.08 -14.48 -22.32
C THR D 43 -9.70 -14.95 -22.75
N VAL D 44 -9.68 -16.01 -23.54
CA VAL D 44 -8.44 -16.57 -24.07
C VAL D 44 -8.67 -16.92 -25.52
N HIS D 45 -7.74 -16.48 -26.36
CA HIS D 45 -7.82 -16.74 -27.79
C HIS D 45 -6.87 -17.88 -28.15
N LEU D 46 -7.43 -19.04 -28.45
CA LEU D 46 -6.62 -20.19 -28.83
C LEU D 46 -6.28 -20.06 -30.32
N ARG D 47 -5.12 -19.47 -30.61
CA ARG D 47 -4.72 -19.29 -32.00
C ARG D 47 -4.31 -20.63 -32.58
N GLU D 48 -4.66 -20.85 -33.85
CA GLU D 48 -4.33 -22.09 -34.50
C GLU D 48 -2.83 -22.35 -34.39
N ASP D 49 -2.03 -21.28 -34.48
CA ASP D 49 -0.59 -21.44 -34.37
C ASP D 49 -0.10 -21.40 -32.91
N ARG D 50 -1.04 -21.31 -31.97
CA ARG D 50 -0.71 -21.26 -30.55
C ARG D 50 0.34 -20.20 -30.24
N ARG D 51 0.25 -19.05 -30.92
CA ARG D 51 1.19 -17.95 -30.72
C ARG D 51 1.39 -17.57 -29.25
N HIS D 52 0.31 -17.52 -28.50
CA HIS D 52 0.38 -17.18 -27.08
C HIS D 52 -0.29 -18.25 -26.24
N ILE D 53 -1.61 -18.19 -26.09
CA ILE D 53 -2.31 -19.20 -25.31
C ILE D 53 -2.09 -20.57 -25.95
N THR D 54 -1.86 -21.57 -25.12
CA THR D 54 -1.62 -22.93 -25.60
C THR D 54 -2.73 -23.85 -25.15
N ASP D 55 -2.67 -25.08 -25.63
CA ASP D 55 -3.68 -26.06 -25.27
C ASP D 55 -3.69 -26.34 -23.78
N ARG D 56 -2.51 -26.39 -23.16
CA ARG D 56 -2.44 -26.66 -21.72
C ARG D 56 -3.11 -25.52 -20.96
N ASP D 57 -2.90 -24.29 -21.43
CA ASP D 57 -3.47 -23.11 -20.79
C ASP D 57 -5.00 -23.27 -20.75
N VAL D 58 -5.59 -23.57 -21.90
CA VAL D 58 -7.03 -23.73 -21.93
C VAL D 58 -7.47 -24.89 -21.03
N ARG D 59 -6.71 -25.98 -21.08
CA ARG D 59 -7.02 -27.16 -20.28
C ARG D 59 -7.05 -26.87 -18.77
N ILE D 60 -6.01 -26.23 -18.26
CA ILE D 60 -5.93 -25.92 -16.83
C ILE D 60 -6.92 -24.82 -16.47
N LEU D 61 -6.98 -23.79 -17.28
CA LEU D 61 -7.89 -22.67 -17.03
C LEU D 61 -9.32 -23.17 -16.86
N ARG D 62 -9.77 -24.08 -17.73
CA ARG D 62 -11.14 -24.58 -17.60
C ARG D 62 -11.38 -25.19 -16.24
N GLN D 63 -10.31 -25.62 -15.58
CA GLN D 63 -10.40 -26.25 -14.27
C GLN D 63 -10.15 -25.32 -13.10
N THR D 64 -9.47 -24.20 -13.35
CA THR D 64 -9.15 -23.27 -12.27
C THR D 64 -10.00 -21.99 -12.24
N LEU D 65 -10.57 -21.63 -13.39
CA LEU D 65 -11.39 -20.43 -13.46
C LEU D 65 -12.54 -20.48 -12.45
N ASP D 66 -12.70 -19.40 -11.71
CA ASP D 66 -13.77 -19.27 -10.71
C ASP D 66 -14.98 -18.67 -11.41
N THR D 67 -14.75 -17.96 -12.52
CA THR D 67 -15.87 -17.36 -13.21
C THR D 67 -16.30 -18.18 -14.42
N ARG D 68 -16.41 -17.53 -15.58
CA ARG D 68 -16.82 -18.22 -16.80
C ARG D 68 -15.77 -18.00 -17.89
N MET D 69 -15.50 -19.02 -18.70
CA MET D 69 -14.53 -18.88 -19.77
C MET D 69 -15.13 -18.43 -21.10
N ASN D 70 -14.39 -17.55 -21.76
CA ASN D 70 -14.77 -17.04 -23.08
C ASN D 70 -13.62 -17.40 -24.01
N LEU D 71 -13.82 -18.45 -24.79
CA LEU D 71 -12.82 -18.93 -25.73
C LEU D 71 -12.97 -18.29 -27.10
N GLU D 72 -11.93 -17.58 -27.52
CA GLU D 72 -11.89 -16.93 -28.81
C GLU D 72 -11.14 -17.88 -29.73
N MET D 73 -11.69 -18.10 -30.93
CA MET D 73 -11.10 -19.05 -31.87
C MET D 73 -11.69 -18.88 -33.26
N ALA D 74 -11.00 -19.37 -34.28
CA ALA D 74 -11.49 -19.30 -35.65
C ALA D 74 -12.43 -20.49 -35.87
N VAL D 75 -13.17 -20.47 -36.96
CA VAL D 75 -14.11 -21.54 -37.30
C VAL D 75 -13.42 -22.65 -38.09
N THR D 76 -13.00 -23.71 -37.40
CA THR D 76 -12.34 -24.84 -38.02
C THR D 76 -12.72 -26.10 -37.25
N GLU D 77 -12.79 -27.24 -37.95
CA GLU D 77 -13.13 -28.49 -37.29
C GLU D 77 -12.26 -28.73 -36.05
N GLU D 78 -11.01 -28.31 -36.12
CA GLU D 78 -10.10 -28.49 -35.00
C GLU D 78 -10.61 -27.71 -33.80
N MET D 79 -10.91 -26.43 -34.02
CA MET D 79 -11.40 -25.55 -32.95
C MET D 79 -12.82 -25.90 -32.51
N LEU D 80 -13.69 -26.28 -33.45
CA LEU D 80 -15.05 -26.63 -33.07
C LEU D 80 -15.00 -27.82 -32.10
N ALA D 81 -14.21 -28.83 -32.45
CA ALA D 81 -14.09 -30.00 -31.60
C ALA D 81 -13.56 -29.61 -30.22
N ILE D 82 -12.53 -28.77 -30.20
CA ILE D 82 -11.93 -28.29 -28.94
C ILE D 82 -12.97 -27.62 -28.06
N ALA D 83 -13.76 -26.74 -28.67
CA ALA D 83 -14.80 -26.00 -27.96
C ALA D 83 -15.81 -26.93 -27.31
N VAL D 84 -16.28 -27.94 -28.05
CA VAL D 84 -17.28 -28.87 -27.51
C VAL D 84 -16.70 -29.73 -26.39
N GLU D 85 -15.41 -30.03 -26.47
CA GLU D 85 -14.76 -30.84 -25.47
C GLU D 85 -14.44 -30.02 -24.23
N THR D 86 -14.13 -28.74 -24.44
CA THR D 86 -13.80 -27.86 -23.33
C THR D 86 -15.03 -27.33 -22.60
N LYS D 87 -16.11 -27.12 -23.34
CA LYS D 87 -17.35 -26.62 -22.74
C LYS D 87 -17.20 -25.21 -22.15
N PRO D 88 -16.67 -24.27 -22.94
CA PRO D 88 -16.53 -22.91 -22.41
C PRO D 88 -17.92 -22.30 -22.31
N HIS D 89 -18.11 -21.41 -21.32
CA HIS D 89 -19.40 -20.77 -21.13
C HIS D 89 -19.72 -19.99 -22.38
N PHE D 90 -18.70 -19.30 -22.89
CA PHE D 90 -18.83 -18.49 -24.09
C PHE D 90 -17.80 -18.83 -25.15
N CYS D 91 -18.17 -18.58 -26.40
CA CYS D 91 -17.26 -18.81 -27.52
C CYS D 91 -17.36 -17.62 -28.44
N CYS D 92 -16.22 -17.00 -28.78
CA CYS D 92 -16.28 -15.88 -29.70
C CYS D 92 -15.58 -16.33 -30.98
N LEU D 93 -16.33 -16.35 -32.07
CA LEU D 93 -15.80 -16.76 -33.36
C LEU D 93 -15.10 -15.59 -34.02
N VAL D 94 -13.82 -15.76 -34.33
CA VAL D 94 -13.04 -14.71 -34.95
C VAL D 94 -12.29 -15.21 -36.16
N PRO D 95 -11.94 -14.30 -37.07
CA PRO D 95 -11.21 -14.69 -38.28
C PRO D 95 -9.71 -14.78 -38.04
N GLU D 96 -9.06 -15.71 -38.73
CA GLU D 96 -7.62 -15.87 -38.61
C GLU D 96 -6.95 -15.99 -39.97
N LYS D 97 -7.70 -16.44 -40.98
CA LYS D 97 -7.14 -16.58 -42.33
C LYS D 97 -7.52 -15.40 -43.21
N ARG D 98 -6.69 -15.11 -44.19
CA ARG D 98 -6.93 -13.99 -45.10
C ARG D 98 -8.32 -14.05 -45.74
N GLN D 99 -8.77 -15.24 -46.10
CA GLN D 99 -10.09 -15.38 -46.73
C GLN D 99 -11.24 -15.38 -45.74
N GLU D 100 -10.94 -15.06 -44.48
CA GLU D 100 -11.96 -15.03 -43.43
C GLU D 100 -12.17 -13.62 -42.88
N VAL D 101 -11.12 -12.80 -42.97
CA VAL D 101 -11.14 -11.43 -42.48
C VAL D 101 -11.74 -10.48 -43.52
N THR D 102 -12.43 -9.43 -43.04
CA THR D 102 -13.02 -8.44 -43.95
C THR D 102 -12.06 -7.26 -44.12
N THR D 103 -12.54 -6.21 -44.77
CA THR D 103 -11.73 -5.02 -45.01
C THR D 103 -11.37 -4.36 -43.68
N GLU D 104 -12.38 -4.22 -42.81
CA GLU D 104 -12.20 -3.60 -41.51
C GLU D 104 -11.49 -4.51 -40.50
N GLY D 105 -11.69 -5.82 -40.63
CA GLY D 105 -11.03 -6.75 -39.73
C GLY D 105 -11.95 -7.74 -39.01
N GLY D 106 -13.25 -7.54 -39.11
CA GLY D 106 -14.18 -8.44 -38.46
C GLY D 106 -14.38 -9.73 -39.21
N LEU D 107 -15.23 -10.61 -38.67
CA LEU D 107 -15.52 -11.90 -39.29
C LEU D 107 -16.51 -11.69 -40.43
N ASP D 108 -16.41 -12.53 -41.46
CA ASP D 108 -17.30 -12.44 -42.61
C ASP D 108 -18.38 -13.50 -42.47
N VAL D 109 -19.45 -13.14 -41.78
CA VAL D 109 -20.57 -14.05 -41.56
C VAL D 109 -21.48 -14.04 -42.79
N ALA D 110 -21.72 -12.86 -43.33
CA ALA D 110 -22.58 -12.73 -44.49
C ALA D 110 -22.06 -13.59 -45.63
N GLY D 111 -20.75 -13.54 -45.85
CA GLY D 111 -20.16 -14.31 -46.93
C GLY D 111 -20.03 -15.80 -46.71
N GLN D 112 -20.13 -16.24 -45.45
CA GLN D 112 -20.01 -17.65 -45.11
C GLN D 112 -21.18 -18.09 -44.22
N ARG D 113 -22.39 -17.67 -44.58
CA ARG D 113 -23.58 -18.01 -43.81
C ARG D 113 -23.73 -19.50 -43.48
N ASP D 114 -23.40 -20.35 -44.44
CA ASP D 114 -23.51 -21.79 -44.22
C ASP D 114 -22.53 -22.26 -43.16
N LYS D 115 -21.27 -21.86 -43.31
CA LYS D 115 -20.25 -22.25 -42.35
C LYS D 115 -20.62 -21.78 -40.95
N MET D 116 -21.10 -20.54 -40.84
CA MET D 116 -21.47 -20.03 -39.53
C MET D 116 -22.73 -20.67 -38.96
N ARG D 117 -23.75 -20.87 -39.82
CA ARG D 117 -25.00 -21.46 -39.34
C ARG D 117 -24.73 -22.76 -38.62
N ASP D 118 -23.84 -23.57 -39.19
CA ASP D 118 -23.46 -24.88 -38.65
C ASP D 118 -22.70 -24.72 -37.34
N ALA D 119 -21.59 -24.00 -37.41
CA ALA D 119 -20.75 -23.76 -36.25
C ALA D 119 -21.56 -23.31 -35.05
N CYS D 120 -22.51 -22.40 -35.28
CA CYS D 120 -23.35 -21.90 -34.20
C CYS D 120 -24.22 -23.01 -33.62
N LYS D 121 -24.84 -23.84 -34.47
CA LYS D 121 -25.69 -24.92 -33.98
C LYS D 121 -24.85 -25.95 -33.21
N ARG D 122 -23.71 -26.33 -33.76
CA ARG D 122 -22.85 -27.31 -33.09
C ARG D 122 -22.47 -26.84 -31.69
N LEU D 123 -22.02 -25.60 -31.56
CA LEU D 123 -21.62 -25.09 -30.25
C LEU D 123 -22.84 -24.98 -29.34
N ALA D 124 -23.91 -24.40 -29.88
CA ALA D 124 -25.14 -24.24 -29.11
C ALA D 124 -25.65 -25.57 -28.54
N ASP D 125 -25.45 -26.66 -29.29
CA ASP D 125 -25.90 -27.96 -28.80
C ASP D 125 -25.01 -28.45 -27.66
N ALA D 126 -23.77 -27.98 -27.64
CA ALA D 126 -22.84 -28.36 -26.59
C ALA D 126 -23.10 -27.51 -25.36
N GLY D 127 -24.07 -26.60 -25.48
CA GLY D 127 -24.42 -25.71 -24.38
C GLY D 127 -23.53 -24.48 -24.29
N ILE D 128 -23.00 -24.06 -25.43
CA ILE D 128 -22.09 -22.91 -25.49
C ILE D 128 -22.72 -21.69 -26.17
N GLN D 129 -22.69 -20.55 -25.47
CA GLN D 129 -23.23 -19.30 -25.99
C GLN D 129 -22.21 -18.67 -26.91
N VAL D 130 -22.57 -18.56 -28.19
CA VAL D 130 -21.66 -18.03 -29.19
C VAL D 130 -21.81 -16.56 -29.52
N SER D 131 -20.68 -15.92 -29.73
CA SER D 131 -20.64 -14.52 -30.10
C SER D 131 -19.87 -14.42 -31.40
N LEU D 132 -20.33 -13.54 -32.28
CA LEU D 132 -19.68 -13.34 -33.58
C LEU D 132 -18.95 -12.00 -33.60
N PHE D 133 -17.65 -12.03 -33.87
CA PHE D 133 -16.84 -10.82 -33.92
C PHE D 133 -16.90 -10.20 -35.31
N ILE D 134 -17.77 -9.22 -35.48
CA ILE D 134 -17.95 -8.53 -36.76
C ILE D 134 -17.82 -7.02 -36.65
N ASP D 135 -17.65 -6.37 -37.81
CA ASP D 135 -17.51 -4.92 -37.88
C ASP D 135 -18.87 -4.27 -37.63
N ALA D 136 -18.87 -2.95 -37.50
CA ALA D 136 -20.10 -2.20 -37.30
C ALA D 136 -20.75 -2.07 -38.68
N ASP D 137 -21.20 -3.18 -39.23
CA ASP D 137 -21.80 -3.22 -40.56
C ASP D 137 -23.20 -3.84 -40.51
N GLU D 138 -24.19 -3.11 -41.01
CA GLU D 138 -25.57 -3.59 -41.01
C GLU D 138 -25.74 -4.95 -41.69
N GLU D 139 -25.05 -5.12 -42.80
CA GLU D 139 -25.11 -6.37 -43.55
C GLU D 139 -24.58 -7.54 -42.70
N GLN D 140 -23.46 -7.30 -41.99
CA GLN D 140 -22.88 -8.35 -41.15
C GLN D 140 -23.73 -8.62 -39.92
N ILE D 141 -24.45 -7.60 -39.45
CA ILE D 141 -25.31 -7.75 -38.27
C ILE D 141 -26.53 -8.62 -38.60
N LYS D 142 -27.18 -8.32 -39.71
CA LYS D 142 -28.36 -9.08 -40.15
C LYS D 142 -28.01 -10.56 -40.26
N ALA D 143 -26.88 -10.85 -40.87
CA ALA D 143 -26.43 -12.24 -41.04
C ALA D 143 -26.20 -12.94 -39.69
N ALA D 144 -25.86 -12.16 -38.68
CA ALA D 144 -25.61 -12.72 -37.34
C ALA D 144 -26.89 -13.22 -36.68
N ALA D 145 -27.98 -12.48 -36.87
CA ALA D 145 -29.26 -12.89 -36.28
C ALA D 145 -29.82 -14.11 -36.99
N GLU D 146 -29.75 -14.09 -38.32
CA GLU D 146 -30.26 -15.18 -39.14
C GLU D 146 -29.45 -16.46 -38.90
N VAL D 147 -28.14 -16.30 -38.75
CA VAL D 147 -27.26 -17.45 -38.52
C VAL D 147 -27.57 -18.13 -37.19
N GLY D 148 -28.22 -17.40 -36.29
CA GLY D 148 -28.57 -17.97 -35.00
C GLY D 148 -27.73 -17.57 -33.80
N ALA D 149 -26.66 -16.82 -34.02
CA ALA D 149 -25.79 -16.40 -32.92
C ALA D 149 -26.49 -15.46 -31.96
N PRO D 150 -26.50 -15.79 -30.66
CA PRO D 150 -27.16 -14.95 -29.65
C PRO D 150 -26.39 -13.66 -29.34
N PHE D 151 -25.07 -13.72 -29.42
CA PHE D 151 -24.23 -12.55 -29.15
C PHE D 151 -23.47 -12.10 -30.40
N ILE D 152 -22.88 -10.92 -30.31
CA ILE D 152 -22.06 -10.35 -31.38
C ILE D 152 -21.11 -9.38 -30.70
N GLU D 153 -19.85 -9.37 -31.12
CA GLU D 153 -18.90 -8.45 -30.55
C GLU D 153 -18.42 -7.50 -31.64
N ILE D 154 -18.77 -6.22 -31.51
CA ILE D 154 -18.38 -5.21 -32.49
C ILE D 154 -16.90 -4.87 -32.42
N HIS D 155 -16.25 -4.83 -33.57
CA HIS D 155 -14.82 -4.52 -33.66
C HIS D 155 -14.63 -3.04 -33.38
N THR D 156 -14.14 -2.70 -32.19
CA THR D 156 -13.92 -1.30 -31.83
C THR D 156 -12.54 -0.83 -32.29
N GLY D 157 -11.85 -1.68 -33.05
CA GLY D 157 -10.53 -1.34 -33.56
C GLY D 157 -10.44 -0.03 -34.33
N CYS D 158 -11.35 0.18 -35.27
CA CYS D 158 -11.37 1.42 -36.05
C CYS D 158 -11.55 2.61 -35.12
N TYR D 159 -12.51 2.49 -34.22
CA TYR D 159 -12.76 3.54 -33.27
C TYR D 159 -11.50 3.86 -32.47
N ALA D 160 -10.74 2.83 -32.12
CA ALA D 160 -9.52 3.05 -31.33
C ALA D 160 -8.39 3.65 -32.15
N ASP D 161 -8.30 3.27 -33.42
CA ASP D 161 -7.25 3.77 -34.30
C ASP D 161 -7.56 5.11 -34.96
N ALA D 162 -8.66 5.73 -34.55
CA ALA D 162 -9.06 7.01 -35.11
C ALA D 162 -7.91 8.01 -35.07
N LYS D 163 -7.68 8.73 -36.17
CA LYS D 163 -6.58 9.69 -36.21
C LYS D 163 -6.97 11.10 -35.74
N THR D 164 -8.22 11.48 -35.90
CA THR D 164 -8.66 12.80 -35.47
C THR D 164 -9.90 12.69 -34.59
N ASP D 165 -10.20 13.76 -33.87
CA ASP D 165 -11.36 13.83 -33.00
C ASP D 165 -12.65 13.59 -33.80
N ALA D 166 -12.78 14.25 -34.95
CA ALA D 166 -13.97 14.09 -35.76
C ALA D 166 -14.06 12.66 -36.28
N GLU D 167 -12.91 12.13 -36.68
CA GLU D 167 -12.83 10.77 -37.20
C GLU D 167 -13.25 9.78 -36.12
N GLN D 168 -12.82 10.02 -34.89
CA GLN D 168 -13.17 9.12 -33.80
C GLN D 168 -14.64 9.21 -33.44
N ALA D 169 -15.18 10.43 -33.39
CA ALA D 169 -16.59 10.59 -33.06
C ALA D 169 -17.44 9.89 -34.10
N GLN D 170 -16.95 9.92 -35.35
CA GLN D 170 -17.65 9.29 -36.45
C GLN D 170 -17.74 7.78 -36.23
N GLU D 171 -16.60 7.16 -35.90
CA GLU D 171 -16.57 5.71 -35.65
C GLU D 171 -17.47 5.36 -34.47
N LEU D 172 -17.47 6.22 -33.45
CA LEU D 172 -18.29 6.00 -32.27
C LEU D 172 -19.76 5.98 -32.67
N ALA D 173 -20.16 6.89 -33.55
CA ALA D 173 -21.55 6.95 -33.98
C ALA D 173 -21.89 5.64 -34.67
N ARG D 174 -21.01 5.17 -35.54
CA ARG D 174 -21.21 3.91 -36.26
C ARG D 174 -21.49 2.75 -35.33
N ILE D 175 -20.60 2.59 -34.36
CA ILE D 175 -20.73 1.51 -33.40
C ILE D 175 -22.01 1.66 -32.59
N ALA D 176 -22.29 2.88 -32.14
CA ALA D 176 -23.49 3.14 -31.36
C ALA D 176 -24.76 2.82 -32.15
N LYS D 177 -24.74 3.12 -33.45
CA LYS D 177 -25.88 2.86 -34.30
C LYS D 177 -25.96 1.36 -34.60
N ALA D 178 -24.79 0.73 -34.74
CA ALA D 178 -24.75 -0.71 -35.02
C ALA D 178 -25.22 -1.49 -33.80
N ALA D 179 -24.90 -0.99 -32.60
CA ALA D 179 -25.30 -1.65 -31.36
C ALA D 179 -26.81 -1.60 -31.18
N THR D 180 -27.40 -0.45 -31.45
CA THR D 180 -28.84 -0.28 -31.32
C THR D 180 -29.55 -1.15 -32.33
N PHE D 181 -29.06 -1.12 -33.57
CA PHE D 181 -29.62 -1.93 -34.64
C PHE D 181 -29.57 -3.42 -34.31
N ALA D 182 -28.42 -3.86 -33.80
CA ALA D 182 -28.25 -5.26 -33.44
C ALA D 182 -29.29 -5.66 -32.42
N ALA D 183 -29.48 -4.80 -31.43
CA ALA D 183 -30.47 -5.04 -30.37
C ALA D 183 -31.89 -5.21 -30.93
N SER D 184 -32.27 -4.39 -31.90
CA SER D 184 -33.60 -4.47 -32.48
C SER D 184 -33.77 -5.83 -33.15
N LEU D 185 -32.66 -6.46 -33.48
CA LEU D 185 -32.67 -7.77 -34.12
C LEU D 185 -32.66 -8.89 -33.09
N GLY D 186 -32.58 -8.52 -31.83
CA GLY D 186 -32.56 -9.53 -30.77
C GLY D 186 -31.15 -10.00 -30.46
N LEU D 187 -30.16 -9.31 -30.98
CA LEU D 187 -28.77 -9.68 -30.76
C LEU D 187 -28.17 -9.01 -29.53
N LYS D 188 -27.67 -9.80 -28.58
CA LYS D 188 -27.05 -9.23 -27.40
C LYS D 188 -25.71 -8.68 -27.91
N VAL D 189 -25.30 -7.51 -27.45
CA VAL D 189 -24.07 -6.95 -27.99
C VAL D 189 -22.91 -6.66 -27.02
N ASN D 190 -21.72 -7.05 -27.45
CA ASN D 190 -20.50 -6.84 -26.70
C ASN D 190 -19.54 -6.09 -27.60
N ALA D 191 -18.37 -5.76 -27.07
CA ALA D 191 -17.38 -5.04 -27.85
C ALA D 191 -16.07 -5.10 -27.10
N GLY D 192 -15.01 -4.65 -27.74
CA GLY D 192 -13.74 -4.67 -27.07
C GLY D 192 -12.62 -5.16 -27.96
N HIS D 193 -11.79 -4.22 -28.36
CA HIS D 193 -10.63 -4.48 -29.18
C HIS D 193 -10.00 -3.13 -29.43
N GLY D 194 -8.82 -2.95 -28.87
CA GLY D 194 -8.11 -1.69 -29.00
C GLY D 194 -8.55 -0.69 -27.95
N LEU D 195 -9.49 -1.09 -27.09
CA LEU D 195 -9.97 -0.19 -26.06
C LEU D 195 -8.90 0.03 -25.01
N THR D 196 -8.77 1.29 -24.58
CA THR D 196 -7.76 1.67 -23.62
C THR D 196 -8.36 2.40 -22.44
N TYR D 197 -7.53 2.77 -21.48
CA TYR D 197 -8.04 3.49 -20.33
C TYR D 197 -8.55 4.87 -20.74
N HIS D 198 -8.18 5.31 -21.94
CA HIS D 198 -8.62 6.63 -22.37
C HIS D 198 -9.73 6.72 -23.40
N ASN D 199 -10.18 5.59 -23.93
CA ASN D 199 -11.27 5.60 -24.92
C ASN D 199 -12.39 4.64 -24.61
N VAL D 200 -12.28 3.93 -23.48
CA VAL D 200 -13.31 2.95 -23.13
C VAL D 200 -14.65 3.54 -22.70
N LYS D 201 -14.63 4.69 -22.02
CA LYS D 201 -15.86 5.31 -21.53
C LYS D 201 -16.93 5.58 -22.57
N ALA D 202 -16.53 6.12 -23.72
CA ALA D 202 -17.46 6.42 -24.79
C ALA D 202 -18.16 5.14 -25.23
N ILE D 203 -17.42 4.03 -25.22
CA ILE D 203 -17.99 2.77 -25.63
C ILE D 203 -18.86 2.22 -24.51
N ALA D 204 -18.32 2.21 -23.30
CA ALA D 204 -19.04 1.71 -22.14
C ALA D 204 -20.36 2.45 -21.97
N ALA D 205 -20.40 3.73 -22.38
CA ALA D 205 -21.62 4.53 -22.25
C ALA D 205 -22.74 4.03 -23.16
N ILE D 206 -22.40 3.26 -24.20
CA ILE D 206 -23.41 2.74 -25.11
C ILE D 206 -24.33 1.78 -24.34
N PRO D 207 -25.61 2.14 -24.20
CA PRO D 207 -26.65 1.37 -23.50
C PRO D 207 -26.75 -0.12 -23.84
N GLU D 208 -26.64 -0.44 -25.12
CA GLU D 208 -26.75 -1.83 -25.57
C GLU D 208 -25.60 -2.73 -25.13
N MET D 209 -24.41 -2.17 -24.96
CA MET D 209 -23.26 -2.97 -24.55
C MET D 209 -23.55 -3.84 -23.34
N HIS D 210 -23.21 -5.11 -23.45
CA HIS D 210 -23.42 -6.04 -22.36
C HIS D 210 -22.11 -6.34 -21.66
N GLU D 211 -21.05 -6.57 -22.44
CA GLU D 211 -19.74 -6.86 -21.87
C GLU D 211 -18.63 -6.40 -22.79
N LEU D 212 -17.59 -5.81 -22.20
CA LEU D 212 -16.45 -5.35 -22.98
C LEU D 212 -15.32 -6.34 -22.71
N ASN D 213 -14.72 -6.84 -23.78
CA ASN D 213 -13.61 -7.77 -23.67
C ASN D 213 -12.36 -6.97 -24.00
N ILE D 214 -11.55 -6.70 -22.98
CA ILE D 214 -10.33 -5.92 -23.17
C ILE D 214 -9.11 -6.74 -22.79
N GLY D 215 -8.00 -6.54 -23.49
CA GLY D 215 -6.80 -7.30 -23.17
C GLY D 215 -5.50 -6.54 -23.17
N HIS D 216 -4.98 -6.24 -24.35
CA HIS D 216 -3.70 -5.56 -24.47
C HIS D 216 -3.55 -4.32 -23.60
N ALA D 217 -4.51 -3.41 -23.62
CA ALA D 217 -4.38 -2.20 -22.79
C ALA D 217 -4.18 -2.55 -21.32
N ILE D 218 -4.92 -3.54 -20.84
CA ILE D 218 -4.81 -3.94 -19.44
C ILE D 218 -3.48 -4.61 -19.08
N ILE D 219 -2.99 -5.49 -19.95
CA ILE D 219 -1.71 -6.14 -19.66
C ILE D 219 -0.54 -5.18 -19.82
N GLY D 220 -0.71 -4.19 -20.68
CA GLY D 220 0.34 -3.21 -20.89
C GLY D 220 0.42 -2.28 -19.67
N ARG D 221 -0.71 -2.11 -18.99
CA ARG D 221 -0.74 -1.26 -17.80
C ARG D 221 -0.20 -2.11 -16.67
N ALA D 222 -0.65 -3.36 -16.64
CA ALA D 222 -0.25 -4.31 -15.62
C ALA D 222 1.27 -4.40 -15.40
N VAL D 223 2.06 -4.46 -16.47
CA VAL D 223 3.50 -4.54 -16.32
C VAL D 223 4.07 -3.38 -15.51
N MET D 224 3.34 -2.27 -15.48
CA MET D 224 3.80 -1.12 -14.70
C MET D 224 3.22 -1.18 -13.29
N THR D 225 1.90 -1.30 -13.19
CA THR D 225 1.19 -1.27 -11.91
C THR D 225 0.75 -2.57 -11.25
N GLY D 226 0.91 -3.70 -11.94
CA GLY D 226 0.46 -4.96 -11.39
C GLY D 226 -0.94 -5.18 -11.96
N LEU D 227 -1.32 -6.43 -12.21
CA LEU D 227 -2.62 -6.77 -12.78
C LEU D 227 -3.82 -6.34 -11.95
N LYS D 228 -3.75 -6.54 -10.64
CA LYS D 228 -4.86 -6.17 -9.77
C LYS D 228 -5.34 -4.75 -9.99
N ASP D 229 -4.43 -3.78 -9.91
CA ASP D 229 -4.82 -2.40 -10.09
C ASP D 229 -5.21 -2.10 -11.53
N ALA D 230 -4.56 -2.77 -12.48
CA ALA D 230 -4.88 -2.56 -13.89
C ALA D 230 -6.32 -2.98 -14.19
N VAL D 231 -6.71 -4.14 -13.69
CA VAL D 231 -8.07 -4.66 -13.89
C VAL D 231 -9.07 -3.77 -13.13
N ALA D 232 -8.78 -3.54 -11.86
CA ALA D 232 -9.62 -2.71 -11.01
C ALA D 232 -9.87 -1.33 -11.63
N GLU D 233 -8.81 -0.70 -12.10
CA GLU D 233 -8.92 0.62 -12.73
C GLU D 233 -9.86 0.63 -13.94
N MET D 234 -9.74 -0.37 -14.79
CA MET D 234 -10.58 -0.45 -15.97
C MET D 234 -12.03 -0.70 -15.58
N LYS D 235 -12.24 -1.59 -14.63
CA LYS D 235 -13.60 -1.88 -14.20
C LYS D 235 -14.30 -0.62 -13.67
N ARG D 236 -13.59 0.18 -12.87
CA ARG D 236 -14.16 1.40 -12.30
C ARG D 236 -14.54 2.41 -13.37
N LEU D 237 -13.67 2.58 -14.37
CA LEU D 237 -13.91 3.51 -15.46
C LEU D 237 -15.17 3.08 -16.21
N MET D 238 -15.33 1.78 -16.37
CA MET D 238 -16.48 1.25 -17.09
C MET D 238 -17.79 1.53 -16.36
N LEU D 239 -17.81 1.26 -15.06
CA LEU D 239 -19.00 1.50 -14.26
C LEU D 239 -19.29 3.00 -14.17
N GLU D 240 -18.24 3.81 -14.21
CA GLU D 240 -18.41 5.27 -14.15
C GLU D 240 -19.14 5.80 -15.37
N ALA D 241 -18.80 5.26 -16.54
CA ALA D 241 -19.43 5.67 -17.78
C ALA D 241 -20.89 5.23 -17.80
N ARG D 242 -21.15 4.04 -17.25
CA ARG D 242 -22.51 3.54 -17.25
C ARG D 242 -23.38 4.08 -16.13
N GLY D 243 -22.77 4.37 -14.98
CA GLY D 243 -23.51 4.91 -13.85
C GLY D 243 -22.63 5.55 -12.79
N ALA E 2 21.46 -13.36 23.21
CA ALA E 2 21.75 -12.07 22.54
C ALA E 2 20.54 -11.54 21.78
N GLU E 3 19.45 -12.31 21.78
CA GLU E 3 18.23 -11.90 21.09
C GLU E 3 17.70 -10.63 21.76
N LEU E 4 17.12 -9.73 20.98
CA LEU E 4 16.55 -8.49 21.53
C LEU E 4 15.04 -8.52 21.27
N LEU E 5 14.25 -8.46 22.35
CA LEU E 5 12.79 -8.52 22.24
C LEU E 5 12.12 -7.17 22.43
N LEU E 6 10.92 -7.04 21.86
CA LEU E 6 10.14 -5.81 21.94
C LEU E 6 8.83 -6.08 22.68
N GLY E 7 8.58 -5.29 23.71
CA GLY E 7 7.36 -5.39 24.47
C GLY E 7 6.62 -4.11 24.15
N VAL E 8 5.41 -4.23 23.60
CA VAL E 8 4.65 -3.06 23.27
C VAL E 8 3.64 -2.75 24.38
N ASN E 9 3.77 -1.58 24.98
CA ASN E 9 2.85 -1.17 26.03
C ASN E 9 1.72 -0.41 25.34
N ILE E 10 0.48 -0.89 25.50
CA ILE E 10 -0.64 -0.23 24.85
C ILE E 10 -1.50 0.61 25.77
N ASP E 11 -0.96 0.98 26.94
CA ASP E 11 -1.70 1.79 27.89
C ASP E 11 -2.36 2.98 27.21
N HIS E 12 -1.59 3.77 26.47
CA HIS E 12 -2.13 4.97 25.85
C HIS E 12 -3.26 4.78 24.84
N ILE E 13 -3.52 3.53 24.47
CA ILE E 13 -4.63 3.28 23.57
C ILE E 13 -5.86 3.46 24.47
N ALA E 14 -5.78 2.97 25.70
CA ALA E 14 -6.87 3.10 26.67
C ALA E 14 -7.01 4.58 27.06
N THR E 15 -5.89 5.29 27.05
CA THR E 15 -5.89 6.72 27.36
C THR E 15 -6.83 7.44 26.41
N LEU E 16 -6.70 7.14 25.12
CA LEU E 16 -7.54 7.76 24.11
C LEU E 16 -9.00 7.32 24.26
N ARG E 17 -9.21 6.07 24.64
CA ARG E 17 -10.55 5.55 24.81
C ARG E 17 -11.20 6.22 26.00
N ASN E 18 -10.48 6.22 27.13
CA ASN E 18 -10.97 6.81 28.37
C ASN E 18 -11.23 8.32 28.34
N ALA E 19 -10.87 8.98 27.23
CA ALA E 19 -11.14 10.41 27.09
C ALA E 19 -12.65 10.58 27.02
N ARG E 20 -13.34 9.51 26.65
CA ARG E 20 -14.80 9.46 26.53
C ARG E 20 -15.27 8.17 27.21
N GLY E 21 -16.57 7.96 27.31
CA GLY E 21 -17.03 6.73 27.92
C GLY E 21 -17.18 5.64 26.86
N THR E 22 -16.54 5.83 25.70
CA THR E 22 -16.64 4.89 24.57
C THR E 22 -15.80 3.62 24.72
N ALA E 23 -16.13 2.61 23.92
CA ALA E 23 -15.38 1.35 23.96
C ALA E 23 -14.16 1.40 23.03
N TYR E 24 -14.17 2.34 22.09
CA TYR E 24 -13.07 2.47 21.14
C TYR E 24 -12.21 3.70 21.44
N PRO E 25 -10.91 3.63 21.13
CA PRO E 25 -10.24 2.46 20.52
C PRO E 25 -10.05 1.36 21.56
N ASP E 26 -10.22 0.10 21.17
CA ASP E 26 -10.08 -1.02 22.11
C ASP E 26 -8.66 -1.61 22.23
N PRO E 27 -8.11 -1.67 23.46
CA PRO E 27 -6.76 -2.21 23.65
C PRO E 27 -6.66 -3.63 23.07
N VAL E 28 -7.78 -4.35 23.10
CA VAL E 28 -7.83 -5.71 22.57
C VAL E 28 -7.44 -5.75 21.09
N GLN E 29 -7.93 -4.80 20.31
CA GLN E 29 -7.58 -4.75 18.89
C GLN E 29 -6.10 -4.41 18.71
N ALA E 30 -5.63 -3.39 19.43
CA ALA E 30 -4.24 -2.98 19.34
C ALA E 30 -3.28 -4.13 19.64
N ALA E 31 -3.64 -4.97 20.61
CA ALA E 31 -2.83 -6.11 21.00
C ALA E 31 -2.57 -7.04 19.82
N PHE E 32 -3.63 -7.42 19.11
CA PHE E 32 -3.48 -8.31 17.96
C PHE E 32 -2.58 -7.67 16.91
N ILE E 33 -2.85 -6.41 16.57
CA ILE E 33 -2.05 -5.71 15.58
C ILE E 33 -0.57 -5.70 15.97
N ALA E 34 -0.27 -5.30 17.19
CA ALA E 34 1.10 -5.25 17.67
C ALA E 34 1.80 -6.62 17.65
N GLU E 35 1.13 -7.66 18.15
CA GLU E 35 1.73 -9.00 18.19
C GLU E 35 2.07 -9.55 16.81
N GLN E 36 1.40 -9.03 15.78
CA GLN E 36 1.62 -9.49 14.43
C GLN E 36 2.52 -8.54 13.63
N ALA E 37 3.00 -7.48 14.26
CA ALA E 37 3.85 -6.52 13.57
C ALA E 37 5.23 -6.35 14.20
N GLY E 38 5.59 -7.24 15.13
CA GLY E 38 6.91 -7.13 15.73
C GLY E 38 6.97 -7.19 17.25
N ALA E 39 5.80 -7.19 17.89
CA ALA E 39 5.72 -7.26 19.34
C ALA E 39 5.90 -8.70 19.79
N ASP E 40 6.81 -8.89 20.75
CA ASP E 40 7.11 -10.19 21.30
C ASP E 40 6.34 -10.40 22.59
N GLY E 41 5.73 -9.31 23.05
CA GLY E 41 4.95 -9.36 24.26
C GLY E 41 4.12 -8.11 24.32
N ILE E 42 3.06 -8.14 25.12
CA ILE E 42 2.21 -6.99 25.27
C ILE E 42 2.30 -6.57 26.72
N THR E 43 2.48 -5.28 26.94
CA THR E 43 2.59 -4.75 28.29
C THR E 43 1.42 -3.84 28.58
N VAL E 44 0.88 -3.96 29.79
CA VAL E 44 -0.23 -3.13 30.25
C VAL E 44 0.04 -2.79 31.71
N HIS E 45 -0.25 -1.54 32.07
CA HIS E 45 -0.07 -1.06 33.44
C HIS E 45 -1.46 -0.78 34.02
N LEU E 46 -1.87 -1.61 34.97
CA LEU E 46 -3.17 -1.44 35.59
C LEU E 46 -2.97 -0.53 36.81
N ARG E 47 -3.33 0.74 36.63
CA ARG E 47 -3.19 1.74 37.66
C ARG E 47 -4.27 1.65 38.72
N GLU E 48 -3.94 2.08 39.93
CA GLU E 48 -4.90 2.05 41.01
C GLU E 48 -6.15 2.83 40.61
N ASP E 49 -5.96 4.02 40.02
CA ASP E 49 -7.10 4.83 39.61
C ASP E 49 -7.72 4.37 38.29
N ARG E 50 -7.07 3.40 37.65
CA ARG E 50 -7.53 2.86 36.36
C ARG E 50 -7.60 3.99 35.34
N ARG E 51 -6.55 4.81 35.30
CA ARG E 51 -6.46 5.95 34.38
C ARG E 51 -6.73 5.56 32.94
N HIS E 52 -6.14 4.45 32.50
CA HIS E 52 -6.35 3.99 31.14
C HIS E 52 -6.77 2.53 31.12
N ILE E 53 -5.83 1.63 31.30
CA ILE E 53 -6.14 0.20 31.31
C ILE E 53 -7.10 -0.05 32.48
N THR E 54 -8.12 -0.85 32.20
CA THR E 54 -9.14 -1.18 33.19
C THR E 54 -9.12 -2.66 33.55
N ASP E 55 -9.94 -3.04 34.51
CA ASP E 55 -10.00 -4.44 34.89
C ASP E 55 -10.52 -5.27 33.73
N ARG E 56 -11.43 -4.69 32.94
CA ARG E 56 -11.99 -5.38 31.78
C ARG E 56 -10.88 -5.70 30.79
N ASP E 57 -10.04 -4.71 30.51
CA ASP E 57 -8.92 -4.86 29.58
C ASP E 57 -8.03 -6.06 29.95
N VAL E 58 -7.53 -6.07 31.19
CA VAL E 58 -6.67 -7.15 31.67
C VAL E 58 -7.32 -8.53 31.52
N ARG E 59 -8.57 -8.63 31.95
CA ARG E 59 -9.33 -9.87 31.89
C ARG E 59 -9.49 -10.38 30.46
N ILE E 60 -9.85 -9.49 29.54
CA ILE E 60 -10.05 -9.92 28.15
C ILE E 60 -8.72 -10.22 27.47
N LEU E 61 -7.72 -9.36 27.69
CA LEU E 61 -6.39 -9.56 27.11
C LEU E 61 -5.80 -10.90 27.50
N ARG E 62 -5.94 -11.27 28.76
CA ARG E 62 -5.38 -12.55 29.18
C ARG E 62 -5.95 -13.68 28.35
N GLN E 63 -7.18 -13.51 27.86
CA GLN E 63 -7.83 -14.54 27.06
C GLN E 63 -7.61 -14.36 25.54
N THR E 64 -7.21 -13.17 25.11
CA THR E 64 -7.00 -12.92 23.69
C THR E 64 -5.56 -12.77 23.22
N LEU E 65 -4.64 -12.48 24.14
CA LEU E 65 -3.23 -12.33 23.76
C LEU E 65 -2.69 -13.62 23.17
N ASP E 66 -1.88 -13.50 22.12
CA ASP E 66 -1.28 -14.67 21.48
C ASP E 66 0.18 -14.78 21.94
N THR E 67 0.72 -13.73 22.55
CA THR E 67 2.09 -13.78 23.04
C THR E 67 2.12 -13.88 24.57
N ARG E 68 2.90 -13.03 25.23
CA ARG E 68 2.98 -13.06 26.68
C ARG E 68 2.56 -11.70 27.19
N MET E 69 1.88 -11.69 28.33
CA MET E 69 1.42 -10.44 28.95
C MET E 69 2.39 -10.03 30.05
N ASN E 70 2.71 -8.76 30.07
CA ASN E 70 3.59 -8.21 31.10
C ASN E 70 2.69 -7.25 31.86
N LEU E 71 2.36 -7.60 33.09
CA LEU E 71 1.50 -6.76 33.91
C LEU E 71 2.30 -5.80 34.76
N GLU E 72 2.31 -4.52 34.40
CA GLU E 72 3.02 -3.51 35.18
C GLU E 72 2.06 -3.08 36.29
N MET E 73 2.51 -3.14 37.54
CA MET E 73 1.63 -2.79 38.65
C MET E 73 2.35 -2.29 39.89
N ALA E 74 1.60 -1.69 40.80
CA ALA E 74 2.15 -1.20 42.05
C ALA E 74 2.15 -2.37 43.03
N VAL E 75 3.07 -2.33 44.00
CA VAL E 75 3.20 -3.39 44.99
C VAL E 75 2.19 -3.24 46.11
N THR E 76 0.94 -3.55 45.82
CA THR E 76 -0.12 -3.46 46.81
C THR E 76 -0.78 -4.82 46.95
N GLU E 77 -1.68 -4.92 47.93
CA GLU E 77 -2.39 -6.15 48.18
C GLU E 77 -3.37 -6.40 47.06
N GLU E 78 -4.02 -5.32 46.60
CA GLU E 78 -4.99 -5.42 45.53
C GLU E 78 -4.33 -5.98 44.27
N MET E 79 -3.24 -5.35 43.84
CA MET E 79 -2.52 -5.78 42.65
C MET E 79 -1.98 -7.20 42.76
N LEU E 80 -1.17 -7.47 43.79
CA LEU E 80 -0.63 -8.80 43.98
C LEU E 80 -1.74 -9.84 43.85
N ALA E 81 -2.92 -9.50 44.38
CA ALA E 81 -4.06 -10.40 44.31
C ALA E 81 -4.52 -10.57 42.86
N ILE E 82 -4.68 -9.46 42.16
CA ILE E 82 -5.08 -9.49 40.76
C ILE E 82 -4.04 -10.25 39.94
N ALA E 83 -2.76 -9.99 40.20
CA ALA E 83 -1.71 -10.67 39.46
C ALA E 83 -1.82 -12.19 39.57
N VAL E 84 -2.00 -12.69 40.79
CA VAL E 84 -2.13 -14.13 41.01
C VAL E 84 -3.39 -14.66 40.33
N GLU E 85 -4.44 -13.85 40.33
CA GLU E 85 -5.72 -14.21 39.71
C GLU E 85 -5.55 -14.30 38.19
N THR E 86 -4.91 -13.29 37.62
CA THR E 86 -4.69 -13.21 36.18
C THR E 86 -3.56 -14.11 35.68
N LYS E 87 -2.51 -14.24 36.48
CA LYS E 87 -1.38 -15.09 36.14
C LYS E 87 -0.66 -14.74 34.83
N PRO E 88 -0.21 -13.48 34.70
CA PRO E 88 0.51 -13.05 33.48
C PRO E 88 1.83 -13.77 33.42
N HIS E 89 2.43 -13.84 32.24
CA HIS E 89 3.71 -14.50 32.10
C HIS E 89 4.74 -13.71 32.90
N PHE E 90 4.73 -12.38 32.72
CA PHE E 90 5.64 -11.47 33.39
C PHE E 90 4.92 -10.42 34.24
N CYS E 91 5.63 -9.86 35.20
CA CYS E 91 5.09 -8.81 36.08
C CYS E 91 6.21 -7.82 36.32
N CYS E 92 5.93 -6.53 36.16
CA CYS E 92 6.93 -5.50 36.39
C CYS E 92 6.42 -4.59 37.49
N LEU E 93 7.08 -4.61 38.64
CA LEU E 93 6.66 -3.78 39.77
C LEU E 93 7.17 -2.34 39.65
N VAL E 94 6.27 -1.38 39.79
CA VAL E 94 6.62 0.02 39.65
C VAL E 94 5.99 0.91 40.74
N PRO E 95 6.51 2.15 40.90
CA PRO E 95 6.01 3.12 41.90
C PRO E 95 4.66 3.62 41.39
N GLU E 96 3.89 4.27 42.26
CA GLU E 96 2.58 4.78 41.84
C GLU E 96 2.69 5.66 40.58
N LYS E 97 1.58 5.81 39.85
CA LYS E 97 1.54 6.64 38.63
C LYS E 97 1.28 8.11 38.96
N ARG E 98 0.70 8.84 38.00
CA ARG E 98 0.39 10.27 38.18
C ARG E 98 1.69 11.06 38.38
N GLN E 99 2.29 10.90 39.56
CA GLN E 99 3.55 11.58 39.91
C GLN E 99 4.33 10.74 40.94
N GLU E 100 4.02 9.45 40.99
CA GLU E 100 4.65 8.48 41.89
C GLU E 100 4.39 8.69 43.38
N VAL E 101 4.92 7.76 44.18
CA VAL E 101 4.82 7.78 45.65
C VAL E 101 6.21 7.46 46.20
N THR E 102 6.85 6.48 45.57
CA THR E 102 8.19 6.00 45.91
C THR E 102 9.25 6.92 45.28
N THR E 103 10.07 7.53 46.14
CA THR E 103 11.12 8.46 45.72
C THR E 103 11.72 8.14 44.36
N GLU E 104 11.85 9.19 43.54
CA GLU E 104 12.39 9.10 42.20
C GLU E 104 11.46 8.42 41.19
N GLY E 105 11.94 8.24 39.96
CA GLY E 105 11.14 7.59 38.94
C GLY E 105 11.15 6.10 39.15
N GLY E 106 12.28 5.58 39.62
CA GLY E 106 12.42 4.15 39.85
C GLY E 106 11.85 3.68 41.17
N LEU E 107 11.69 2.37 41.30
CA LEU E 107 11.15 1.78 42.52
C LEU E 107 12.28 1.69 43.56
N ASP E 108 11.94 1.92 44.82
CA ASP E 108 12.94 1.86 45.88
C ASP E 108 12.96 0.45 46.48
N VAL E 109 13.71 -0.43 45.83
CA VAL E 109 13.80 -1.79 46.31
C VAL E 109 14.73 -1.82 47.52
N ALA E 110 15.90 -1.20 47.41
CA ALA E 110 16.88 -1.15 48.49
C ALA E 110 16.29 -0.56 49.76
N GLY E 111 15.29 0.29 49.59
CA GLY E 111 14.65 0.93 50.73
C GLY E 111 13.47 0.16 51.28
N GLN E 112 12.90 -0.77 50.50
CA GLN E 112 11.76 -1.56 50.96
C GLN E 112 12.06 -3.03 50.69
N ARG E 113 13.30 -3.40 50.96
CA ARG E 113 13.81 -4.76 50.75
C ARG E 113 12.83 -5.82 51.21
N ASP E 114 12.21 -5.60 52.35
CA ASP E 114 11.24 -6.55 52.90
C ASP E 114 9.95 -6.68 52.14
N LYS E 115 9.36 -5.54 51.81
CA LYS E 115 8.11 -5.55 51.07
C LYS E 115 8.28 -6.28 49.74
N MET E 116 9.29 -5.87 48.98
CA MET E 116 9.54 -6.47 47.67
C MET E 116 9.90 -7.95 47.75
N ARG E 117 10.73 -8.30 48.72
CA ARG E 117 11.16 -9.68 48.92
C ARG E 117 9.94 -10.60 49.01
N ASP E 118 8.94 -10.19 49.79
CA ASP E 118 7.72 -10.98 49.95
C ASP E 118 6.85 -10.87 48.69
N ALA E 119 6.94 -9.76 47.98
CA ALA E 119 6.15 -9.59 46.76
C ALA E 119 6.69 -10.51 45.68
N CYS E 120 8.01 -10.52 45.51
CA CYS E 120 8.63 -11.36 44.49
C CYS E 120 8.38 -12.84 44.72
N LYS E 121 8.34 -13.26 45.98
CA LYS E 121 8.11 -14.66 46.27
C LYS E 121 6.66 -15.07 46.01
N ARG E 122 5.72 -14.24 46.43
CA ARG E 122 4.30 -14.53 46.21
C ARG E 122 3.98 -14.66 44.73
N LEU E 123 4.61 -13.81 43.92
CA LEU E 123 4.43 -13.81 42.48
C LEU E 123 5.16 -14.98 41.84
N ALA E 124 6.41 -15.21 42.25
CA ALA E 124 7.17 -16.33 41.70
C ALA E 124 6.49 -17.67 41.98
N ASP E 125 5.77 -17.75 43.09
CA ASP E 125 5.09 -18.98 43.45
C ASP E 125 3.83 -19.18 42.62
N ALA E 126 3.39 -18.11 41.95
CA ALA E 126 2.21 -18.17 41.10
C ALA E 126 2.65 -18.49 39.67
N GLY E 127 3.94 -18.74 39.50
CA GLY E 127 4.49 -19.06 38.20
C GLY E 127 4.71 -17.83 37.33
N ILE E 128 4.87 -16.67 37.97
CA ILE E 128 5.07 -15.42 37.26
C ILE E 128 6.49 -14.90 37.43
N GLN E 129 7.12 -14.50 36.32
CA GLN E 129 8.48 -13.97 36.37
C GLN E 129 8.40 -12.49 36.65
N VAL E 130 9.12 -12.06 37.69
CA VAL E 130 9.06 -10.68 38.11
C VAL E 130 10.21 -9.80 37.67
N SER E 131 9.87 -8.56 37.36
CA SER E 131 10.84 -7.57 36.96
C SER E 131 10.61 -6.36 37.84
N LEU E 132 11.70 -5.75 38.28
CA LEU E 132 11.62 -4.57 39.13
C LEU E 132 12.08 -3.36 38.33
N PHE E 133 11.22 -2.35 38.23
CA PHE E 133 11.54 -1.13 37.50
C PHE E 133 12.33 -0.21 38.42
N ILE E 134 13.62 -0.05 38.13
CA ILE E 134 14.49 0.79 38.94
C ILE E 134 15.42 1.68 38.12
N ASP E 135 16.06 2.62 38.80
CA ASP E 135 17.00 3.54 38.14
C ASP E 135 18.34 2.84 37.95
N ALA E 136 19.17 3.39 37.06
CA ALA E 136 20.49 2.82 36.82
C ALA E 136 21.35 3.15 38.04
N ASP E 137 21.19 2.35 39.09
CA ASP E 137 21.90 2.57 40.34
C ASP E 137 22.50 1.28 40.93
N GLU E 138 23.81 1.31 41.20
CA GLU E 138 24.50 0.14 41.75
C GLU E 138 23.79 -0.48 42.95
N GLU E 139 23.44 0.34 43.94
CA GLU E 139 22.78 -0.17 45.14
C GLU E 139 21.38 -0.73 44.89
N GLN E 140 20.61 -0.02 44.07
CA GLN E 140 19.26 -0.45 43.75
C GLN E 140 19.26 -1.81 43.06
N ILE E 141 20.29 -2.05 42.25
CA ILE E 141 20.46 -3.30 41.53
C ILE E 141 20.82 -4.43 42.50
N LYS E 142 21.83 -4.21 43.32
CA LYS E 142 22.24 -5.22 44.30
C LYS E 142 21.00 -5.68 45.07
N ALA E 143 20.14 -4.71 45.43
CA ALA E 143 18.91 -4.99 46.17
C ALA E 143 17.92 -5.83 45.37
N ALA E 144 17.89 -5.61 44.06
CA ALA E 144 16.99 -6.35 43.19
C ALA E 144 17.44 -7.80 43.13
N ALA E 145 18.75 -8.03 43.16
CA ALA E 145 19.26 -9.39 43.12
C ALA E 145 18.96 -10.08 44.46
N GLU E 146 19.03 -9.30 45.54
CA GLU E 146 18.80 -9.82 46.89
C GLU E 146 17.37 -10.34 47.08
N VAL E 147 16.38 -9.50 46.77
CA VAL E 147 14.99 -9.88 46.90
C VAL E 147 14.62 -11.08 46.04
N GLY E 148 15.56 -11.52 45.20
CA GLY E 148 15.30 -12.66 44.34
C GLY E 148 14.66 -12.42 42.99
N ALA E 149 14.34 -11.17 42.67
CA ALA E 149 13.72 -10.87 41.38
C ALA E 149 14.68 -11.27 40.25
N PRO E 150 14.20 -12.08 39.30
CA PRO E 150 15.07 -12.50 38.18
C PRO E 150 15.29 -11.40 37.14
N PHE E 151 14.30 -10.55 36.99
CA PHE E 151 14.37 -9.47 36.03
C PHE E 151 14.42 -8.09 36.66
N ILE E 152 14.92 -7.13 35.90
CA ILE E 152 14.96 -5.75 36.32
C ILE E 152 14.76 -4.96 35.04
N GLU E 153 14.17 -3.78 35.16
CA GLU E 153 13.99 -2.92 34.01
C GLU E 153 14.53 -1.55 34.38
N ILE E 154 15.59 -1.12 33.70
CA ILE E 154 16.22 0.14 33.97
C ILE E 154 15.44 1.33 33.41
N HIS E 155 15.28 2.34 34.25
CA HIS E 155 14.56 3.57 33.90
C HIS E 155 15.36 4.42 32.93
N THR E 156 14.97 4.37 31.66
CA THR E 156 15.67 5.12 30.62
C THR E 156 15.12 6.54 30.51
N GLY E 157 14.23 6.90 31.41
CA GLY E 157 13.65 8.24 31.40
C GLY E 157 14.66 9.37 31.42
N CYS E 158 15.68 9.27 32.26
CA CYS E 158 16.70 10.31 32.34
C CYS E 158 17.43 10.46 31.01
N TYR E 159 17.74 9.33 30.39
CA TYR E 159 18.41 9.29 29.10
C TYR E 159 17.55 9.93 28.03
N ALA E 160 16.25 9.63 28.05
CA ALA E 160 15.31 10.17 27.07
C ALA E 160 15.08 11.67 27.18
N ASP E 161 15.12 12.17 28.42
CA ASP E 161 14.89 13.60 28.69
C ASP E 161 16.12 14.49 28.53
N ALA E 162 17.30 13.87 28.46
CA ALA E 162 18.54 14.61 28.30
C ALA E 162 18.36 15.79 27.35
N LYS E 163 18.72 16.99 27.82
CA LYS E 163 18.59 18.21 27.04
C LYS E 163 19.76 18.48 26.08
N THR E 164 20.90 17.87 26.34
CA THR E 164 22.06 18.07 25.47
C THR E 164 22.74 16.76 25.13
N ASP E 165 23.51 16.76 24.06
CA ASP E 165 24.20 15.56 23.64
C ASP E 165 25.10 15.05 24.76
N ALA E 166 25.88 15.96 25.35
CA ALA E 166 26.77 15.60 26.44
C ALA E 166 26.01 14.93 27.57
N GLU E 167 24.90 15.54 27.97
CA GLU E 167 24.07 14.99 29.03
C GLU E 167 23.57 13.60 28.64
N GLN E 168 23.10 13.46 27.41
CA GLN E 168 22.58 12.18 26.92
C GLN E 168 23.63 11.07 26.96
N ALA E 169 24.84 11.37 26.50
CA ALA E 169 25.93 10.40 26.48
C ALA E 169 26.31 9.97 27.89
N GLN E 170 26.19 10.89 28.84
CA GLN E 170 26.52 10.60 30.22
C GLN E 170 25.49 9.59 30.75
N GLU E 171 24.22 9.85 30.47
CA GLU E 171 23.16 8.96 30.93
C GLU E 171 23.23 7.59 30.25
N LEU E 172 23.65 7.59 28.99
CA LEU E 172 23.77 6.34 28.24
C LEU E 172 24.83 5.44 28.87
N ALA E 173 25.97 6.04 29.23
CA ALA E 173 27.09 5.32 29.84
C ALA E 173 26.73 4.77 31.22
N ARG E 174 25.88 5.51 31.94
CA ARG E 174 25.41 5.12 33.25
C ARG E 174 24.51 3.88 33.08
N ILE E 175 23.73 3.86 32.01
CA ILE E 175 22.84 2.73 31.74
C ILE E 175 23.63 1.46 31.40
N ALA E 176 24.60 1.61 30.50
CA ALA E 176 25.44 0.51 30.06
C ALA E 176 26.21 -0.13 31.22
N LYS E 177 26.85 0.71 32.03
CA LYS E 177 27.60 0.20 33.18
C LYS E 177 26.67 -0.56 34.13
N ALA E 178 25.51 0.04 34.42
CA ALA E 178 24.54 -0.58 35.31
C ALA E 178 24.05 -1.93 34.78
N ALA E 179 23.79 -2.00 33.48
CA ALA E 179 23.30 -3.23 32.87
C ALA E 179 24.34 -4.35 32.99
N THR E 180 25.59 -4.01 32.72
CA THR E 180 26.66 -5.00 32.81
C THR E 180 26.81 -5.51 34.23
N PHE E 181 26.68 -4.59 35.18
CA PHE E 181 26.80 -4.92 36.59
C PHE E 181 25.61 -5.77 37.03
N ALA E 182 24.45 -5.52 36.45
CA ALA E 182 23.26 -6.29 36.80
C ALA E 182 23.38 -7.74 36.34
N ALA E 183 23.92 -7.95 35.14
CA ALA E 183 24.08 -9.30 34.61
C ALA E 183 25.11 -10.10 35.42
N SER E 184 26.09 -9.38 35.97
CA SER E 184 27.12 -10.04 36.76
C SER E 184 26.50 -10.58 38.05
N LEU E 185 25.34 -10.07 38.42
CA LEU E 185 24.66 -10.54 39.62
C LEU E 185 23.65 -11.62 39.27
N GLY E 186 23.66 -12.04 38.01
CA GLY E 186 22.74 -13.07 37.56
C GLY E 186 21.35 -12.55 37.22
N LEU E 187 21.25 -11.23 37.01
CA LEU E 187 19.97 -10.63 36.67
C LEU E 187 19.81 -10.42 35.16
N LYS E 188 18.59 -10.60 34.66
CA LYS E 188 18.33 -10.36 33.24
C LYS E 188 17.91 -8.90 33.20
N VAL E 189 18.31 -8.16 32.18
CA VAL E 189 18.00 -6.74 32.12
C VAL E 189 17.19 -6.26 30.92
N ASN E 190 16.19 -5.43 31.22
CA ASN E 190 15.30 -4.82 30.23
C ASN E 190 15.40 -3.32 30.44
N ALA E 191 14.63 -2.58 29.65
CA ALA E 191 14.61 -1.13 29.77
C ALA E 191 13.51 -0.61 28.88
N GLY E 192 13.42 0.72 28.78
CA GLY E 192 12.42 1.35 27.95
C GLY E 192 11.31 2.08 28.69
N HIS E 193 11.40 3.39 28.73
CA HIS E 193 10.34 4.18 29.38
C HIS E 193 9.99 5.35 28.49
N GLY E 194 10.99 6.12 28.12
CA GLY E 194 10.74 7.25 27.26
C GLY E 194 11.42 7.04 25.93
N LEU E 195 11.62 5.77 25.57
CA LEU E 195 12.29 5.44 24.32
C LEU E 195 11.51 5.86 23.06
N THR E 196 12.23 6.37 22.08
CA THR E 196 11.62 6.84 20.84
C THR E 196 12.34 6.32 19.62
N TYR E 197 11.82 6.68 18.46
CA TYR E 197 12.45 6.24 17.23
C TYR E 197 13.82 6.87 17.05
N HIS E 198 14.12 7.92 17.79
CA HIS E 198 15.42 8.57 17.65
C HIS E 198 16.44 8.29 18.75
N ASN E 199 16.03 7.62 19.82
CA ASN E 199 17.00 7.31 20.87
C ASN E 199 17.09 5.82 21.20
N VAL E 200 16.22 5.02 20.59
CA VAL E 200 16.19 3.59 20.85
C VAL E 200 17.43 2.80 20.45
N LYS E 201 18.06 3.14 19.34
CA LYS E 201 19.23 2.38 18.92
C LYS E 201 20.37 2.26 19.93
N ALA E 202 20.76 3.38 20.54
CA ALA E 202 21.85 3.35 21.52
C ALA E 202 21.56 2.39 22.69
N ILE E 203 20.27 2.27 23.03
CA ILE E 203 19.85 1.39 24.12
C ILE E 203 19.84 -0.07 23.65
N ALA E 204 19.24 -0.30 22.49
CA ALA E 204 19.17 -1.64 21.92
C ALA E 204 20.59 -2.15 21.71
N ALA E 205 21.53 -1.24 21.48
CA ALA E 205 22.92 -1.64 21.26
C ALA E 205 23.59 -2.21 22.51
N ILE E 206 23.02 -1.95 23.69
CA ILE E 206 23.57 -2.47 24.95
C ILE E 206 23.39 -3.99 24.91
N PRO E 207 24.51 -4.73 24.88
CA PRO E 207 24.51 -6.20 24.84
C PRO E 207 23.66 -6.94 25.86
N GLU E 208 23.64 -6.46 27.11
CA GLU E 208 22.89 -7.12 28.16
C GLU E 208 21.37 -7.02 28.05
N MET E 209 20.89 -6.00 27.35
CA MET E 209 19.45 -5.79 27.21
C MET E 209 18.74 -7.00 26.60
N HIS E 210 17.65 -7.43 27.24
CA HIS E 210 16.87 -8.58 26.77
C HIS E 210 15.59 -8.14 26.06
N GLU E 211 14.82 -7.27 26.71
CA GLU E 211 13.58 -6.78 26.13
C GLU E 211 13.40 -5.31 26.45
N LEU E 212 12.98 -4.55 25.44
CA LEU E 212 12.72 -3.14 25.60
C LEU E 212 11.21 -3.00 25.61
N ASN E 213 10.69 -2.37 26.65
CA ASN E 213 9.26 -2.14 26.78
C ASN E 213 9.01 -0.69 26.42
N ILE E 214 8.35 -0.48 25.29
CA ILE E 214 8.08 0.85 24.76
C ILE E 214 6.60 1.01 24.47
N GLY E 215 6.04 2.15 24.81
CA GLY E 215 4.63 2.37 24.57
C GLY E 215 4.29 3.70 23.95
N HIS E 216 4.39 4.76 24.75
CA HIS E 216 4.04 6.08 24.29
C HIS E 216 4.52 6.49 22.90
N ALA E 217 5.81 6.35 22.60
CA ALA E 217 6.31 6.74 21.28
C ALA E 217 5.66 5.99 20.14
N ILE E 218 5.39 4.70 20.34
CA ILE E 218 4.78 3.89 19.32
C ILE E 218 3.34 4.33 19.11
N ILE E 219 2.61 4.56 20.20
CA ILE E 219 1.23 4.98 20.07
C ILE E 219 1.15 6.37 19.42
N GLY E 220 2.04 7.27 19.81
CA GLY E 220 2.05 8.61 19.22
C GLY E 220 2.35 8.57 17.73
N ARG E 221 3.20 7.62 17.33
CA ARG E 221 3.53 7.46 15.91
C ARG E 221 2.33 6.80 15.22
N ALA E 222 1.73 5.83 15.92
CA ALA E 222 0.58 5.10 15.39
C ALA E 222 -0.57 5.99 14.95
N VAL E 223 -0.93 6.96 15.77
CA VAL E 223 -2.04 7.84 15.41
C VAL E 223 -1.81 8.48 14.04
N MET E 224 -0.55 8.53 13.64
CA MET E 224 -0.22 9.10 12.35
C MET E 224 -0.16 8.05 11.25
N THR E 225 0.58 6.97 11.49
CA THR E 225 0.77 5.94 10.49
C THR E 225 0.06 4.60 10.66
N GLY E 226 -0.61 4.41 11.79
CA GLY E 226 -1.27 3.14 12.03
C GLY E 226 -0.35 2.31 12.90
N LEU E 227 -0.93 1.57 13.83
CA LEU E 227 -0.17 0.73 14.75
C LEU E 227 0.78 -0.24 14.07
N LYS E 228 0.29 -0.91 13.02
CA LYS E 228 1.13 -1.89 12.34
C LYS E 228 2.52 -1.37 11.97
N ASP E 229 2.55 -0.29 11.19
CA ASP E 229 3.82 0.31 10.77
C ASP E 229 4.65 0.88 11.91
N ALA E 230 3.96 1.41 12.92
CA ALA E 230 4.60 1.99 14.09
C ALA E 230 5.39 0.92 14.85
N VAL E 231 4.77 -0.25 15.03
CA VAL E 231 5.43 -1.34 15.75
C VAL E 231 6.54 -1.98 14.91
N ALA E 232 6.28 -2.15 13.61
CA ALA E 232 7.28 -2.76 12.73
C ALA E 232 8.52 -1.88 12.62
N GLU E 233 8.29 -0.57 12.62
CA GLU E 233 9.36 0.41 12.53
C GLU E 233 10.29 0.35 13.73
N MET E 234 9.70 0.26 14.92
CA MET E 234 10.48 0.22 16.14
C MET E 234 11.24 -1.10 16.23
N LYS E 235 10.57 -2.19 15.86
CA LYS E 235 11.23 -3.49 15.91
C LYS E 235 12.43 -3.54 14.97
N ARG E 236 12.29 -2.95 13.78
CA ARG E 236 13.37 -2.93 12.78
C ARG E 236 14.57 -2.14 13.30
N LEU E 237 14.32 -0.96 13.85
CA LEU E 237 15.41 -0.15 14.35
C LEU E 237 16.13 -0.93 15.44
N MET E 238 15.37 -1.55 16.32
CA MET E 238 15.97 -2.32 17.41
C MET E 238 16.89 -3.44 16.91
N LEU E 239 16.42 -4.28 15.99
CA LEU E 239 17.26 -5.37 15.49
C LEU E 239 18.48 -4.83 14.73
N GLU E 240 18.31 -3.72 14.03
CA GLU E 240 19.43 -3.13 13.30
C GLU E 240 20.55 -2.81 14.28
N ALA E 241 20.20 -2.19 15.40
CA ALA E 241 21.18 -1.81 16.41
C ALA E 241 21.84 -3.04 17.06
N ARG E 242 21.11 -4.15 17.12
CA ARG E 242 21.61 -5.37 17.74
C ARG E 242 22.55 -6.19 16.87
N GLY E 243 22.05 -6.70 15.76
CA GLY E 243 22.88 -7.50 14.86
C GLY E 243 24.02 -6.68 14.28
N ALA F 2 -19.91 13.79 -22.82
CA ALA F 2 -19.24 15.09 -22.57
C ALA F 2 -19.24 15.40 -21.07
N GLU F 3 -18.29 14.80 -20.37
CA GLU F 3 -18.16 15.03 -18.94
C GLU F 3 -17.09 16.05 -18.65
N LEU F 4 -16.25 15.75 -17.68
CA LEU F 4 -15.19 16.67 -17.29
C LEU F 4 -13.83 16.01 -17.39
N LEU F 5 -12.92 16.65 -18.10
CA LEU F 5 -11.57 16.12 -18.28
C LEU F 5 -10.55 16.80 -17.39
N LEU F 6 -9.44 16.11 -17.15
CA LEU F 6 -8.37 16.64 -16.32
C LEU F 6 -7.06 16.74 -17.09
N GLY F 7 -6.54 17.95 -17.19
CA GLY F 7 -5.27 18.18 -17.86
C GLY F 7 -4.26 18.51 -16.77
N VAL F 8 -3.20 17.72 -16.71
CA VAL F 8 -2.17 17.95 -15.69
C VAL F 8 -0.98 18.70 -16.24
N ASN F 9 -0.71 19.85 -15.63
CA ASN F 9 0.41 20.69 -16.02
C ASN F 9 1.62 20.27 -15.17
N ILE F 10 2.67 19.80 -15.83
CA ILE F 10 3.88 19.34 -15.16
C ILE F 10 5.06 20.32 -15.17
N ASP F 11 4.77 21.61 -15.37
CA ASP F 11 5.82 22.64 -15.39
C ASP F 11 6.61 22.66 -14.08
N HIS F 12 5.93 22.50 -12.96
CA HIS F 12 6.63 22.56 -11.66
C HIS F 12 7.54 21.37 -11.38
N ILE F 13 7.47 20.35 -12.24
CA ILE F 13 8.34 19.19 -12.12
C ILE F 13 9.68 19.73 -12.61
N ALA F 14 9.62 20.43 -13.74
CA ALA F 14 10.82 21.01 -14.34
C ALA F 14 11.34 22.10 -13.43
N THR F 15 10.43 22.76 -12.72
CA THR F 15 10.82 23.83 -11.80
C THR F 15 11.80 23.31 -10.76
N LEU F 16 11.47 22.14 -10.22
CA LEU F 16 12.30 21.51 -9.21
C LEU F 16 13.64 21.05 -9.78
N ARG F 17 13.61 20.55 -11.01
CA ARG F 17 14.81 20.08 -11.69
C ARG F 17 15.78 21.20 -12.01
N ASN F 18 15.27 22.25 -12.64
CA ASN F 18 16.07 23.41 -13.04
C ASN F 18 16.65 24.14 -11.83
N ALA F 19 16.05 23.94 -10.66
CA ALA F 19 16.51 24.58 -9.44
C ALA F 19 17.98 24.24 -9.25
N ARG F 20 18.35 23.03 -9.67
CA ARG F 20 19.71 22.57 -9.57
C ARG F 20 20.16 22.24 -10.98
N GLY F 21 21.43 21.91 -11.14
CA GLY F 21 21.90 21.57 -12.47
C GLY F 21 21.77 20.06 -12.68
N THR F 22 20.54 19.56 -12.65
CA THR F 22 20.30 18.11 -12.82
C THR F 22 19.29 17.76 -13.90
N ALA F 23 19.12 16.47 -14.16
CA ALA F 23 18.16 16.02 -15.16
C ALA F 23 16.91 15.46 -14.49
N TYR F 24 16.98 15.31 -13.17
CA TYR F 24 15.87 14.82 -12.38
C TYR F 24 15.36 15.93 -11.46
N PRO F 25 14.05 15.92 -11.15
CA PRO F 25 13.11 14.92 -11.64
C PRO F 25 12.80 15.25 -13.10
N ASP F 26 12.51 14.22 -13.88
CA ASP F 26 12.24 14.38 -15.30
C ASP F 26 10.75 14.51 -15.61
N PRO F 27 10.34 15.62 -16.24
CA PRO F 27 8.93 15.78 -16.57
C PRO F 27 8.39 14.57 -17.37
N VAL F 28 9.28 13.92 -18.11
CA VAL F 28 8.89 12.75 -18.91
C VAL F 28 8.35 11.61 -18.04
N GLN F 29 8.91 11.44 -16.85
CA GLN F 29 8.44 10.39 -15.96
C GLN F 29 7.10 10.80 -15.37
N ALA F 30 7.01 12.05 -14.93
CA ALA F 30 5.79 12.55 -14.35
C ALA F 30 4.59 12.39 -15.30
N ALA F 31 4.79 12.69 -16.58
CA ALA F 31 3.70 12.55 -17.54
C ALA F 31 3.12 11.13 -17.54
N PHE F 32 3.97 10.11 -17.65
CA PHE F 32 3.49 8.73 -17.62
C PHE F 32 2.65 8.47 -16.38
N ILE F 33 3.17 8.85 -15.23
CA ILE F 33 2.47 8.67 -13.95
C ILE F 33 1.08 9.30 -14.03
N ALA F 34 1.05 10.59 -14.35
CA ALA F 34 -0.19 11.34 -14.45
C ALA F 34 -1.21 10.72 -15.39
N GLU F 35 -0.77 10.42 -16.61
CA GLU F 35 -1.64 9.83 -17.63
C GLU F 35 -2.25 8.51 -17.19
N GLN F 36 -1.62 7.85 -16.23
CA GLN F 36 -2.13 6.58 -15.76
C GLN F 36 -2.83 6.69 -14.40
N ALA F 37 -2.95 7.93 -13.91
CA ALA F 37 -3.59 8.16 -12.62
C ALA F 37 -4.83 9.05 -12.68
N GLY F 38 -5.31 9.36 -13.88
CA GLY F 38 -6.50 10.19 -13.99
C GLY F 38 -6.37 11.35 -14.96
N ALA F 39 -5.16 11.61 -15.46
CA ALA F 39 -4.96 12.70 -16.40
C ALA F 39 -5.47 12.31 -17.79
N ASP F 40 -6.23 13.20 -18.42
CA ASP F 40 -6.75 12.92 -19.75
C ASP F 40 -5.89 13.61 -20.79
N GLY F 41 -4.90 14.34 -20.30
CA GLY F 41 -3.97 15.04 -21.17
C GLY F 41 -2.87 15.64 -20.33
N ILE F 42 -1.82 16.11 -20.98
CA ILE F 42 -0.70 16.71 -20.28
C ILE F 42 -0.43 18.11 -20.82
N THR F 43 -0.29 19.06 -19.91
CA THR F 43 -0.02 20.44 -20.26
C THR F 43 1.40 20.83 -19.86
N VAL F 44 2.05 21.58 -20.76
CA VAL F 44 3.40 22.08 -20.53
C VAL F 44 3.48 23.47 -21.11
N HIS F 45 4.05 24.40 -20.34
CA HIS F 45 4.19 25.77 -20.77
C HIS F 45 5.66 26.04 -21.07
N LEU F 46 5.95 26.24 -22.36
CA LEU F 46 7.30 26.53 -22.80
C LEU F 46 7.44 28.04 -22.81
N ARG F 47 8.10 28.57 -21.78
CA ARG F 47 8.30 30.01 -21.66
C ARG F 47 9.46 30.47 -22.51
N GLU F 48 9.46 31.76 -22.85
CA GLU F 48 10.52 32.33 -23.66
C GLU F 48 11.86 32.14 -22.91
N ASP F 49 11.84 32.39 -21.60
CA ASP F 49 13.04 32.25 -20.80
C ASP F 49 13.34 30.78 -20.45
N ARG F 50 12.48 29.87 -20.89
CA ARG F 50 12.66 28.44 -20.62
C ARG F 50 12.94 28.22 -19.13
N ARG F 51 12.16 28.91 -18.29
CA ARG F 51 12.29 28.84 -16.83
C ARG F 51 12.27 27.41 -16.29
N HIS F 52 11.25 26.66 -16.70
CA HIS F 52 11.10 25.30 -16.26
C HIS F 52 11.10 24.34 -17.45
N ILE F 53 9.97 24.21 -18.13
CA ILE F 53 9.91 23.33 -19.29
C ILE F 53 10.88 23.84 -20.36
N THR F 54 11.59 22.91 -20.99
CA THR F 54 12.57 23.23 -22.02
C THR F 54 12.14 22.67 -23.37
N ASP F 55 12.87 23.04 -24.43
CA ASP F 55 12.57 22.54 -25.76
C ASP F 55 12.76 21.03 -25.75
N ARG F 56 13.78 20.56 -25.04
CA ARG F 56 14.04 19.12 -24.96
C ARG F 56 12.81 18.43 -24.39
N ASP F 57 12.27 19.00 -23.32
CA ASP F 57 11.09 18.44 -22.68
C ASP F 57 9.97 18.33 -23.71
N VAL F 58 9.67 19.42 -24.41
CA VAL F 58 8.60 19.41 -25.41
C VAL F 58 8.88 18.37 -26.49
N ARG F 59 10.11 18.36 -27.00
CA ARG F 59 10.53 17.43 -28.05
C ARG F 59 10.38 15.95 -27.65
N ILE F 60 10.79 15.61 -26.42
CA ILE F 60 10.69 14.22 -25.99
C ILE F 60 9.26 13.83 -25.61
N LEU F 61 8.58 14.70 -24.85
CA LEU F 61 7.21 14.41 -24.44
C LEU F 61 6.28 14.18 -25.63
N ARG F 62 6.53 14.88 -26.73
CA ARG F 62 5.68 14.71 -27.92
C ARG F 62 5.80 13.28 -28.44
N GLN F 63 6.91 12.62 -28.10
CA GLN F 63 7.15 11.25 -28.53
C GLN F 63 6.75 10.20 -27.49
N THR F 64 6.66 10.60 -26.23
CA THR F 64 6.33 9.66 -25.18
C THR F 64 4.91 9.74 -24.61
N LEU F 65 4.25 10.87 -24.76
CA LEU F 65 2.89 11.00 -24.24
C LEU F 65 1.95 9.96 -24.84
N ASP F 66 1.08 9.41 -24.00
CA ASP F 66 0.10 8.44 -24.45
C ASP F 66 -1.22 9.16 -24.69
N THR F 67 -1.36 10.33 -24.09
CA THR F 67 -2.58 11.14 -24.24
C THR F 67 -2.29 12.43 -25.02
N ARG F 68 -3.30 13.28 -25.16
CA ARG F 68 -3.16 14.52 -25.91
C ARG F 68 -2.27 15.56 -25.21
N MET F 69 -1.41 16.22 -25.99
CA MET F 69 -0.54 17.25 -25.46
C MET F 69 -1.14 18.66 -25.62
N ASN F 70 -1.01 19.47 -24.58
CA ASN F 70 -1.49 20.84 -24.58
C ASN F 70 -0.26 21.72 -24.32
N LEU F 71 0.16 22.43 -25.36
CA LEU F 71 1.32 23.31 -25.29
C LEU F 71 0.89 24.72 -24.91
N GLU F 72 1.38 25.19 -23.78
CA GLU F 72 1.05 26.52 -23.31
C GLU F 72 2.20 27.41 -23.80
N MET F 73 1.85 28.53 -24.42
CA MET F 73 2.89 29.41 -24.96
C MET F 73 2.39 30.82 -25.28
N ALA F 74 3.35 31.75 -25.31
CA ALA F 74 3.07 33.14 -25.61
C ALA F 74 2.96 33.28 -27.12
N VAL F 75 2.23 34.30 -27.56
CA VAL F 75 2.02 34.53 -28.98
C VAL F 75 3.20 35.27 -29.62
N THR F 76 4.17 34.50 -30.10
CA THR F 76 5.34 35.06 -30.75
C THR F 76 5.61 34.20 -31.97
N GLU F 77 6.36 34.73 -32.93
CA GLU F 77 6.67 33.96 -34.13
C GLU F 77 7.46 32.73 -33.74
N GLU F 78 8.43 32.91 -32.84
CA GLU F 78 9.26 31.78 -32.40
C GLU F 78 8.40 30.62 -31.88
N MET F 79 7.44 30.94 -31.03
CA MET F 79 6.56 29.94 -30.43
C MET F 79 5.58 29.33 -31.42
N LEU F 80 5.01 30.15 -32.29
CA LEU F 80 4.08 29.64 -33.29
C LEU F 80 4.83 28.61 -34.14
N ALA F 81 6.06 28.95 -34.49
CA ALA F 81 6.89 28.07 -35.30
C ALA F 81 7.10 26.74 -34.56
N ILE F 82 7.44 26.83 -33.28
CA ILE F 82 7.66 25.62 -32.49
C ILE F 82 6.40 24.77 -32.44
N ALA F 83 5.25 25.42 -32.28
CA ALA F 83 3.98 24.70 -32.20
C ALA F 83 3.65 23.99 -33.51
N VAL F 84 3.82 24.68 -34.62
CA VAL F 84 3.53 24.07 -35.92
C VAL F 84 4.42 22.85 -36.13
N GLU F 85 5.68 22.95 -35.73
CA GLU F 85 6.62 21.84 -35.87
C GLU F 85 6.25 20.70 -34.94
N THR F 86 5.93 21.05 -33.69
CA THR F 86 5.58 20.07 -32.67
C THR F 86 4.23 19.41 -32.89
N LYS F 87 3.30 20.14 -33.50
CA LYS F 87 1.97 19.61 -33.77
C LYS F 87 1.28 19.05 -32.53
N PRO F 88 1.26 19.81 -31.43
CA PRO F 88 0.60 19.29 -30.24
C PRO F 88 -0.90 19.20 -30.51
N HIS F 89 -1.59 18.33 -29.79
CA HIS F 89 -3.02 18.18 -29.99
C HIS F 89 -3.72 19.51 -29.63
N PHE F 90 -3.28 20.09 -28.51
CA PHE F 90 -3.82 21.34 -28.02
C PHE F 90 -2.75 22.38 -27.79
N CYS F 91 -3.15 23.64 -27.92
CA CYS F 91 -2.26 24.75 -27.72
C CYS F 91 -3.02 25.85 -26.96
N CYS F 92 -2.46 26.34 -25.85
CA CYS F 92 -3.13 27.41 -25.11
C CYS F 92 -2.26 28.66 -25.13
N LEU F 93 -2.79 29.74 -25.70
CA LEU F 93 -2.06 31.00 -25.79
C LEU F 93 -2.25 31.79 -24.49
N VAL F 94 -1.13 32.24 -23.94
CA VAL F 94 -1.11 32.98 -22.70
C VAL F 94 -0.08 34.13 -22.78
N PRO F 95 -0.22 35.15 -21.91
CA PRO F 95 0.68 36.31 -21.87
C PRO F 95 1.94 35.96 -21.09
N GLU F 96 3.06 36.57 -21.43
CA GLU F 96 4.29 36.30 -20.73
C GLU F 96 5.02 37.57 -20.31
N LYS F 97 5.05 37.80 -19.00
CA LYS F 97 5.68 38.98 -18.41
C LYS F 97 5.17 40.22 -19.15
N ARG F 98 4.12 40.83 -18.62
CA ARG F 98 3.51 42.03 -19.19
C ARG F 98 3.83 42.14 -20.68
N GLN F 99 3.49 41.11 -21.43
CA GLN F 99 3.75 41.09 -22.87
C GLN F 99 2.46 41.42 -23.65
N GLU F 100 1.32 41.21 -23.00
CA GLU F 100 0.01 41.48 -23.58
C GLU F 100 -1.02 40.93 -22.60
N VAL F 101 -0.90 41.37 -21.36
CA VAL F 101 -1.79 40.90 -20.30
C VAL F 101 -2.73 41.99 -19.76
N THR F 102 -3.90 41.56 -19.31
CA THR F 102 -4.89 42.47 -18.75
C THR F 102 -4.62 42.60 -17.26
N THR F 103 -5.29 43.55 -16.60
CA THR F 103 -5.12 43.76 -15.17
C THR F 103 -5.25 42.45 -14.38
N GLU F 104 -6.32 41.72 -14.61
CA GLU F 104 -6.58 40.46 -13.92
C GLU F 104 -5.52 39.40 -14.20
N GLY F 105 -5.01 39.39 -15.43
CA GLY F 105 -3.97 38.42 -15.77
C GLY F 105 -4.23 37.66 -17.05
N GLY F 106 -5.41 37.84 -17.63
CA GLY F 106 -5.74 37.14 -18.86
C GLY F 106 -5.06 37.71 -20.09
N LEU F 107 -5.18 37.00 -21.20
CA LEU F 107 -4.58 37.44 -22.45
C LEU F 107 -5.47 38.56 -22.97
N ASP F 108 -4.87 39.61 -23.52
CA ASP F 108 -5.67 40.69 -24.07
C ASP F 108 -5.98 40.33 -25.52
N VAL F 109 -7.11 39.68 -25.74
CA VAL F 109 -7.49 39.28 -27.10
C VAL F 109 -8.21 40.44 -27.79
N ALA F 110 -9.03 41.15 -27.02
CA ALA F 110 -9.80 42.28 -27.52
C ALA F 110 -8.96 43.37 -28.18
N GLY F 111 -7.85 43.73 -27.53
CA GLY F 111 -7.01 44.78 -28.09
C GLY F 111 -5.86 44.25 -28.90
N GLN F 112 -6.03 43.06 -29.47
CA GLN F 112 -4.97 42.44 -30.27
C GLN F 112 -5.64 41.43 -31.19
N ARG F 113 -6.77 41.80 -31.76
CA ARG F 113 -7.52 40.91 -32.63
C ARG F 113 -6.73 40.40 -33.84
N ASP F 114 -6.00 41.28 -34.50
CA ASP F 114 -5.22 40.87 -35.67
C ASP F 114 -4.13 39.87 -35.35
N LYS F 115 -3.37 40.13 -34.30
CA LYS F 115 -2.31 39.21 -33.92
C LYS F 115 -2.90 37.86 -33.56
N MET F 116 -4.03 37.87 -32.86
CA MET F 116 -4.66 36.62 -32.46
C MET F 116 -5.28 35.89 -33.63
N ARG F 117 -5.87 36.65 -34.55
CA ARG F 117 -6.47 36.05 -35.74
C ARG F 117 -5.40 35.25 -36.47
N ASP F 118 -4.24 35.87 -36.70
CA ASP F 118 -3.14 35.23 -37.40
C ASP F 118 -2.64 33.96 -36.70
N ALA F 119 -2.50 34.03 -35.38
CA ALA F 119 -2.02 32.90 -34.59
C ALA F 119 -3.01 31.73 -34.58
N CYS F 120 -4.29 32.02 -34.36
CA CYS F 120 -5.30 30.96 -34.34
C CYS F 120 -5.35 30.25 -35.69
N LYS F 121 -5.22 30.99 -36.78
CA LYS F 121 -5.26 30.37 -38.09
C LYS F 121 -3.96 29.61 -38.36
N ARG F 122 -2.84 30.22 -38.00
CA ARG F 122 -1.53 29.61 -38.16
C ARG F 122 -1.55 28.22 -37.50
N LEU F 123 -2.07 28.16 -36.27
CA LEU F 123 -2.14 26.92 -35.51
C LEU F 123 -3.26 25.97 -35.93
N ALA F 124 -4.42 26.53 -36.29
CA ALA F 124 -5.55 25.70 -36.74
C ALA F 124 -5.18 24.95 -38.02
N ASP F 125 -4.45 25.61 -38.91
CA ASP F 125 -4.03 25.02 -40.17
C ASP F 125 -3.02 23.89 -39.97
N ALA F 126 -2.37 23.88 -38.82
CA ALA F 126 -1.39 22.85 -38.50
C ALA F 126 -2.12 21.73 -37.76
N GLY F 127 -3.44 21.80 -37.76
CA GLY F 127 -4.25 20.80 -37.09
C GLY F 127 -4.30 20.89 -35.57
N ILE F 128 -3.91 22.06 -35.02
CA ILE F 128 -3.92 22.28 -33.57
C ILE F 128 -5.23 22.96 -33.13
N GLN F 129 -5.77 22.52 -32.01
CA GLN F 129 -7.00 23.13 -31.48
C GLN F 129 -6.54 24.19 -30.50
N VAL F 130 -6.87 25.44 -30.81
CA VAL F 130 -6.46 26.57 -29.99
C VAL F 130 -7.41 27.09 -28.92
N SER F 131 -6.84 27.32 -27.74
CA SER F 131 -7.58 27.88 -26.62
C SER F 131 -6.91 29.20 -26.28
N LEU F 132 -7.72 30.17 -25.86
CA LEU F 132 -7.20 31.47 -25.48
C LEU F 132 -7.42 31.65 -23.98
N PHE F 133 -6.35 31.93 -23.25
CA PHE F 133 -6.45 32.13 -21.81
C PHE F 133 -6.84 33.59 -21.51
N ILE F 134 -8.11 33.80 -21.16
CA ILE F 134 -8.61 35.14 -20.87
C ILE F 134 -9.41 35.21 -19.57
N ASP F 135 -9.67 36.44 -19.14
CA ASP F 135 -10.44 36.67 -17.92
C ASP F 135 -11.90 36.40 -18.22
N ALA F 136 -12.66 36.15 -17.16
CA ALA F 136 -14.09 35.91 -17.28
C ALA F 136 -14.70 37.28 -17.59
N ASP F 137 -14.51 37.73 -18.83
CA ASP F 137 -14.98 39.04 -19.26
C ASP F 137 -15.75 38.96 -20.59
N GLU F 138 -16.91 39.60 -20.66
CA GLU F 138 -17.73 39.56 -21.88
C GLU F 138 -16.94 40.00 -23.11
N GLU F 139 -16.35 41.18 -23.05
CA GLU F 139 -15.59 41.73 -24.16
C GLU F 139 -14.50 40.77 -24.66
N GLN F 140 -13.72 40.22 -23.73
CA GLN F 140 -12.67 39.28 -24.11
C GLN F 140 -13.25 38.03 -24.76
N ILE F 141 -14.34 37.52 -24.18
CA ILE F 141 -15.01 36.32 -24.72
C ILE F 141 -15.42 36.53 -26.16
N LYS F 142 -16.05 37.68 -26.42
CA LYS F 142 -16.52 38.01 -27.76
C LYS F 142 -15.34 38.02 -28.73
N ALA F 143 -14.25 38.67 -28.33
CA ALA F 143 -13.07 38.75 -29.17
C ALA F 143 -12.48 37.37 -29.49
N ALA F 144 -12.55 36.45 -28.53
CA ALA F 144 -12.02 35.09 -28.72
C ALA F 144 -12.84 34.37 -29.77
N ALA F 145 -14.15 34.59 -29.73
CA ALA F 145 -15.08 33.99 -30.67
C ALA F 145 -14.81 34.49 -32.10
N GLU F 146 -14.60 35.79 -32.25
CA GLU F 146 -14.33 36.40 -33.55
C GLU F 146 -12.98 35.97 -34.14
N VAL F 147 -11.97 35.90 -33.28
CA VAL F 147 -10.61 35.51 -33.70
C VAL F 147 -10.56 34.11 -34.29
N GLY F 148 -11.56 33.30 -33.97
CA GLY F 148 -11.60 31.95 -34.49
C GLY F 148 -11.22 30.85 -33.52
N ALA F 149 -10.80 31.21 -32.31
CA ALA F 149 -10.40 30.23 -31.31
C ALA F 149 -11.55 29.29 -30.94
N PRO F 150 -11.31 27.97 -31.03
CA PRO F 150 -12.33 26.97 -30.70
C PRO F 150 -12.56 26.90 -29.19
N PHE F 151 -11.49 27.12 -28.44
CA PHE F 151 -11.54 27.06 -26.99
C PHE F 151 -11.09 28.35 -26.33
N ILE F 152 -11.44 28.48 -25.06
CA ILE F 152 -11.01 29.59 -24.23
C ILE F 152 -10.78 28.93 -22.86
N GLU F 153 -9.81 29.43 -22.11
CA GLU F 153 -9.59 28.88 -20.79
C GLU F 153 -9.75 30.06 -19.84
N ILE F 154 -10.80 30.00 -19.03
CA ILE F 154 -11.08 31.06 -18.08
C ILE F 154 -10.05 31.11 -16.96
N HIS F 155 -9.55 32.31 -16.70
CA HIS F 155 -8.56 32.57 -15.66
C HIS F 155 -9.24 32.50 -14.27
N THR F 156 -9.00 31.42 -13.54
CA THR F 156 -9.62 31.23 -12.22
C THR F 156 -8.74 31.66 -11.05
N GLY F 157 -7.67 32.38 -11.34
CA GLY F 157 -6.77 32.83 -10.29
C GLY F 157 -7.38 33.74 -9.25
N CYS F 158 -8.28 34.62 -9.68
CA CYS F 158 -8.94 35.55 -8.77
C CYS F 158 -9.82 34.75 -7.81
N TYR F 159 -10.59 33.82 -8.36
CA TYR F 159 -11.44 32.98 -7.54
C TYR F 159 -10.56 32.22 -6.56
N ALA F 160 -9.45 31.66 -7.05
CA ALA F 160 -8.54 30.90 -6.21
C ALA F 160 -7.84 31.76 -5.14
N ASP F 161 -7.71 33.06 -5.39
CA ASP F 161 -7.04 33.93 -4.44
C ASP F 161 -7.98 34.66 -3.49
N ALA F 162 -9.28 34.39 -3.61
CA ALA F 162 -10.28 35.02 -2.77
C ALA F 162 -9.90 34.91 -1.29
N LYS F 163 -9.97 36.02 -0.57
CA LYS F 163 -9.60 36.03 0.84
C LYS F 163 -10.76 35.83 1.80
N THR F 164 -11.99 35.90 1.30
CA THR F 164 -13.17 35.68 2.15
C THR F 164 -14.14 34.81 1.37
N ASP F 165 -15.16 34.31 2.07
CA ASP F 165 -16.17 33.46 1.44
C ASP F 165 -17.05 34.27 0.50
N ALA F 166 -17.28 35.53 0.84
CA ALA F 166 -18.12 36.39 0.02
C ALA F 166 -17.41 36.75 -1.27
N GLU F 167 -16.10 37.03 -1.17
CA GLU F 167 -15.32 37.37 -2.35
C GLU F 167 -15.23 36.14 -3.25
N GLN F 168 -15.06 34.97 -2.63
CA GLN F 168 -14.97 33.73 -3.39
C GLN F 168 -16.27 33.48 -4.16
N ALA F 169 -17.40 33.61 -3.47
CA ALA F 169 -18.70 33.40 -4.07
C ALA F 169 -18.91 34.34 -5.24
N GLN F 170 -18.51 35.60 -5.07
CA GLN F 170 -18.65 36.59 -6.14
C GLN F 170 -17.83 36.19 -7.36
N GLU F 171 -16.61 35.73 -7.16
CA GLU F 171 -15.78 35.33 -8.29
C GLU F 171 -16.34 34.10 -9.00
N LEU F 172 -16.88 33.17 -8.21
CA LEU F 172 -17.46 31.94 -8.75
C LEU F 172 -18.59 32.29 -9.72
N ALA F 173 -19.46 33.18 -9.29
CA ALA F 173 -20.59 33.61 -10.10
C ALA F 173 -20.10 34.25 -11.39
N ARG F 174 -18.99 34.99 -11.33
CA ARG F 174 -18.43 35.64 -12.52
C ARG F 174 -18.08 34.59 -13.56
N ILE F 175 -17.38 33.57 -13.10
CA ILE F 175 -16.93 32.48 -13.95
C ILE F 175 -18.11 31.71 -14.52
N ALA F 176 -19.08 31.42 -13.67
CA ALA F 176 -20.26 30.69 -14.10
C ALA F 176 -20.96 31.45 -15.24
N LYS F 177 -21.07 32.77 -15.11
CA LYS F 177 -21.71 33.61 -16.13
C LYS F 177 -20.90 33.69 -17.40
N ALA F 178 -19.59 33.74 -17.25
CA ALA F 178 -18.69 33.81 -18.40
C ALA F 178 -18.74 32.48 -19.14
N ALA F 179 -18.78 31.38 -18.39
CA ALA F 179 -18.83 30.07 -19.02
C ALA F 179 -20.07 29.92 -19.89
N THR F 180 -21.20 30.39 -19.39
CA THR F 180 -22.45 30.27 -20.14
C THR F 180 -22.49 31.20 -21.36
N PHE F 181 -21.96 32.41 -21.20
CA PHE F 181 -21.92 33.37 -22.30
C PHE F 181 -21.01 32.85 -23.40
N ALA F 182 -19.87 32.30 -23.01
CA ALA F 182 -18.91 31.76 -23.97
C ALA F 182 -19.54 30.61 -24.76
N ALA F 183 -20.31 29.78 -24.06
CA ALA F 183 -20.97 28.64 -24.69
C ALA F 183 -22.07 29.07 -25.66
N SER F 184 -22.75 30.16 -25.34
CA SER F 184 -23.81 30.66 -26.21
C SER F 184 -23.19 31.19 -27.49
N LEU F 185 -21.90 31.45 -27.43
CA LEU F 185 -21.16 31.97 -28.59
C LEU F 185 -20.51 30.87 -29.42
N GLY F 186 -20.69 29.62 -29.00
CA GLY F 186 -20.12 28.51 -29.73
C GLY F 186 -18.76 28.06 -29.24
N LEU F 187 -18.27 28.66 -28.16
CA LEU F 187 -16.97 28.31 -27.60
C LEU F 187 -17.06 27.18 -26.59
N LYS F 188 -15.98 26.40 -26.51
CA LYS F 188 -15.91 25.33 -25.53
C LYS F 188 -15.08 26.00 -24.44
N VAL F 189 -15.41 25.74 -23.18
CA VAL F 189 -14.71 26.39 -22.09
C VAL F 189 -13.96 25.50 -21.13
N ASN F 190 -12.72 25.90 -20.85
CA ASN F 190 -11.85 25.20 -19.92
C ASN F 190 -11.54 26.18 -18.80
N ALA F 191 -10.85 25.70 -17.77
CA ALA F 191 -10.49 26.53 -16.66
C ALA F 191 -9.23 25.99 -16.03
N GLY F 192 -8.80 26.60 -14.94
CA GLY F 192 -7.60 26.14 -14.29
C GLY F 192 -6.79 27.33 -13.84
N HIS F 193 -5.69 27.05 -13.19
CA HIS F 193 -4.80 28.06 -12.64
C HIS F 193 -5.30 28.38 -11.27
N GLY F 194 -4.49 28.07 -10.27
CA GLY F 194 -4.87 28.34 -8.91
C GLY F 194 -5.82 27.33 -8.32
N LEU F 195 -6.38 26.43 -9.12
CA LEU F 195 -7.32 25.45 -8.55
C LEU F 195 -6.59 24.54 -7.57
N THR F 196 -7.24 24.21 -6.46
CA THR F 196 -6.66 23.34 -5.44
C THR F 196 -7.64 22.23 -5.06
N TYR F 197 -7.23 21.37 -4.14
CA TYR F 197 -8.10 20.29 -3.71
C TYR F 197 -9.29 20.82 -2.91
N HIS F 198 -9.21 22.07 -2.45
CA HIS F 198 -10.30 22.65 -1.66
C HIS F 198 -11.20 23.66 -2.37
N ASN F 199 -10.90 23.99 -3.62
CA ASN F 199 -11.78 24.93 -4.34
C ASN F 199 -12.11 24.41 -5.74
N VAL F 200 -11.62 23.23 -6.07
CA VAL F 200 -11.87 22.67 -7.40
C VAL F 200 -13.33 22.27 -7.67
N LYS F 201 -14.00 21.66 -6.70
CA LYS F 201 -15.38 21.22 -6.94
C LYS F 201 -16.36 22.26 -7.47
N ALA F 202 -16.36 23.44 -6.88
CA ALA F 202 -17.27 24.49 -7.33
C ALA F 202 -17.13 24.81 -8.81
N ILE F 203 -15.91 24.69 -9.34
CA ILE F 203 -15.66 24.97 -10.75
C ILE F 203 -15.99 23.78 -11.62
N ALA F 204 -15.74 22.60 -11.09
CA ALA F 204 -16.01 21.35 -11.78
C ALA F 204 -17.52 21.20 -11.93
N ALA F 205 -18.27 21.80 -11.00
CA ALA F 205 -19.72 21.72 -11.03
C ALA F 205 -20.32 22.56 -12.15
N ILE F 206 -19.56 23.53 -12.64
CA ILE F 206 -20.05 24.39 -13.72
C ILE F 206 -20.24 23.51 -14.95
N PRO F 207 -21.49 23.34 -15.40
CA PRO F 207 -21.84 22.52 -16.56
C PRO F 207 -21.03 22.75 -17.83
N GLU F 208 -20.76 24.01 -18.14
CA GLU F 208 -20.04 24.33 -19.36
C GLU F 208 -18.56 23.92 -19.38
N MET F 209 -17.96 23.69 -18.22
CA MET F 209 -16.54 23.31 -18.18
C MET F 209 -16.23 21.99 -18.89
N HIS F 210 -15.26 22.02 -19.79
CA HIS F 210 -14.87 20.84 -20.55
C HIS F 210 -13.63 20.15 -19.96
N GLU F 211 -12.57 20.93 -19.76
CA GLU F 211 -11.35 20.39 -19.18
C GLU F 211 -10.73 21.38 -18.22
N LEU F 212 -10.21 20.86 -17.13
CA LEU F 212 -9.54 21.69 -16.14
C LEU F 212 -8.06 21.37 -16.20
N ASN F 213 -7.27 22.42 -16.34
CA ASN F 213 -5.82 22.27 -16.41
C ASN F 213 -5.28 22.76 -15.08
N ILE F 214 -4.81 21.82 -14.27
CA ILE F 214 -4.29 22.14 -12.94
C ILE F 214 -2.86 21.63 -12.83
N GLY F 215 -1.99 22.44 -12.22
CA GLY F 215 -0.62 22.00 -12.11
C GLY F 215 -0.02 22.14 -10.73
N HIS F 216 0.22 23.37 -10.32
CA HIS F 216 0.85 23.64 -9.04
C HIS F 216 0.31 22.93 -7.81
N ALA F 217 -1.00 22.94 -7.62
CA ALA F 217 -1.57 22.25 -6.46
C ALA F 217 -1.28 20.76 -6.49
N ILE F 218 -1.36 20.15 -7.67
CA ILE F 218 -1.08 18.73 -7.80
C ILE F 218 0.37 18.38 -7.51
N ILE F 219 1.31 19.17 -8.04
CA ILE F 219 2.72 18.92 -7.81
C ILE F 219 3.01 19.20 -6.32
N GLY F 220 2.28 20.17 -5.77
CA GLY F 220 2.42 20.53 -4.37
C GLY F 220 2.06 19.37 -3.46
N ARG F 221 0.97 18.69 -3.80
CA ARG F 221 0.52 17.53 -3.04
C ARG F 221 1.43 16.34 -3.36
N ALA F 222 1.86 16.23 -4.61
CA ALA F 222 2.70 15.11 -5.00
C ALA F 222 3.98 14.97 -4.19
N VAL F 223 4.63 16.09 -3.85
CA VAL F 223 5.87 16.01 -3.09
C VAL F 223 5.66 15.32 -1.77
N MET F 224 4.42 15.35 -1.28
CA MET F 224 4.09 14.69 -0.04
C MET F 224 3.58 13.28 -0.25
N THR F 225 2.52 13.16 -1.05
CA THR F 225 1.86 11.89 -1.30
C THR F 225 2.26 11.05 -2.52
N GLY F 226 3.06 11.62 -3.42
CA GLY F 226 3.43 10.89 -4.63
C GLY F 226 2.50 11.36 -5.73
N LEU F 227 3.01 11.50 -6.95
CA LEU F 227 2.23 11.99 -8.07
C LEU F 227 0.99 11.17 -8.41
N LYS F 228 1.06 9.85 -8.25
CA LYS F 228 -0.08 9.00 -8.57
C LYS F 228 -1.30 9.33 -7.72
N ASP F 229 -1.14 9.32 -6.40
CA ASP F 229 -2.26 9.65 -5.53
C ASP F 229 -2.68 11.11 -5.71
N ALA F 230 -1.72 12.00 -5.96
CA ALA F 230 -2.05 13.41 -6.16
C ALA F 230 -2.98 13.60 -7.36
N VAL F 231 -2.68 12.93 -8.47
CA VAL F 231 -3.51 13.03 -9.67
C VAL F 231 -4.84 12.32 -9.46
N ALA F 232 -4.80 11.08 -8.96
CA ALA F 232 -6.03 10.33 -8.73
C ALA F 232 -6.99 11.10 -7.84
N GLU F 233 -6.46 11.71 -6.78
CA GLU F 233 -7.30 12.49 -5.86
C GLU F 233 -8.04 13.62 -6.57
N MET F 234 -7.30 14.47 -7.28
CA MET F 234 -7.92 15.59 -7.98
C MET F 234 -9.00 15.12 -8.95
N LYS F 235 -8.72 14.06 -9.71
CA LYS F 235 -9.70 13.56 -10.68
C LYS F 235 -10.99 13.08 -10.02
N ARG F 236 -10.86 12.41 -8.88
CA ARG F 236 -12.02 11.90 -8.17
C ARG F 236 -12.88 13.06 -7.69
N LEU F 237 -12.22 14.11 -7.17
CA LEU F 237 -12.96 15.27 -6.70
C LEU F 237 -13.76 15.89 -7.84
N MET F 238 -13.10 16.03 -8.99
CA MET F 238 -13.74 16.62 -10.15
C MET F 238 -14.94 15.79 -10.63
N LEU F 239 -14.80 14.46 -10.70
CA LEU F 239 -15.93 13.61 -11.11
C LEU F 239 -17.05 13.60 -10.07
N GLU F 240 -16.69 13.72 -8.79
CA GLU F 240 -17.73 13.74 -7.74
C GLU F 240 -18.56 15.02 -7.89
N ALA F 241 -17.88 16.12 -8.19
CA ALA F 241 -18.56 17.39 -8.34
C ALA F 241 -19.46 17.42 -9.58
N ARG F 242 -19.05 16.74 -10.64
CA ARG F 242 -19.83 16.71 -11.87
C ARG F 242 -21.01 15.76 -11.81
N GLY F 243 -20.80 14.61 -11.19
CA GLY F 243 -21.86 13.61 -11.08
C GLY F 243 -22.65 13.70 -9.79
N ALA G 2 -34.21 1.45 0.04
CA ALA G 2 -33.66 1.57 1.42
C ALA G 2 -32.18 1.22 1.39
N GLU G 3 -31.46 1.57 2.45
CA GLU G 3 -30.04 1.27 2.47
C GLU G 3 -29.84 -0.24 2.66
N LEU G 4 -28.67 -0.73 2.26
CA LEU G 4 -28.38 -2.15 2.40
C LEU G 4 -27.26 -2.31 3.41
N LEU G 5 -27.46 -3.23 4.34
CA LEU G 5 -26.46 -3.48 5.35
C LEU G 5 -25.75 -4.80 5.09
N LEU G 6 -24.52 -4.89 5.56
CA LEU G 6 -23.71 -6.09 5.39
C LEU G 6 -23.39 -6.71 6.74
N GLY G 7 -23.78 -7.97 6.91
CA GLY G 7 -23.49 -8.66 8.15
C GLY G 7 -22.44 -9.72 7.85
N VAL G 8 -21.23 -9.56 8.40
CA VAL G 8 -20.16 -10.51 8.13
C VAL G 8 -20.10 -11.70 9.10
N ASN G 9 -20.20 -12.89 8.52
CA ASN G 9 -20.15 -14.12 9.29
C ASN G 9 -18.70 -14.56 9.39
N ILE G 10 -18.17 -14.63 10.61
CA ILE G 10 -16.77 -15.01 10.82
C ILE G 10 -16.55 -16.45 11.24
N ASP G 11 -17.58 -17.28 11.09
CA ASP G 11 -17.45 -18.70 11.46
C ASP G 11 -16.21 -19.39 10.92
N HIS G 12 -15.94 -19.22 9.62
CA HIS G 12 -14.81 -19.89 9.02
C HIS G 12 -13.44 -19.44 9.50
N ILE G 13 -13.43 -18.38 10.29
CA ILE G 13 -12.16 -17.93 10.85
C ILE G 13 -11.90 -19.00 11.92
N ALA G 14 -12.96 -19.33 12.67
CA ALA G 14 -12.85 -20.35 13.73
C ALA G 14 -12.55 -21.74 13.18
N THR G 15 -13.13 -22.08 12.03
CA THR G 15 -12.90 -23.38 11.43
C THR G 15 -11.41 -23.57 11.17
N LEU G 16 -10.77 -22.49 10.74
CA LEU G 16 -9.34 -22.51 10.47
C LEU G 16 -8.59 -22.78 11.77
N ARG G 17 -8.96 -22.09 12.84
CA ARG G 17 -8.30 -22.27 14.11
C ARG G 17 -8.56 -23.65 14.70
N ASN G 18 -9.82 -24.07 14.70
CA ASN G 18 -10.18 -25.38 15.26
C ASN G 18 -9.53 -26.53 14.48
N ALA G 19 -9.03 -26.26 13.29
CA ALA G 19 -8.39 -27.31 12.50
C ALA G 19 -7.16 -27.78 13.27
N ARG G 20 -6.48 -26.84 13.93
CA ARG G 20 -5.29 -27.18 14.71
C ARG G 20 -5.58 -27.03 16.20
N GLY G 21 -6.80 -26.61 16.52
CA GLY G 21 -7.20 -26.43 17.90
C GLY G 21 -6.26 -25.46 18.62
N THR G 22 -5.67 -24.55 17.87
CA THR G 22 -4.78 -23.61 18.48
C THR G 22 -5.59 -22.37 18.87
N ALA G 23 -4.94 -21.23 19.04
CA ALA G 23 -5.67 -20.03 19.42
C ALA G 23 -5.96 -19.12 18.23
N TYR G 24 -5.09 -19.21 17.22
CA TYR G 24 -5.20 -18.40 16.00
C TYR G 24 -5.64 -19.23 14.79
N PRO G 25 -6.35 -18.60 13.85
CA PRO G 25 -6.72 -17.18 13.92
C PRO G 25 -7.86 -16.96 14.91
N ASP G 26 -7.89 -15.80 15.55
CA ASP G 26 -8.90 -15.48 16.56
C ASP G 26 -10.08 -14.71 15.97
N PRO G 27 -11.30 -15.25 16.10
CA PRO G 27 -12.48 -14.57 15.58
C PRO G 27 -12.64 -13.15 16.12
N VAL G 28 -12.14 -12.91 17.33
CA VAL G 28 -12.24 -11.59 17.95
C VAL G 28 -11.48 -10.54 17.12
N GLN G 29 -10.33 -10.93 16.58
CA GLN G 29 -9.53 -10.02 15.75
C GLN G 29 -10.24 -9.78 14.44
N ALA G 30 -10.79 -10.84 13.85
CA ALA G 30 -11.50 -10.72 12.60
C ALA G 30 -12.65 -9.71 12.72
N ALA G 31 -13.35 -9.73 13.85
CA ALA G 31 -14.48 -8.82 14.09
C ALA G 31 -14.08 -7.34 13.98
N PHE G 32 -13.00 -6.96 14.66
CA PHE G 32 -12.53 -5.58 14.62
C PHE G 32 -12.23 -5.15 13.19
N ILE G 33 -11.47 -5.96 12.47
CA ILE G 33 -11.13 -5.65 11.09
C ILE G 33 -12.38 -5.46 10.23
N ALA G 34 -13.30 -6.42 10.30
CA ALA G 34 -14.53 -6.35 9.52
C ALA G 34 -15.37 -5.13 9.83
N GLU G 35 -15.60 -4.89 11.13
CA GLU G 35 -16.41 -3.77 11.60
C GLU G 35 -15.86 -2.44 11.14
N GLN G 36 -14.54 -2.40 10.93
CA GLN G 36 -13.87 -1.19 10.49
C GLN G 36 -13.63 -1.14 8.99
N ALA G 37 -14.16 -2.12 8.25
CA ALA G 37 -13.99 -2.17 6.81
C ALA G 37 -15.27 -2.39 5.98
N GLY G 38 -16.43 -2.12 6.55
CA GLY G 38 -17.66 -2.29 5.79
C GLY G 38 -18.76 -3.07 6.48
N ALA G 39 -18.40 -3.83 7.51
CA ALA G 39 -19.39 -4.62 8.24
C ALA G 39 -20.23 -3.72 9.14
N ASP G 40 -21.53 -3.92 9.09
CA ASP G 40 -22.47 -3.15 9.91
C ASP G 40 -22.87 -4.04 11.07
N GLY G 41 -22.36 -5.27 11.06
CA GLY G 41 -22.66 -6.21 12.12
C GLY G 41 -21.88 -7.49 11.93
N ILE G 42 -21.66 -8.22 13.02
CA ILE G 42 -20.93 -9.48 12.95
C ILE G 42 -21.92 -10.61 13.23
N THR G 43 -21.81 -11.67 12.45
CA THR G 43 -22.68 -12.84 12.59
C THR G 43 -21.82 -14.03 13.00
N VAL G 44 -22.34 -14.83 13.93
CA VAL G 44 -21.65 -16.04 14.40
C VAL G 44 -22.69 -17.12 14.68
N HIS G 45 -22.44 -18.31 14.15
CA HIS G 45 -23.32 -19.45 14.35
C HIS G 45 -22.75 -20.32 15.47
N LEU G 46 -23.47 -20.40 16.58
CA LEU G 46 -23.01 -21.20 17.70
C LEU G 46 -23.65 -22.59 17.57
N ARG G 47 -22.97 -23.52 16.91
CA ARG G 47 -23.52 -24.86 16.74
C ARG G 47 -23.56 -25.58 18.09
N GLU G 48 -24.47 -26.52 18.27
CA GLU G 48 -24.53 -27.22 19.55
C GLU G 48 -23.28 -28.05 19.74
N ASP G 49 -22.72 -28.52 18.63
CA ASP G 49 -21.51 -29.33 18.67
C ASP G 49 -20.30 -28.41 18.62
N ARG G 50 -20.56 -27.11 18.45
CA ARG G 50 -19.52 -26.09 18.40
C ARG G 50 -18.35 -26.42 17.46
N ARG G 51 -18.69 -26.81 16.23
CA ARG G 51 -17.70 -27.16 15.20
C ARG G 51 -16.64 -26.07 15.04
N HIS G 52 -17.11 -24.83 14.89
CA HIS G 52 -16.25 -23.67 14.73
C HIS G 52 -16.36 -22.70 15.92
N ILE G 53 -17.34 -21.81 15.88
CA ILE G 53 -17.56 -20.83 16.95
C ILE G 53 -17.81 -21.53 18.28
N THR G 54 -17.11 -21.10 19.32
CA THR G 54 -17.26 -21.69 20.64
C THR G 54 -17.90 -20.75 21.64
N ASP G 55 -18.25 -21.28 22.82
CA ASP G 55 -18.87 -20.48 23.88
C ASP G 55 -17.96 -19.31 24.21
N ARG G 56 -16.66 -19.59 24.28
CA ARG G 56 -15.66 -18.57 24.58
C ARG G 56 -15.72 -17.47 23.53
N ASP G 57 -15.89 -17.86 22.27
CA ASP G 57 -15.96 -16.87 21.19
C ASP G 57 -17.11 -15.91 21.42
N VAL G 58 -18.31 -16.45 21.62
CA VAL G 58 -19.48 -15.62 21.84
C VAL G 58 -19.31 -14.73 23.06
N ARG G 59 -18.82 -15.33 24.14
CA ARG G 59 -18.62 -14.60 25.38
C ARG G 59 -17.73 -13.35 25.20
N ILE G 60 -16.55 -13.51 24.62
CA ILE G 60 -15.65 -12.36 24.43
C ILE G 60 -16.20 -11.39 23.37
N LEU G 61 -16.65 -11.93 22.25
CA LEU G 61 -17.20 -11.10 21.18
C LEU G 61 -18.29 -10.15 21.68
N ARG G 62 -19.16 -10.63 22.56
CA ARG G 62 -20.21 -9.77 23.08
C ARG G 62 -19.64 -8.55 23.83
N GLN G 63 -18.40 -8.69 24.32
CA GLN G 63 -17.72 -7.64 25.06
C GLN G 63 -16.77 -6.77 24.22
N THR G 64 -16.39 -7.25 23.03
CA THR G 64 -15.48 -6.51 22.18
C THR G 64 -16.12 -5.93 20.92
N LEU G 65 -17.24 -6.49 20.50
CA LEU G 65 -17.92 -5.99 19.30
C LEU G 65 -18.27 -4.52 19.45
N ASP G 66 -17.97 -3.74 18.41
CA ASP G 66 -18.29 -2.32 18.44
C ASP G 66 -19.62 -2.07 17.73
N THR G 67 -20.07 -3.04 16.93
CA THR G 67 -21.33 -2.91 16.21
C THR G 67 -22.45 -3.71 16.88
N ARG G 68 -23.02 -4.68 16.18
CA ARG G 68 -24.09 -5.47 16.74
C ARG G 68 -23.95 -6.95 16.40
N MET G 69 -24.20 -7.82 17.37
CA MET G 69 -24.08 -9.25 17.14
C MET G 69 -25.37 -9.89 16.61
N ASN G 70 -25.19 -10.85 15.71
CA ASN G 70 -26.28 -11.64 15.12
C ASN G 70 -25.93 -13.09 15.47
N LEU G 71 -26.59 -13.61 16.50
CA LEU G 71 -26.36 -14.98 16.95
C LEU G 71 -27.24 -15.97 16.19
N GLU G 72 -26.60 -16.79 15.36
CA GLU G 72 -27.31 -17.82 14.60
C GLU G 72 -27.27 -19.05 15.49
N MET G 73 -28.40 -19.74 15.60
CA MET G 73 -28.45 -20.90 16.47
C MET G 73 -29.64 -21.80 16.15
N ALA G 74 -29.63 -22.99 16.74
CA ALA G 74 -30.72 -23.93 16.56
C ALA G 74 -31.76 -23.60 17.63
N VAL G 75 -33.00 -23.98 17.37
CA VAL G 75 -34.07 -23.72 18.32
C VAL G 75 -34.08 -24.79 19.41
N THR G 76 -33.21 -24.65 20.40
CA THR G 76 -33.14 -25.60 21.52
C THR G 76 -33.15 -24.81 22.81
N GLU G 77 -33.69 -25.40 23.86
CA GLU G 77 -33.75 -24.72 25.16
C GLU G 77 -32.38 -24.20 25.58
N GLU G 78 -31.35 -25.00 25.36
CA GLU G 78 -30.00 -24.60 25.73
C GLU G 78 -29.64 -23.30 25.00
N MET G 79 -29.81 -23.30 23.68
CA MET G 79 -29.50 -22.12 22.88
C MET G 79 -30.34 -20.90 23.25
N LEU G 80 -31.61 -21.12 23.58
CA LEU G 80 -32.47 -20.01 23.96
C LEU G 80 -31.97 -19.35 25.23
N ALA G 81 -31.57 -20.16 26.19
CA ALA G 81 -31.06 -19.66 27.46
C ALA G 81 -29.78 -18.86 27.27
N ILE G 82 -28.99 -19.20 26.25
CA ILE G 82 -27.74 -18.49 26.00
C ILE G 82 -27.97 -17.14 25.32
N ALA G 83 -28.83 -17.12 24.31
CA ALA G 83 -29.14 -15.89 23.60
C ALA G 83 -29.73 -14.87 24.59
N VAL G 84 -30.55 -15.36 25.51
CA VAL G 84 -31.17 -14.50 26.52
C VAL G 84 -30.13 -13.91 27.47
N GLU G 85 -29.06 -14.66 27.71
CA GLU G 85 -27.99 -14.22 28.60
C GLU G 85 -26.97 -13.34 27.89
N THR G 86 -26.66 -13.69 26.64
CA THR G 86 -25.70 -12.92 25.86
C THR G 86 -26.34 -11.62 25.39
N LYS G 87 -27.65 -11.68 25.19
CA LYS G 87 -28.44 -10.54 24.76
C LYS G 87 -27.94 -9.90 23.45
N PRO G 88 -27.79 -10.71 22.39
CA PRO G 88 -27.32 -10.16 21.11
C PRO G 88 -28.44 -9.31 20.52
N HIS G 89 -28.07 -8.33 19.71
CA HIS G 89 -29.07 -7.47 19.10
C HIS G 89 -29.94 -8.29 18.15
N PHE G 90 -29.30 -9.16 17.38
CA PHE G 90 -30.02 -10.00 16.43
C PHE G 90 -29.84 -11.48 16.77
N CYS G 91 -30.77 -12.29 16.28
CA CYS G 91 -30.75 -13.72 16.51
C CYS G 91 -31.38 -14.34 15.26
N CYS G 92 -30.69 -15.31 14.67
CA CYS G 92 -31.18 -15.98 13.48
C CYS G 92 -31.32 -17.47 13.80
N LEU G 93 -32.55 -17.96 13.74
CA LEU G 93 -32.83 -19.37 14.03
C LEU G 93 -32.58 -20.24 12.82
N VAL G 94 -31.71 -21.24 12.98
CA VAL G 94 -31.36 -22.14 11.88
C VAL G 94 -31.53 -23.61 12.27
N PRO G 95 -31.69 -24.49 11.26
CA PRO G 95 -31.85 -25.93 11.53
C PRO G 95 -30.52 -26.63 11.78
N GLU G 96 -30.53 -27.63 12.65
CA GLU G 96 -29.33 -28.40 12.94
C GLU G 96 -29.55 -29.91 12.88
N LYS G 97 -30.83 -30.31 12.92
CA LYS G 97 -31.19 -31.73 12.87
C LYS G 97 -32.30 -31.95 11.83
N ARG G 98 -33.29 -32.78 12.16
CA ARG G 98 -34.41 -33.08 11.26
C ARG G 98 -35.41 -31.92 11.23
N GLN G 99 -34.89 -30.70 11.38
CA GLN G 99 -35.68 -29.49 11.39
C GLN G 99 -35.51 -28.77 10.05
N GLU G 100 -34.88 -29.46 9.10
CA GLU G 100 -34.60 -28.92 7.78
C GLU G 100 -35.67 -29.26 6.74
N VAL G 101 -35.52 -28.68 5.55
CA VAL G 101 -36.44 -28.91 4.44
C VAL G 101 -35.65 -29.42 3.23
N THR G 102 -35.39 -30.74 3.19
CA THR G 102 -34.63 -31.35 2.09
C THR G 102 -33.42 -30.46 1.75
N THR G 103 -33.07 -30.35 0.47
CA THR G 103 -31.95 -29.48 0.10
C THR G 103 -32.56 -28.09 0.19
N GLU G 104 -31.72 -27.06 0.15
CA GLU G 104 -32.22 -25.69 0.28
C GLU G 104 -32.91 -25.76 1.63
N GLY G 105 -32.26 -26.49 2.53
CA GLY G 105 -32.77 -26.69 3.85
C GLY G 105 -32.95 -25.48 4.74
N GLY G 106 -34.03 -24.75 4.52
CA GLY G 106 -34.31 -23.61 5.36
C GLY G 106 -34.91 -24.23 6.61
N LEU G 107 -35.12 -23.44 7.66
CA LEU G 107 -35.70 -23.97 8.89
C LEU G 107 -37.15 -24.36 8.62
N ASP G 108 -37.61 -25.46 9.20
CA ASP G 108 -38.99 -25.89 9.02
C ASP G 108 -39.86 -25.18 10.05
N VAL G 109 -40.39 -24.02 9.68
CA VAL G 109 -41.24 -23.24 10.58
C VAL G 109 -42.68 -23.76 10.53
N ALA G 110 -43.23 -23.85 9.33
CA ALA G 110 -44.61 -24.33 9.15
C ALA G 110 -44.83 -25.65 9.87
N GLY G 111 -43.84 -26.53 9.81
CA GLY G 111 -43.95 -27.83 10.46
C GLY G 111 -43.67 -27.79 11.95
N GLN G 112 -43.17 -26.65 12.43
CA GLN G 112 -42.88 -26.50 13.86
C GLN G 112 -43.43 -25.18 14.37
N ARG G 113 -44.66 -24.85 13.97
CA ARG G 113 -45.29 -23.60 14.38
C ARG G 113 -45.23 -23.29 15.88
N ASP G 114 -45.63 -24.24 16.72
CA ASP G 114 -45.59 -24.01 18.16
C ASP G 114 -44.18 -23.76 18.70
N LYS G 115 -43.20 -24.54 18.25
CA LYS G 115 -41.84 -24.37 18.73
C LYS G 115 -41.31 -22.98 18.37
N MET G 116 -41.41 -22.61 17.10
CA MET G 116 -40.94 -21.30 16.65
C MET G 116 -41.68 -20.17 17.36
N ARG G 117 -42.99 -20.32 17.51
CA ARG G 117 -43.81 -19.31 18.18
C ARG G 117 -43.27 -18.97 19.58
N ASP G 118 -43.00 -19.99 20.39
CA ASP G 118 -42.47 -19.76 21.74
C ASP G 118 -41.10 -19.12 21.69
N ALA G 119 -40.27 -19.56 20.74
CA ALA G 119 -38.93 -19.03 20.56
C ALA G 119 -38.94 -17.53 20.28
N CYS G 120 -39.74 -17.12 19.30
CA CYS G 120 -39.85 -15.72 18.92
C CYS G 120 -40.35 -14.87 20.09
N LYS G 121 -41.34 -15.38 20.81
CA LYS G 121 -41.89 -14.67 21.95
C LYS G 121 -40.88 -14.61 23.11
N ARG G 122 -40.20 -15.71 23.40
CA ARG G 122 -39.22 -15.71 24.48
C ARG G 122 -38.06 -14.77 24.20
N LEU G 123 -37.57 -14.77 22.96
CA LEU G 123 -36.46 -13.92 22.57
C LEU G 123 -36.90 -12.45 22.49
N ALA G 124 -38.06 -12.21 21.90
CA ALA G 124 -38.58 -10.85 21.79
C ALA G 124 -38.70 -10.20 23.17
N ASP G 125 -39.18 -10.96 24.15
CA ASP G 125 -39.31 -10.43 25.51
C ASP G 125 -37.94 -10.05 26.05
N ALA G 126 -36.88 -10.53 25.41
CA ALA G 126 -35.53 -10.19 25.84
C ALA G 126 -35.00 -9.03 24.99
N GLY G 127 -35.83 -8.57 24.05
CA GLY G 127 -35.43 -7.46 23.20
C GLY G 127 -34.52 -7.85 22.05
N ILE G 128 -34.50 -9.13 21.73
CA ILE G 128 -33.67 -9.69 20.65
C ILE G 128 -34.50 -9.81 19.38
N GLN G 129 -34.06 -9.14 18.31
CA GLN G 129 -34.74 -9.19 17.02
C GLN G 129 -34.47 -10.54 16.41
N VAL G 130 -35.54 -11.31 16.23
CA VAL G 130 -35.46 -12.66 15.69
C VAL G 130 -35.69 -12.76 14.20
N SER G 131 -34.82 -13.54 13.56
CA SER G 131 -34.92 -13.77 12.12
C SER G 131 -35.00 -15.27 11.91
N LEU G 132 -35.87 -15.68 10.99
CA LEU G 132 -36.01 -17.10 10.70
C LEU G 132 -35.38 -17.40 9.34
N PHE G 133 -34.34 -18.22 9.35
CA PHE G 133 -33.65 -18.61 8.13
C PHE G 133 -34.48 -19.71 7.47
N ILE G 134 -35.18 -19.35 6.41
CA ILE G 134 -36.01 -20.30 5.71
C ILE G 134 -35.88 -20.15 4.21
N ASP G 135 -36.22 -21.22 3.49
CA ASP G 135 -36.14 -21.20 2.04
C ASP G 135 -37.22 -20.31 1.44
N ALA G 136 -37.03 -19.87 0.21
CA ALA G 136 -38.02 -19.00 -0.43
C ALA G 136 -39.28 -19.79 -0.77
N ASP G 137 -40.03 -20.18 0.26
CA ASP G 137 -41.26 -20.95 0.11
C ASP G 137 -42.48 -20.20 0.67
N GLU G 138 -43.56 -20.16 -0.11
CA GLU G 138 -44.79 -19.48 0.28
C GLU G 138 -45.21 -19.82 1.72
N GLU G 139 -45.57 -21.07 1.94
CA GLU G 139 -45.99 -21.52 3.25
C GLU G 139 -45.00 -21.20 4.36
N GLN G 140 -43.71 -21.36 4.08
CA GLN G 140 -42.70 -21.09 5.10
C GLN G 140 -42.65 -19.62 5.49
N ILE G 141 -42.91 -18.76 4.50
CA ILE G 141 -42.93 -17.32 4.70
C ILE G 141 -44.22 -16.92 5.42
N LYS G 142 -45.31 -17.63 5.13
CA LYS G 142 -46.58 -17.30 5.77
C LYS G 142 -46.56 -17.74 7.23
N ALA G 143 -45.89 -18.86 7.51
CA ALA G 143 -45.81 -19.34 8.88
C ALA G 143 -44.90 -18.42 9.69
N ALA G 144 -43.84 -17.92 9.06
CA ALA G 144 -42.89 -17.03 9.72
C ALA G 144 -43.60 -15.82 10.31
N ALA G 145 -44.48 -15.22 9.51
CA ALA G 145 -45.23 -14.05 9.96
C ALA G 145 -46.31 -14.45 10.96
N GLU G 146 -46.77 -15.68 10.89
CA GLU G 146 -47.82 -16.17 11.79
C GLU G 146 -47.30 -16.36 13.21
N VAL G 147 -46.10 -16.92 13.34
CA VAL G 147 -45.49 -17.16 14.65
C VAL G 147 -45.02 -15.86 15.28
N GLY G 148 -45.02 -14.80 14.49
CA GLY G 148 -44.60 -13.50 14.99
C GLY G 148 -43.17 -13.06 14.74
N ALA G 149 -42.46 -13.75 13.86
CA ALA G 149 -41.07 -13.39 13.56
C ALA G 149 -41.05 -12.08 12.79
N PRO G 150 -40.22 -11.11 13.24
CA PRO G 150 -40.10 -9.80 12.61
C PRO G 150 -39.24 -9.84 11.36
N PHE G 151 -38.22 -10.70 11.40
CA PHE G 151 -37.30 -10.86 10.28
C PHE G 151 -37.30 -12.29 9.74
N ILE G 152 -36.88 -12.43 8.50
CA ILE G 152 -36.75 -13.72 7.85
C ILE G 152 -35.51 -13.58 6.98
N GLU G 153 -34.78 -14.67 6.80
CA GLU G 153 -33.60 -14.65 5.95
C GLU G 153 -33.75 -15.75 4.91
N ILE G 154 -33.85 -15.33 3.66
CA ILE G 154 -34.01 -16.25 2.55
C ILE G 154 -32.72 -16.98 2.23
N HIS G 155 -32.82 -18.30 2.11
CA HIS G 155 -31.69 -19.15 1.78
C HIS G 155 -31.39 -18.99 0.30
N THR G 156 -30.31 -18.30 -0.02
CA THR G 156 -29.92 -18.07 -1.40
C THR G 156 -28.91 -19.11 -1.90
N GLY G 157 -28.80 -20.20 -1.16
CA GLY G 157 -27.88 -21.27 -1.53
C GLY G 157 -28.10 -21.88 -2.91
N CYS G 158 -29.35 -22.15 -3.24
CA CYS G 158 -29.64 -22.74 -4.55
C CYS G 158 -29.29 -21.76 -5.65
N TYR G 159 -29.56 -20.49 -5.41
CA TYR G 159 -29.24 -19.45 -6.37
C TYR G 159 -27.72 -19.36 -6.57
N ALA G 160 -26.96 -19.41 -5.49
CA ALA G 160 -25.50 -19.33 -5.55
C ALA G 160 -24.86 -20.53 -6.25
N ASP G 161 -25.45 -21.71 -6.11
CA ASP G 161 -24.94 -22.95 -6.71
C ASP G 161 -25.42 -23.23 -8.14
N ALA G 162 -26.31 -22.40 -8.65
CA ALA G 162 -26.84 -22.59 -10.01
C ALA G 162 -25.68 -22.77 -10.97
N LYS G 163 -25.80 -23.70 -11.90
CA LYS G 163 -24.73 -23.95 -12.84
C LYS G 163 -24.89 -23.22 -14.16
N THR G 164 -26.13 -23.02 -14.61
CA THR G 164 -26.38 -22.33 -15.87
C THR G 164 -27.04 -20.99 -15.64
N ASP G 165 -26.94 -20.10 -16.63
CA ASP G 165 -27.58 -18.79 -16.50
C ASP G 165 -29.08 -18.95 -16.30
N ALA G 166 -29.70 -19.88 -17.03
CA ALA G 166 -31.13 -20.10 -16.91
C ALA G 166 -31.48 -20.54 -15.49
N GLU G 167 -30.71 -21.50 -14.97
CA GLU G 167 -30.93 -22.00 -13.63
C GLU G 167 -30.84 -20.89 -12.60
N GLN G 168 -29.80 -20.07 -12.71
CA GLN G 168 -29.63 -18.97 -11.77
C GLN G 168 -30.76 -17.95 -11.91
N ALA G 169 -31.15 -17.66 -13.15
CA ALA G 169 -32.23 -16.70 -13.36
C ALA G 169 -33.50 -17.17 -12.66
N GLN G 170 -33.85 -18.45 -12.84
CA GLN G 170 -35.05 -19.03 -12.22
C GLN G 170 -35.00 -18.88 -10.70
N GLU G 171 -33.85 -19.21 -10.12
CA GLU G 171 -33.68 -19.11 -8.68
C GLU G 171 -33.76 -17.65 -8.22
N LEU G 172 -33.21 -16.75 -9.03
CA LEU G 172 -33.23 -15.33 -8.68
C LEU G 172 -34.68 -14.84 -8.68
N ALA G 173 -35.46 -15.28 -9.67
CA ALA G 173 -36.86 -14.87 -9.73
C ALA G 173 -37.57 -15.30 -8.45
N ARG G 174 -37.39 -16.56 -8.05
CA ARG G 174 -38.01 -17.07 -6.83
C ARG G 174 -37.76 -16.12 -5.66
N ILE G 175 -36.48 -15.90 -5.37
CA ILE G 175 -36.10 -15.01 -4.28
C ILE G 175 -36.84 -13.68 -4.37
N ALA G 176 -36.85 -13.09 -5.57
CA ALA G 176 -37.50 -11.80 -5.79
C ALA G 176 -38.99 -11.84 -5.42
N LYS G 177 -39.66 -12.90 -5.86
CA LYS G 177 -41.08 -13.06 -5.58
C LYS G 177 -41.24 -13.27 -4.08
N ALA G 178 -40.39 -14.11 -3.52
CA ALA G 178 -40.45 -14.41 -2.10
C ALA G 178 -40.22 -13.18 -1.21
N ALA G 179 -39.28 -12.33 -1.62
CA ALA G 179 -38.97 -11.13 -0.84
C ALA G 179 -40.14 -10.13 -0.90
N THR G 180 -40.69 -9.98 -2.09
CA THR G 180 -41.83 -9.09 -2.30
C THR G 180 -43.03 -9.62 -1.52
N PHE G 181 -43.23 -10.94 -1.57
CA PHE G 181 -44.34 -11.57 -0.86
C PHE G 181 -44.21 -11.42 0.64
N ALA G 182 -42.99 -11.53 1.15
CA ALA G 182 -42.76 -11.40 2.59
C ALA G 182 -42.98 -9.97 3.04
N ALA G 183 -42.57 -9.03 2.20
CA ALA G 183 -42.73 -7.62 2.52
C ALA G 183 -44.20 -7.28 2.71
N SER G 184 -45.06 -7.91 1.92
CA SER G 184 -46.51 -7.66 2.02
C SER G 184 -47.06 -8.15 3.36
N LEU G 185 -46.48 -9.21 3.90
CA LEU G 185 -46.92 -9.74 5.19
C LEU G 185 -46.33 -8.97 6.37
N GLY G 186 -45.73 -7.81 6.09
CA GLY G 186 -45.15 -7.02 7.16
C GLY G 186 -43.81 -7.54 7.66
N LEU G 187 -43.21 -8.46 6.89
CA LEU G 187 -41.94 -9.04 7.27
C LEU G 187 -40.75 -8.27 6.68
N LYS G 188 -39.65 -8.27 7.41
CA LYS G 188 -38.42 -7.63 6.95
C LYS G 188 -37.60 -8.79 6.43
N VAL G 189 -36.91 -8.58 5.30
CA VAL G 189 -36.15 -9.66 4.67
C VAL G 189 -34.64 -9.50 4.48
N ASN G 190 -33.92 -10.54 4.90
CA ASN G 190 -32.47 -10.61 4.78
C ASN G 190 -32.15 -11.79 3.88
N ALA G 191 -30.89 -11.88 3.48
CA ALA G 191 -30.44 -12.99 2.64
C ALA G 191 -28.98 -13.23 2.93
N GLY G 192 -28.43 -14.23 2.27
CA GLY G 192 -27.04 -14.57 2.46
C GLY G 192 -26.89 -16.05 2.24
N HIS G 193 -25.71 -16.57 2.54
CA HIS G 193 -25.42 -17.97 2.37
C HIS G 193 -25.16 -18.25 0.90
N GLY G 194 -23.90 -18.57 0.62
CA GLY G 194 -23.49 -18.85 -0.74
C GLY G 194 -23.13 -17.63 -1.58
N LEU G 195 -23.58 -16.45 -1.18
CA LEU G 195 -23.28 -15.28 -1.98
C LEU G 195 -21.77 -15.04 -2.14
N THR G 196 -21.38 -14.64 -3.35
CA THR G 196 -19.99 -14.41 -3.67
C THR G 196 -19.82 -13.06 -4.31
N TYR G 197 -18.57 -12.70 -4.59
CA TYR G 197 -18.28 -11.43 -5.22
C TYR G 197 -18.86 -11.37 -6.61
N HIS G 198 -19.17 -12.52 -7.19
CA HIS G 198 -19.72 -12.54 -8.55
C HIS G 198 -21.24 -12.74 -8.68
N ASN G 199 -21.96 -12.90 -7.57
CA ASN G 199 -23.41 -13.07 -7.66
C ASN G 199 -24.20 -12.27 -6.61
N VAL G 200 -23.51 -11.44 -5.84
CA VAL G 200 -24.16 -10.64 -4.80
C VAL G 200 -24.99 -9.48 -5.31
N LYS G 201 -24.57 -8.86 -6.41
CA LYS G 201 -25.30 -7.71 -6.94
C LYS G 201 -26.76 -7.97 -7.28
N ALA G 202 -27.03 -9.08 -7.97
CA ALA G 202 -28.42 -9.42 -8.31
C ALA G 202 -29.29 -9.49 -7.06
N ILE G 203 -28.71 -9.98 -5.96
CA ILE G 203 -29.42 -10.07 -4.70
C ILE G 203 -29.52 -8.71 -4.02
N ALA G 204 -28.43 -7.94 -4.06
CA ALA G 204 -28.44 -6.63 -3.43
C ALA G 204 -29.36 -5.67 -4.17
N ALA G 205 -29.65 -5.97 -5.43
CA ALA G 205 -30.53 -5.13 -6.25
C ALA G 205 -31.99 -5.32 -5.87
N ILE G 206 -32.29 -6.39 -5.14
CA ILE G 206 -33.66 -6.66 -4.71
C ILE G 206 -34.00 -5.62 -3.63
N PRO G 207 -34.95 -4.72 -3.93
CA PRO G 207 -35.40 -3.65 -3.02
C PRO G 207 -35.75 -4.03 -1.58
N GLU G 208 -36.44 -5.14 -1.42
CA GLU G 208 -36.87 -5.59 -0.10
C GLU G 208 -35.72 -6.02 0.82
N MET G 209 -34.60 -6.40 0.23
CA MET G 209 -33.46 -6.84 1.02
C MET G 209 -32.99 -5.76 1.99
N HIS G 210 -32.82 -6.12 3.25
CA HIS G 210 -32.38 -5.16 4.26
C HIS G 210 -30.93 -5.38 4.65
N GLU G 211 -30.57 -6.63 4.91
CA GLU G 211 -29.21 -6.95 5.29
C GLU G 211 -28.78 -8.30 4.70
N LEU G 212 -27.57 -8.32 4.17
CA LEU G 212 -27.01 -9.53 3.61
C LEU G 212 -25.97 -10.02 4.61
N ASN G 213 -26.08 -11.28 5.01
CA ASN G 213 -25.13 -11.86 5.95
C ASN G 213 -24.27 -12.83 5.15
N ILE G 214 -23.08 -12.36 4.73
CA ILE G 214 -22.15 -13.15 3.94
C ILE G 214 -20.94 -13.59 4.78
N GLY G 215 -20.50 -14.83 4.58
CA GLY G 215 -19.36 -15.31 5.33
C GLY G 215 -18.25 -16.00 4.56
N HIS G 216 -18.50 -17.22 4.11
CA HIS G 216 -17.52 -18.03 3.40
C HIS G 216 -16.77 -17.38 2.23
N ALA G 217 -17.47 -16.70 1.32
CA ALA G 217 -16.78 -16.08 0.19
C ALA G 217 -15.80 -15.01 0.66
N ILE G 218 -16.19 -14.25 1.68
CA ILE G 218 -15.35 -13.20 2.24
C ILE G 218 -14.07 -13.78 2.84
N ILE G 219 -14.19 -14.80 3.68
CA ILE G 219 -13.02 -15.41 4.29
C ILE G 219 -12.14 -16.08 3.24
N GLY G 220 -12.76 -16.73 2.25
CA GLY G 220 -11.98 -17.38 1.20
C GLY G 220 -11.22 -16.35 0.40
N ARG G 221 -11.78 -15.15 0.33
CA ARG G 221 -11.13 -14.07 -0.39
C ARG G 221 -10.01 -13.54 0.50
N ALA G 222 -10.34 -13.36 1.78
CA ALA G 222 -9.39 -12.84 2.76
C ALA G 222 -8.06 -13.58 2.82
N VAL G 223 -8.08 -14.91 2.77
CA VAL G 223 -6.84 -15.67 2.83
C VAL G 223 -5.87 -15.19 1.77
N MET G 224 -6.38 -14.71 0.65
CA MET G 224 -5.51 -14.21 -0.42
C MET G 224 -5.11 -12.75 -0.24
N THR G 225 -6.11 -11.87 -0.13
CA THR G 225 -5.91 -10.43 -0.03
C THR G 225 -6.03 -9.78 1.35
N GLY G 226 -6.39 -10.58 2.36
CA GLY G 226 -6.56 -10.03 3.68
C GLY G 226 -8.01 -9.63 3.92
N LEU G 227 -8.44 -9.75 5.17
CA LEU G 227 -9.81 -9.45 5.58
C LEU G 227 -10.30 -8.04 5.24
N LYS G 228 -9.53 -7.04 5.62
CA LYS G 228 -9.89 -5.64 5.37
C LYS G 228 -10.40 -5.42 3.96
N ASP G 229 -9.58 -5.77 2.96
CA ASP G 229 -9.98 -5.60 1.56
C ASP G 229 -11.17 -6.47 1.18
N ALA G 230 -11.16 -7.72 1.64
CA ALA G 230 -12.24 -8.66 1.35
C ALA G 230 -13.60 -8.09 1.75
N VAL G 231 -13.69 -7.53 2.95
CA VAL G 231 -14.94 -6.95 3.45
C VAL G 231 -15.28 -5.68 2.69
N ALA G 232 -14.30 -4.82 2.48
CA ALA G 232 -14.52 -3.58 1.76
C ALA G 232 -14.99 -3.87 0.32
N GLU G 233 -14.36 -4.82 -0.35
CA GLU G 233 -14.76 -5.14 -1.71
C GLU G 233 -16.22 -5.58 -1.76
N MET G 234 -16.62 -6.45 -0.84
CA MET G 234 -18.01 -6.93 -0.82
C MET G 234 -18.98 -5.78 -0.54
N LYS G 235 -18.68 -4.94 0.45
CA LYS G 235 -19.54 -3.81 0.79
C LYS G 235 -19.74 -2.85 -0.40
N ARG G 236 -18.65 -2.58 -1.14
CA ARG G 236 -18.70 -1.69 -2.29
C ARG G 236 -19.58 -2.25 -3.41
N LEU G 237 -19.49 -3.56 -3.62
CA LEU G 237 -20.27 -4.22 -4.65
C LEU G 237 -21.75 -4.11 -4.31
N MET G 238 -22.06 -4.32 -3.04
CA MET G 238 -23.41 -4.24 -2.53
C MET G 238 -24.01 -2.84 -2.73
N LEU G 239 -23.31 -1.80 -2.25
CA LEU G 239 -23.81 -0.44 -2.41
C LEU G 239 -23.94 -0.03 -3.88
N GLU G 240 -23.09 -0.58 -4.75
CA GLU G 240 -23.16 -0.26 -6.18
C GLU G 240 -24.42 -0.86 -6.77
N ALA G 241 -24.77 -2.07 -6.32
CA ALA G 241 -25.96 -2.73 -6.83
C ALA G 241 -27.22 -1.99 -6.41
N ARG G 242 -27.35 -1.71 -5.12
CA ARG G 242 -28.50 -1.01 -4.59
C ARG G 242 -28.66 0.35 -5.22
N GLY G 243 -27.54 0.95 -5.62
CA GLY G 243 -27.57 2.25 -6.26
C GLY G 243 -28.44 2.23 -7.50
N ALA H 2 33.02 -7.16 -2.28
CA ALA H 2 32.86 -6.23 -3.42
C ALA H 2 31.37 -5.96 -3.67
N GLU H 3 31.07 -4.76 -4.16
CA GLU H 3 29.70 -4.35 -4.42
C GLU H 3 29.06 -5.23 -5.53
N LEU H 4 27.73 -5.40 -5.47
CA LEU H 4 27.02 -6.21 -6.45
C LEU H 4 25.93 -5.33 -7.07
N LEU H 5 26.04 -5.10 -8.36
CA LEU H 5 25.08 -4.26 -9.06
C LEU H 5 24.05 -5.00 -9.92
N LEU H 6 22.87 -4.39 -10.03
CA LEU H 6 21.78 -4.96 -10.81
C LEU H 6 21.51 -4.17 -12.09
N GLY H 7 21.59 -4.86 -13.22
CA GLY H 7 21.29 -4.22 -14.50
C GLY H 7 19.93 -4.76 -14.92
N VAL H 8 18.95 -3.89 -15.16
CA VAL H 8 17.64 -4.39 -15.56
C VAL H 8 17.42 -4.29 -17.08
N ASN H 9 17.18 -5.45 -17.71
CA ASN H 9 16.94 -5.51 -19.15
C ASN H 9 15.45 -5.34 -19.40
N ILE H 10 15.05 -4.27 -20.08
CA ILE H 10 13.64 -4.00 -20.32
C ILE H 10 13.08 -4.44 -21.68
N ASP H 11 13.85 -5.21 -22.43
CA ASP H 11 13.42 -5.69 -23.75
C ASP H 11 12.00 -6.23 -23.83
N HIS H 12 11.61 -7.02 -22.84
CA HIS H 12 10.29 -7.62 -22.87
C HIS H 12 9.13 -6.67 -22.62
N ILE H 13 9.48 -5.44 -22.26
CA ILE H 13 8.44 -4.44 -22.09
C ILE H 13 8.06 -4.17 -23.56
N ALA H 14 9.07 -4.08 -24.43
CA ALA H 14 8.85 -3.83 -25.86
C ALA H 14 8.19 -5.03 -26.53
N THR H 15 8.48 -6.22 -26.01
CA THR H 15 7.88 -7.43 -26.54
C THR H 15 6.36 -7.28 -26.45
N LEU H 16 5.90 -6.81 -25.30
CA LEU H 16 4.47 -6.61 -25.10
C LEU H 16 3.91 -5.51 -26.00
N ARG H 17 4.64 -4.41 -26.16
CA ARG H 17 4.18 -3.32 -27.01
C ARG H 17 4.12 -3.77 -28.47
N ASN H 18 5.25 -4.20 -29.00
CA ASN H 18 5.32 -4.63 -30.39
C ASN H 18 4.31 -5.68 -30.77
N ALA H 19 3.71 -6.35 -29.78
CA ALA H 19 2.69 -7.35 -30.08
C ALA H 19 1.53 -6.68 -30.78
N ARG H 20 1.45 -5.36 -30.66
CA ARG H 20 0.41 -4.54 -31.28
C ARG H 20 1.08 -3.28 -31.81
N GLY H 21 0.40 -2.54 -32.66
CA GLY H 21 1.01 -1.33 -33.18
C GLY H 21 0.98 -0.20 -32.15
N THR H 22 0.64 -0.53 -30.92
CA THR H 22 0.53 0.47 -29.84
C THR H 22 1.86 1.07 -29.43
N ALA H 23 1.80 2.12 -28.61
CA ALA H 23 3.03 2.77 -28.15
C ALA H 23 3.29 2.34 -26.72
N TYR H 24 2.32 1.66 -26.13
CA TYR H 24 2.42 1.19 -24.75
C TYR H 24 2.42 -0.34 -24.72
N PRO H 25 3.08 -0.94 -23.72
CA PRO H 25 3.80 -0.27 -22.63
C PRO H 25 5.11 0.29 -23.21
N ASP H 26 5.46 1.49 -22.75
CA ASP H 26 6.66 2.18 -23.23
C ASP H 26 7.90 1.87 -22.40
N PRO H 27 8.96 1.39 -23.07
CA PRO H 27 10.20 1.08 -22.36
C PRO H 27 10.70 2.27 -21.56
N VAL H 28 10.45 3.48 -22.07
CA VAL H 28 10.91 4.69 -21.38
C VAL H 28 10.36 4.77 -19.95
N GLN H 29 9.08 4.43 -19.78
CA GLN H 29 8.46 4.46 -18.46
C GLN H 29 9.05 3.40 -17.53
N ALA H 30 9.29 2.20 -18.07
CA ALA H 30 9.85 1.08 -17.31
C ALA H 30 11.24 1.41 -16.78
N ALA H 31 12.01 2.15 -17.56
CA ALA H 31 13.35 2.54 -17.18
C ALA H 31 13.32 3.44 -15.94
N PHE H 32 12.43 4.43 -15.88
CA PHE H 32 12.34 5.31 -14.71
C PHE H 32 11.99 4.47 -13.48
N ILE H 33 10.95 3.65 -13.61
CA ILE H 33 10.51 2.78 -12.52
C ILE H 33 11.67 1.93 -11.99
N ALA H 34 12.30 1.19 -12.89
CA ALA H 34 13.41 0.32 -12.50
C ALA H 34 14.57 1.08 -11.88
N GLU H 35 14.97 2.20 -12.47
CA GLU H 35 16.07 2.99 -11.93
C GLU H 35 15.82 3.50 -10.52
N GLN H 36 14.56 3.56 -10.11
CA GLN H 36 14.23 4.06 -8.79
C GLN H 36 13.80 2.97 -7.81
N ALA H 37 13.83 1.74 -8.26
CA ALA H 37 13.44 0.59 -7.45
C ALA H 37 14.57 -0.41 -7.24
N GLY H 38 15.80 -0.02 -7.59
CA GLY H 38 16.92 -0.94 -7.40
C GLY H 38 17.90 -1.12 -8.56
N ALA H 39 17.52 -0.68 -9.75
CA ALA H 39 18.36 -0.80 -10.93
C ALA H 39 19.55 0.15 -10.91
N ASP H 40 20.75 -0.39 -11.12
CA ASP H 40 21.96 0.43 -11.13
C ASP H 40 22.32 0.75 -12.56
N GLY H 41 21.53 0.20 -13.47
CA GLY H 41 21.73 0.41 -14.89
C GLY H 41 20.58 -0.20 -15.66
N ILE H 42 20.38 0.27 -16.89
CA ILE H 42 19.30 -0.25 -17.72
C ILE H 42 19.88 -0.88 -18.98
N THR H 43 19.44 -2.09 -19.29
CA THR H 43 19.92 -2.81 -20.46
C THR H 43 18.86 -2.98 -21.54
N VAL H 44 19.23 -2.69 -22.78
CA VAL H 44 18.32 -2.87 -23.92
C VAL H 44 19.11 -3.51 -25.05
N HIS H 45 18.52 -4.55 -25.65
CA HIS H 45 19.16 -5.24 -26.76
C HIS H 45 18.51 -4.78 -28.05
N LEU H 46 19.26 -4.00 -28.84
CA LEU H 46 18.74 -3.51 -30.11
C LEU H 46 19.11 -4.57 -31.16
N ARG H 47 18.17 -5.44 -31.49
CA ARG H 47 18.40 -6.51 -32.46
C ARG H 47 18.38 -6.00 -33.89
N GLU H 48 19.08 -6.68 -34.79
CA GLU H 48 19.10 -6.25 -36.18
C GLU H 48 17.67 -6.18 -36.69
N ASP H 49 16.85 -7.15 -36.33
CA ASP H 49 15.45 -7.18 -36.77
C ASP H 49 14.52 -6.28 -35.95
N ARG H 50 15.04 -5.67 -34.89
CA ARG H 50 14.21 -4.82 -34.04
C ARG H 50 12.95 -5.55 -33.56
N ARG H 51 13.11 -6.81 -33.18
CA ARG H 51 12.00 -7.65 -32.68
C ARG H 51 11.27 -6.97 -31.52
N HIS H 52 12.02 -6.34 -30.63
CA HIS H 52 11.39 -5.63 -29.52
C HIS H 52 11.92 -4.20 -29.45
N ILE H 53 13.03 -3.99 -28.77
CA ILE H 53 13.59 -2.65 -28.68
C ILE H 53 13.83 -2.11 -30.09
N THR H 54 13.48 -0.84 -30.30
CA THR H 54 13.62 -0.21 -31.59
C THR H 54 14.58 0.96 -31.52
N ASP H 55 14.91 1.49 -32.68
CA ASP H 55 15.81 2.62 -32.79
C ASP H 55 15.35 3.83 -31.98
N ARG H 56 14.05 4.12 -31.97
CA ARG H 56 13.56 5.26 -31.20
C ARG H 56 13.72 4.98 -29.71
N ASP H 57 13.47 3.73 -29.31
CA ASP H 57 13.61 3.36 -27.89
C ASP H 57 15.03 3.73 -27.46
N VAL H 58 16.02 3.32 -28.26
CA VAL H 58 17.42 3.60 -27.90
C VAL H 58 17.71 5.09 -27.85
N ARG H 59 17.29 5.80 -28.89
CA ARG H 59 17.49 7.25 -28.98
C ARG H 59 16.86 8.00 -27.80
N ILE H 60 15.62 7.69 -27.50
CA ILE H 60 14.95 8.36 -26.39
C ILE H 60 15.53 7.97 -25.04
N LEU H 61 15.74 6.67 -24.83
CA LEU H 61 16.31 6.20 -23.58
C LEU H 61 17.67 6.84 -23.28
N ARG H 62 18.49 7.06 -24.30
CA ARG H 62 19.81 7.68 -24.10
C ARG H 62 19.65 9.07 -23.47
N GLN H 63 18.51 9.70 -23.75
CA GLN H 63 18.20 11.03 -23.25
C GLN H 63 17.42 11.07 -21.94
N THR H 64 16.73 9.98 -21.60
CA THR H 64 15.93 9.96 -20.37
C THR H 64 16.54 9.17 -19.22
N LEU H 65 17.41 8.23 -19.52
CA LEU H 65 18.02 7.42 -18.47
C LEU H 65 18.79 8.26 -17.44
N ASP H 66 18.61 7.91 -16.17
CA ASP H 66 19.25 8.60 -15.06
C ASP H 66 20.49 7.85 -14.62
N THR H 67 20.59 6.59 -15.02
CA THR H 67 21.74 5.77 -14.67
C THR H 67 22.64 5.60 -15.88
N ARG H 68 23.15 4.40 -16.11
CA ARG H 68 24.04 4.14 -17.24
C ARG H 68 23.39 3.16 -18.19
N MET H 69 23.46 3.42 -19.49
CA MET H 69 22.87 2.52 -20.47
C MET H 69 23.83 1.40 -20.86
N ASN H 70 23.28 0.19 -21.02
CA ASN H 70 24.06 -0.96 -21.45
C ASN H 70 23.38 -1.44 -22.73
N LEU H 71 24.05 -1.21 -23.85
CA LEU H 71 23.53 -1.56 -25.16
C LEU H 71 23.98 -2.91 -25.68
N GLU H 72 23.08 -3.89 -25.66
CA GLU H 72 23.39 -5.22 -26.18
C GLU H 72 23.15 -5.12 -27.69
N MET H 73 24.06 -5.69 -28.47
CA MET H 73 23.97 -5.65 -29.91
C MET H 73 24.90 -6.68 -30.51
N ALA H 74 24.62 -7.03 -31.77
CA ALA H 74 25.43 -7.99 -32.52
C ALA H 74 26.65 -7.24 -33.07
N VAL H 75 27.71 -7.96 -33.40
CA VAL H 75 28.91 -7.29 -33.91
C VAL H 75 28.81 -7.06 -35.43
N THR H 76 28.24 -5.91 -35.81
CA THR H 76 28.09 -5.55 -37.22
C THR H 76 28.42 -4.06 -37.41
N GLU H 77 28.68 -3.67 -38.65
CA GLU H 77 29.01 -2.28 -38.95
C GLU H 77 27.85 -1.37 -38.59
N GLU H 78 26.64 -1.84 -38.88
CA GLU H 78 25.46 -1.03 -38.58
C GLU H 78 25.39 -0.72 -37.09
N MET H 79 25.48 -1.76 -36.27
CA MET H 79 25.40 -1.58 -34.82
C MET H 79 26.61 -0.83 -34.26
N LEU H 80 27.78 -1.04 -34.83
CA LEU H 80 28.96 -0.33 -34.33
C LEU H 80 28.80 1.17 -34.56
N ALA H 81 28.19 1.53 -35.69
CA ALA H 81 27.97 2.94 -36.02
C ALA H 81 26.91 3.54 -35.11
N ILE H 82 25.92 2.75 -34.77
CA ILE H 82 24.87 3.21 -33.90
C ILE H 82 25.42 3.37 -32.48
N ALA H 83 26.16 2.37 -32.01
CA ALA H 83 26.73 2.43 -30.69
C ALA H 83 27.59 3.67 -30.53
N VAL H 84 28.47 3.92 -31.51
CA VAL H 84 29.37 5.07 -31.45
C VAL H 84 28.61 6.39 -31.38
N GLU H 85 27.52 6.48 -32.14
CA GLU H 85 26.70 7.66 -32.19
C GLU H 85 25.91 7.83 -30.88
N THR H 86 25.43 6.71 -30.35
CA THR H 86 24.64 6.71 -29.11
C THR H 86 25.49 6.94 -27.87
N LYS H 87 26.73 6.45 -27.90
CA LYS H 87 27.65 6.59 -26.79
C LYS H 87 27.12 6.08 -25.45
N PRO H 88 26.61 4.84 -25.41
CA PRO H 88 26.09 4.30 -24.15
C PRO H 88 27.30 4.10 -23.23
N HIS H 89 27.05 4.05 -21.93
CA HIS H 89 28.14 3.87 -20.99
C HIS H 89 28.78 2.51 -21.23
N PHE H 90 27.93 1.50 -21.40
CA PHE H 90 28.36 0.13 -21.63
C PHE H 90 27.81 -0.41 -22.95
N CYS H 91 28.44 -1.46 -23.44
CA CYS H 91 28.04 -2.13 -24.65
C CYS H 91 28.32 -3.62 -24.47
N CYS H 92 27.32 -4.46 -24.65
CA CYS H 92 27.55 -5.90 -24.50
C CYS H 92 27.34 -6.60 -25.83
N LEU H 93 28.39 -7.21 -26.35
CA LEU H 93 28.33 -7.90 -27.63
C LEU H 93 27.74 -9.30 -27.51
N VAL H 94 26.71 -9.54 -28.31
CA VAL H 94 26.02 -10.82 -28.28
C VAL H 94 25.84 -11.41 -29.66
N PRO H 95 25.65 -12.74 -29.74
CA PRO H 95 25.45 -13.44 -31.00
C PRO H 95 23.99 -13.32 -31.41
N GLU H 96 23.73 -13.15 -32.70
CA GLU H 96 22.37 -13.03 -33.22
C GLU H 96 22.19 -13.94 -34.43
N LYS H 97 23.29 -14.56 -34.86
CA LYS H 97 23.27 -15.48 -36.00
C LYS H 97 24.04 -16.73 -35.68
N ARG H 98 23.74 -17.79 -36.43
CA ARG H 98 24.38 -19.09 -36.25
C ARG H 98 25.91 -19.03 -36.29
N GLN H 99 26.43 -18.32 -37.28
CA GLN H 99 27.88 -18.22 -37.45
C GLN H 99 28.60 -17.51 -36.31
N GLU H 100 27.85 -16.83 -35.45
CA GLU H 100 28.41 -16.08 -34.33
C GLU H 100 28.23 -16.75 -32.96
N VAL H 101 27.42 -17.80 -32.92
CA VAL H 101 27.15 -18.47 -31.64
C VAL H 101 27.80 -19.82 -31.42
N THR H 102 28.11 -20.15 -30.16
CA THR H 102 28.68 -21.45 -29.84
C THR H 102 27.51 -22.40 -29.60
N THR H 103 27.82 -23.67 -29.36
CA THR H 103 26.81 -24.68 -29.09
C THR H 103 26.07 -24.36 -27.79
N GLU H 104 26.79 -23.77 -26.84
CA GLU H 104 26.17 -23.42 -25.56
C GLU H 104 25.30 -22.18 -25.67
N GLY H 105 25.64 -21.28 -26.60
CA GLY H 105 24.84 -20.08 -26.79
C GLY H 105 25.58 -18.78 -26.62
N GLY H 106 26.82 -18.82 -26.12
CA GLY H 106 27.59 -17.60 -25.95
C GLY H 106 28.16 -17.09 -27.27
N LEU H 107 28.73 -15.89 -27.25
CA LEU H 107 29.31 -15.33 -28.49
C LEU H 107 30.61 -16.09 -28.79
N ASP H 108 30.84 -16.41 -30.06
CA ASP H 108 32.07 -17.12 -30.43
C ASP H 108 33.18 -16.10 -30.64
N VAL H 109 33.84 -15.74 -29.54
CA VAL H 109 34.92 -14.75 -29.57
C VAL H 109 36.21 -15.38 -30.07
N ALA H 110 36.54 -16.56 -29.54
CA ALA H 110 37.75 -17.27 -29.95
C ALA H 110 37.76 -17.55 -31.45
N GLY H 111 36.57 -17.74 -32.02
CA GLY H 111 36.47 -18.01 -33.45
C GLY H 111 36.46 -16.77 -34.32
N GLN H 112 36.37 -15.59 -33.71
CA GLN H 112 36.34 -14.35 -34.46
C GLN H 112 37.25 -13.29 -33.83
N ARG H 113 38.51 -13.64 -33.58
CA ARG H 113 39.48 -12.73 -32.97
C ARG H 113 39.62 -11.36 -33.60
N ASP H 114 39.93 -11.33 -34.89
CA ASP H 114 40.10 -10.07 -35.59
C ASP H 114 38.86 -9.19 -35.51
N LYS H 115 37.70 -9.78 -35.79
CA LYS H 115 36.45 -9.01 -35.74
C LYS H 115 36.19 -8.41 -34.36
N MET H 116 36.31 -9.21 -33.29
CA MET H 116 36.08 -8.69 -31.95
C MET H 116 37.17 -7.67 -31.56
N ARG H 117 38.40 -7.91 -31.99
CA ARG H 117 39.50 -6.98 -31.67
C ARG H 117 39.17 -5.61 -32.22
N ASP H 118 38.73 -5.59 -33.47
CA ASP H 118 38.36 -4.34 -34.15
C ASP H 118 37.19 -3.70 -33.42
N ALA H 119 36.17 -4.50 -33.12
CA ALA H 119 34.98 -4.01 -32.43
C ALA H 119 35.33 -3.37 -31.10
N CYS H 120 36.05 -4.11 -30.25
CA CYS H 120 36.41 -3.58 -28.95
C CYS H 120 37.21 -2.29 -29.04
N LYS H 121 38.15 -2.22 -29.97
CA LYS H 121 38.96 -1.00 -30.11
C LYS H 121 38.11 0.20 -30.54
N ARG H 122 37.24 -0.03 -31.53
CA ARG H 122 36.37 1.02 -32.04
C ARG H 122 35.46 1.61 -30.97
N LEU H 123 34.83 0.74 -30.19
CA LEU H 123 33.91 1.17 -29.13
C LEU H 123 34.70 1.78 -27.97
N ALA H 124 35.86 1.19 -27.65
CA ALA H 124 36.71 1.69 -26.59
C ALA H 124 37.13 3.12 -26.90
N ASP H 125 37.45 3.39 -28.16
CA ASP H 125 37.87 4.73 -28.55
C ASP H 125 36.72 5.73 -28.42
N ALA H 126 35.49 5.23 -28.52
CA ALA H 126 34.34 6.12 -28.41
C ALA H 126 33.99 6.35 -26.95
N GLY H 127 34.76 5.76 -26.04
CA GLY H 127 34.53 5.92 -24.61
C GLY H 127 33.52 4.96 -24.02
N ILE H 128 33.36 3.82 -24.68
CA ILE H 128 32.40 2.80 -24.26
C ILE H 128 33.08 1.57 -23.68
N GLN H 129 32.65 1.16 -22.50
CA GLN H 129 33.19 -0.03 -21.84
C GLN H 129 32.44 -1.24 -22.39
N VAL H 130 33.19 -2.10 -23.05
CA VAL H 130 32.64 -3.29 -23.70
C VAL H 130 32.65 -4.56 -22.89
N SER H 131 31.57 -5.33 -23.03
CA SER H 131 31.44 -6.61 -22.38
C SER H 131 31.15 -7.62 -23.48
N LEU H 132 31.68 -8.83 -23.32
CA LEU H 132 31.44 -9.88 -24.30
C LEU H 132 30.65 -10.99 -23.61
N PHE H 133 29.50 -11.30 -24.18
CA PHE H 133 28.60 -12.33 -23.66
C PHE H 133 29.15 -13.67 -24.12
N ILE H 134 29.78 -14.41 -23.21
CA ILE H 134 30.40 -15.69 -23.52
C ILE H 134 30.12 -16.82 -22.52
N ASP H 135 30.38 -18.05 -22.95
CA ASP H 135 30.18 -19.22 -22.12
C ASP H 135 31.29 -19.32 -21.07
N ALA H 136 31.03 -20.10 -20.03
CA ALA H 136 31.99 -20.32 -18.95
C ALA H 136 33.00 -21.31 -19.51
N ASP H 137 33.76 -20.82 -20.48
CA ASP H 137 34.74 -21.64 -21.17
C ASP H 137 36.16 -21.09 -21.09
N GLU H 138 37.09 -21.95 -20.66
CA GLU H 138 38.49 -21.57 -20.53
C GLU H 138 39.20 -21.55 -21.88
N GLU H 139 38.67 -20.73 -22.77
CA GLU H 139 39.21 -20.55 -24.11
C GLU H 139 38.56 -19.27 -24.64
N GLN H 140 37.25 -19.16 -24.43
CA GLN H 140 36.52 -17.97 -24.84
C GLN H 140 36.96 -16.84 -23.92
N ILE H 141 37.22 -17.19 -22.66
CA ILE H 141 37.66 -16.25 -21.65
C ILE H 141 39.01 -15.66 -22.05
N LYS H 142 39.94 -16.51 -22.47
CA LYS H 142 41.26 -16.04 -22.90
C LYS H 142 41.10 -15.13 -24.10
N ALA H 143 40.23 -15.54 -25.03
CA ALA H 143 39.99 -14.75 -26.23
C ALA H 143 39.45 -13.37 -25.85
N ALA H 144 38.54 -13.35 -24.88
CA ALA H 144 37.96 -12.08 -24.42
C ALA H 144 39.03 -11.11 -23.93
N ALA H 145 39.99 -11.62 -23.15
CA ALA H 145 41.07 -10.78 -22.64
C ALA H 145 41.96 -10.25 -23.76
N GLU H 146 42.52 -11.13 -24.58
CA GLU H 146 43.41 -10.71 -25.65
C GLU H 146 42.79 -9.77 -26.67
N VAL H 147 41.46 -9.72 -26.71
CA VAL H 147 40.74 -8.88 -27.65
C VAL H 147 40.56 -7.45 -27.11
N GLY H 148 40.81 -7.28 -25.80
CA GLY H 148 40.71 -5.96 -25.19
C GLY H 148 39.45 -5.64 -24.40
N ALA H 149 38.47 -6.54 -24.41
CA ALA H 149 37.24 -6.27 -23.68
C ALA H 149 37.50 -6.23 -22.18
N PRO H 150 37.12 -5.13 -21.52
CA PRO H 150 37.36 -5.06 -20.07
C PRO H 150 36.39 -5.95 -19.29
N PHE H 151 35.22 -6.19 -19.88
CA PHE H 151 34.20 -7.00 -19.22
C PHE H 151 33.76 -8.22 -20.04
N ILE H 152 33.24 -9.22 -19.34
CA ILE H 152 32.69 -10.38 -19.98
C ILE H 152 31.43 -10.64 -19.18
N GLU H 153 30.43 -11.25 -19.81
CA GLU H 153 29.20 -11.58 -19.11
C GLU H 153 29.02 -13.08 -19.31
N ILE H 154 29.08 -13.82 -18.21
CA ILE H 154 28.95 -15.27 -18.25
C ILE H 154 27.54 -15.69 -18.54
N HIS H 155 27.39 -16.60 -19.51
CA HIS H 155 26.08 -17.09 -19.89
C HIS H 155 25.59 -18.07 -18.83
N THR H 156 24.67 -17.66 -17.97
CA THR H 156 24.17 -18.56 -16.94
C THR H 156 22.94 -19.37 -17.36
N GLY H 157 22.74 -19.49 -18.67
CA GLY H 157 21.60 -20.25 -19.17
C GLY H 157 21.56 -21.70 -18.73
N CYS H 158 22.69 -22.41 -18.76
CA CYS H 158 22.70 -23.81 -18.35
C CYS H 158 22.38 -23.94 -16.87
N TYR H 159 22.92 -23.02 -16.08
CA TYR H 159 22.70 -23.02 -14.64
C TYR H 159 21.21 -22.83 -14.37
N ALA H 160 20.58 -21.92 -15.12
CA ALA H 160 19.16 -21.65 -14.95
C ALA H 160 18.30 -22.87 -15.30
N ASP H 161 18.77 -23.71 -16.20
CA ASP H 161 18.03 -24.90 -16.62
C ASP H 161 18.26 -26.12 -15.69
N ALA H 162 19.33 -26.10 -14.88
CA ALA H 162 19.62 -27.21 -13.95
C ALA H 162 18.46 -27.39 -12.97
N LYS H 163 17.90 -28.59 -12.92
CA LYS H 163 16.76 -28.89 -12.04
C LYS H 163 17.10 -29.65 -10.76
N THR H 164 18.00 -30.61 -10.85
CA THR H 164 18.36 -31.40 -9.69
C THR H 164 19.47 -30.71 -8.91
N ASP H 165 19.52 -30.97 -7.61
CA ASP H 165 20.56 -30.37 -6.79
C ASP H 165 21.93 -30.62 -7.41
N ALA H 166 22.14 -31.84 -7.90
CA ALA H 166 23.43 -32.21 -8.50
C ALA H 166 23.77 -31.38 -9.73
N GLU H 167 22.79 -31.18 -10.60
CA GLU H 167 23.00 -30.39 -11.82
C GLU H 167 23.23 -28.92 -11.46
N GLN H 168 22.49 -28.41 -10.49
CA GLN H 168 22.65 -27.01 -10.08
C GLN H 168 24.06 -26.80 -9.58
N ALA H 169 24.50 -27.68 -8.67
CA ALA H 169 25.82 -27.62 -8.08
C ALA H 169 26.92 -27.71 -9.14
N GLN H 170 26.71 -28.58 -10.13
CA GLN H 170 27.69 -28.76 -11.20
C GLN H 170 27.79 -27.52 -12.06
N GLU H 171 26.66 -26.97 -12.49
CA GLU H 171 26.70 -25.78 -13.32
C GLU H 171 27.19 -24.56 -12.54
N LEU H 172 26.79 -24.46 -11.27
CA LEU H 172 27.21 -23.34 -10.45
C LEU H 172 28.73 -23.37 -10.34
N ALA H 173 29.28 -24.52 -9.94
CA ALA H 173 30.73 -24.67 -9.79
C ALA H 173 31.43 -24.25 -11.08
N ARG H 174 30.85 -24.62 -12.21
CA ARG H 174 31.40 -24.28 -13.51
C ARG H 174 31.46 -22.75 -13.68
N ILE H 175 30.38 -22.06 -13.33
CA ILE H 175 30.35 -20.61 -13.43
C ILE H 175 31.36 -19.99 -12.47
N ALA H 176 31.40 -20.51 -11.25
CA ALA H 176 32.32 -20.02 -10.23
C ALA H 176 33.78 -20.12 -10.67
N LYS H 177 34.20 -21.31 -11.11
CA LYS H 177 35.58 -21.48 -11.55
C LYS H 177 35.89 -20.53 -12.70
N ALA H 178 34.94 -20.38 -13.62
CA ALA H 178 35.12 -19.50 -14.76
C ALA H 178 35.33 -18.06 -14.30
N ALA H 179 34.48 -17.61 -13.38
CA ALA H 179 34.56 -16.25 -12.85
C ALA H 179 35.92 -15.98 -12.22
N THR H 180 36.37 -16.94 -11.41
CA THR H 180 37.66 -16.84 -10.75
C THR H 180 38.78 -16.81 -11.79
N PHE H 181 38.64 -17.58 -12.86
CA PHE H 181 39.65 -17.61 -13.90
C PHE H 181 39.68 -16.26 -14.62
N ALA H 182 38.49 -15.76 -14.96
CA ALA H 182 38.36 -14.47 -15.64
C ALA H 182 39.07 -13.36 -14.86
N ALA H 183 38.83 -13.33 -13.55
CA ALA H 183 39.43 -12.33 -12.67
C ALA H 183 40.96 -12.39 -12.67
N SER H 184 41.51 -13.60 -12.71
CA SER H 184 42.96 -13.78 -12.69
C SER H 184 43.60 -13.16 -13.92
N LEU H 185 42.80 -12.98 -14.96
CA LEU H 185 43.25 -12.38 -16.22
C LEU H 185 43.00 -10.88 -16.24
N GLY H 186 42.49 -10.32 -15.15
CA GLY H 186 42.24 -8.89 -15.09
C GLY H 186 40.86 -8.51 -15.62
N LEU H 187 40.07 -9.51 -15.99
CA LEU H 187 38.74 -9.23 -16.51
C LEU H 187 37.70 -8.98 -15.41
N LYS H 188 36.72 -8.14 -15.74
CA LYS H 188 35.61 -7.85 -14.83
C LYS H 188 34.55 -8.82 -15.30
N VAL H 189 33.83 -9.43 -14.36
CA VAL H 189 32.84 -10.43 -14.72
C VAL H 189 31.41 -10.15 -14.32
N ASN H 190 30.51 -10.25 -15.29
CA ASN H 190 29.10 -10.05 -15.05
C ASN H 190 28.39 -11.34 -15.38
N ALA H 191 27.09 -11.37 -15.14
CA ALA H 191 26.30 -12.56 -15.40
C ALA H 191 24.83 -12.18 -15.61
N GLY H 192 24.00 -13.18 -15.87
CA GLY H 192 22.59 -12.93 -16.10
C GLY H 192 22.02 -13.93 -17.07
N HIS H 193 20.91 -13.58 -17.72
CA HIS H 193 20.29 -14.47 -18.69
C HIS H 193 19.77 -15.73 -17.99
N GLY H 194 18.44 -15.86 -18.00
CA GLY H 194 17.81 -17.01 -17.38
C GLY H 194 17.68 -16.92 -15.87
N LEU H 195 18.34 -15.95 -15.24
CA LEU H 195 18.27 -15.83 -13.78
C LEU H 195 16.88 -15.50 -13.25
N THR H 196 16.50 -16.13 -12.14
CA THR H 196 15.17 -15.95 -11.54
C THR H 196 15.21 -15.62 -10.06
N TYR H 197 14.03 -15.42 -9.47
CA TYR H 197 13.95 -15.12 -8.05
C TYR H 197 14.35 -16.36 -7.24
N HIS H 198 14.34 -17.53 -7.87
CA HIS H 198 14.70 -18.76 -7.15
C HIS H 198 16.11 -19.32 -7.40
N ASN H 199 16.89 -18.67 -8.26
CA ASN H 199 18.25 -19.15 -8.51
C ASN H 199 19.30 -18.03 -8.52
N VAL H 200 18.86 -16.78 -8.38
CA VAL H 200 19.81 -15.66 -8.41
C VAL H 200 20.79 -15.62 -7.24
N LYS H 201 20.38 -16.05 -6.06
CA LYS H 201 21.30 -15.96 -4.92
C LYS H 201 22.66 -16.67 -5.07
N ALA H 202 22.67 -17.91 -5.56
CA ALA H 202 23.93 -18.64 -5.72
C ALA H 202 24.90 -17.91 -6.65
N ILE H 203 24.36 -17.18 -7.62
CA ILE H 203 25.21 -16.45 -8.57
C ILE H 203 25.68 -15.17 -7.89
N ALA H 204 24.76 -14.45 -7.25
CA ALA H 204 25.09 -13.19 -6.57
C ALA H 204 26.15 -13.43 -5.51
N ALA H 205 26.19 -14.66 -4.99
CA ALA H 205 27.15 -15.03 -3.96
C ALA H 205 28.55 -15.26 -4.53
N ILE H 206 28.65 -15.31 -5.86
CA ILE H 206 29.97 -15.50 -6.48
C ILE H 206 30.71 -14.18 -6.24
N PRO H 207 31.82 -14.23 -5.49
CA PRO H 207 32.60 -13.03 -5.18
C PRO H 207 32.97 -12.13 -6.34
N GLU H 208 33.46 -12.72 -7.43
CA GLU H 208 33.89 -11.95 -8.58
C GLU H 208 32.77 -11.21 -9.32
N MET H 209 31.55 -11.70 -9.23
CA MET H 209 30.44 -11.06 -9.94
C MET H 209 30.31 -9.58 -9.62
N HIS H 210 30.32 -8.77 -10.67
CA HIS H 210 30.20 -7.34 -10.52
C HIS H 210 28.78 -6.87 -10.76
N GLU H 211 28.19 -7.30 -11.87
CA GLU H 211 26.81 -6.89 -12.17
C GLU H 211 26.00 -8.02 -12.75
N LEU H 212 24.75 -8.14 -12.32
CA LEU H 212 23.89 -9.17 -12.89
C LEU H 212 22.89 -8.43 -13.78
N ASN H 213 22.74 -8.89 -15.00
CA ASN H 213 21.81 -8.27 -15.94
C ASN H 213 20.64 -9.23 -16.06
N ILE H 214 19.50 -8.84 -15.50
CA ILE H 214 18.32 -9.70 -15.53
C ILE H 214 17.19 -9.02 -16.25
N GLY H 215 16.41 -9.79 -16.99
CA GLY H 215 15.31 -9.18 -17.70
C GLY H 215 13.99 -9.89 -17.66
N HIS H 216 13.89 -10.99 -18.40
CA HIS H 216 12.63 -11.70 -18.48
C HIS H 216 11.96 -12.10 -17.16
N ALA H 217 12.74 -12.58 -16.20
CA ALA H 217 12.18 -12.98 -14.91
C ALA H 217 11.53 -11.82 -14.18
N ILE H 218 12.18 -10.65 -14.24
CA ILE H 218 11.69 -9.46 -13.61
C ILE H 218 10.42 -8.99 -14.31
N ILE H 219 10.42 -8.96 -15.64
CA ILE H 219 9.24 -8.50 -16.36
C ILE H 219 8.09 -9.48 -16.14
N GLY H 220 8.40 -10.77 -16.12
CA GLY H 220 7.37 -11.77 -15.90
C GLY H 220 6.72 -11.61 -14.54
N ARG H 221 7.51 -11.20 -13.54
CA ARG H 221 6.97 -10.97 -12.20
C ARG H 221 6.18 -9.66 -12.21
N ALA H 222 6.70 -8.66 -12.91
CA ALA H 222 6.06 -7.35 -12.97
C ALA H 222 4.60 -7.38 -13.40
N VAL H 223 4.27 -8.17 -14.42
CA VAL H 223 2.87 -8.23 -14.88
C VAL H 223 1.97 -8.62 -13.73
N MET H 224 2.51 -9.30 -12.72
CA MET H 224 1.70 -9.68 -11.57
C MET H 224 1.76 -8.63 -10.47
N THR H 225 2.97 -8.32 -10.01
CA THR H 225 3.18 -7.38 -8.91
C THR H 225 3.44 -5.92 -9.25
N GLY H 226 3.78 -5.61 -10.49
CA GLY H 226 4.12 -4.25 -10.86
C GLY H 226 5.63 -4.24 -10.93
N LEU H 227 6.20 -3.44 -11.83
CA LEU H 227 7.65 -3.38 -12.00
C LEU H 227 8.43 -2.94 -10.76
N LYS H 228 7.92 -1.93 -10.05
CA LYS H 228 8.62 -1.44 -8.86
C LYS H 228 8.96 -2.56 -7.91
N ASP H 229 7.94 -3.28 -7.44
CA ASP H 229 8.18 -4.38 -6.51
C ASP H 229 9.02 -5.49 -7.12
N ALA H 230 8.83 -5.76 -8.40
CA ALA H 230 9.59 -6.81 -9.05
C ALA H 230 11.08 -6.53 -9.00
N VAL H 231 11.47 -5.30 -9.35
CA VAL H 231 12.86 -4.90 -9.37
C VAL H 231 13.42 -4.86 -7.95
N ALA H 232 12.70 -4.26 -7.02
CA ALA H 232 13.15 -4.16 -5.63
C ALA H 232 13.41 -5.53 -5.02
N GLU H 233 12.48 -6.46 -5.26
CA GLU H 233 12.61 -7.82 -4.76
C GLU H 233 13.92 -8.45 -5.27
N MET H 234 14.16 -8.39 -6.58
CA MET H 234 15.37 -8.95 -7.16
C MET H 234 16.63 -8.30 -6.60
N LYS H 235 16.59 -6.99 -6.33
CA LYS H 235 17.76 -6.30 -5.80
C LYS H 235 18.04 -6.74 -4.36
N ARG H 236 16.98 -6.91 -3.59
CA ARG H 236 17.12 -7.33 -2.21
C ARG H 236 17.65 -8.77 -2.10
N LEU H 237 17.20 -9.65 -2.98
CA LEU H 237 17.69 -11.01 -2.94
C LEU H 237 19.19 -11.04 -3.26
N MET H 238 19.61 -10.22 -4.22
CA MET H 238 21.02 -10.15 -4.61
C MET H 238 21.90 -9.63 -3.48
N LEU H 239 21.48 -8.53 -2.88
CA LEU H 239 22.25 -7.96 -1.79
C LEU H 239 22.28 -8.92 -0.59
N GLU H 240 21.19 -9.66 -0.37
CA GLU H 240 21.18 -10.61 0.75
C GLU H 240 22.24 -11.69 0.49
N ALA H 241 22.36 -12.14 -0.75
CA ALA H 241 23.34 -13.16 -1.08
C ALA H 241 24.76 -12.70 -0.75
N ARG H 242 25.00 -11.39 -0.78
CA ARG H 242 26.31 -10.83 -0.44
C ARG H 242 26.32 -10.30 0.99
N GLY H 243 25.98 -11.18 1.93
CA GLY H 243 25.94 -10.81 3.33
C GLY H 243 25.94 -12.00 4.28
#